data_3RAZ
# 
_entry.id   3RAZ 
# 
_audit_conform.dict_name       mmcif_pdbx.dic 
_audit_conform.dict_version    5.397 
_audit_conform.dict_location   http://mmcif.pdb.org/dictionaries/ascii/mmcif_pdbx.dic 
# 
loop_
_database_2.database_id 
_database_2.database_code 
_database_2.pdbx_database_accession 
_database_2.pdbx_DOI 
PDB   3RAZ         pdb_00003raz 10.2210/pdb3raz/pdb 
RCSB  RCSB064707   ?            ?                   
WWPDB D_1000064707 ?            ?                   
# 
loop_
_pdbx_audit_revision_history.ordinal 
_pdbx_audit_revision_history.data_content_type 
_pdbx_audit_revision_history.major_revision 
_pdbx_audit_revision_history.minor_revision 
_pdbx_audit_revision_history.revision_date 
1 'Structure model' 1 0 2011-05-11 
2 'Structure model' 1 1 2011-07-13 
3 'Structure model' 1 2 2021-02-10 
4 'Structure model' 1 3 2024-10-30 
# 
_pdbx_audit_revision_details.ordinal             1 
_pdbx_audit_revision_details.revision_ordinal    1 
_pdbx_audit_revision_details.data_content_type   'Structure model' 
_pdbx_audit_revision_details.provider            repository 
_pdbx_audit_revision_details.type                'Initial release' 
_pdbx_audit_revision_details.description         ? 
_pdbx_audit_revision_details.details             ? 
# 
loop_
_pdbx_audit_revision_group.ordinal 
_pdbx_audit_revision_group.revision_ordinal 
_pdbx_audit_revision_group.data_content_type 
_pdbx_audit_revision_group.group 
1 2 'Structure model' 'Version format compliance' 
2 3 'Structure model' 'Database references'       
3 3 'Structure model' 'Derived calculations'      
4 3 'Structure model' 'Structure summary'         
5 4 'Structure model' 'Data collection'           
6 4 'Structure model' 'Database references'       
7 4 'Structure model' 'Structure summary'         
# 
loop_
_pdbx_audit_revision_category.ordinal 
_pdbx_audit_revision_category.revision_ordinal 
_pdbx_audit_revision_category.data_content_type 
_pdbx_audit_revision_category.category 
1 3 'Structure model' audit_author              
2 3 'Structure model' citation_author           
3 3 'Structure model' struct_conn               
4 3 'Structure model' struct_ref_seq_dif        
5 4 'Structure model' chem_comp_atom            
6 4 'Structure model' chem_comp_bond            
7 4 'Structure model' database_2                
8 4 'Structure model' pdbx_entry_details        
9 4 'Structure model' pdbx_modification_feature 
# 
loop_
_pdbx_audit_revision_item.ordinal 
_pdbx_audit_revision_item.revision_ordinal 
_pdbx_audit_revision_item.data_content_type 
_pdbx_audit_revision_item.item 
1 3 'Structure model' '_audit_author.identifier_ORCID'      
2 3 'Structure model' '_citation_author.identifier_ORCID'   
3 3 'Structure model' '_struct_conn.pdbx_leaving_atom_flag' 
4 3 'Structure model' '_struct_ref_seq_dif.details'         
5 4 'Structure model' '_database_2.pdbx_DOI'                
6 4 'Structure model' '_database_2.pdbx_database_accession' 
# 
_pdbx_database_status.status_code                     REL 
_pdbx_database_status.entry_id                        3RAZ 
_pdbx_database_status.recvd_initial_deposition_date   2011-03-28 
_pdbx_database_status.deposit_site                    RCSB 
_pdbx_database_status.process_site                    RCSB 
_pdbx_database_status.status_code_sf                  REL 
_pdbx_database_status.status_code_mr                  ? 
_pdbx_database_status.SG_entry                        Y 
_pdbx_database_status.status_code_cs                  ? 
_pdbx_database_status.pdb_format_compatible           Y 
_pdbx_database_status.status_code_nmr_data            ? 
_pdbx_database_status.methods_development_category    ? 
# 
_pdbx_database_related.db_name        TargetDB 
_pdbx_database_related.db_id          NYSGXRC-11210d 
_pdbx_database_related.details        . 
_pdbx_database_related.content_type   unspecified 
# 
loop_
_audit_author.name 
_audit_author.pdbx_ordinal 
_audit_author.identifier_ORCID 
'Zhang, Z.'                                                      1 ?                   
'Burley, S.K.'                                                   2 0000-0002-2487-9713 
'Swaminathan, S.'                                                3 ?                   
'New York SGX Research Center for Structural Genomics (NYSGXRC)' 4 ?                   
# 
_citation.id                        primary 
_citation.title                     'The crystal structure of thioredoxin-related protein from Neisseria meningitidis serogroup B' 
_citation.journal_abbrev            'To be Published' 
_citation.journal_volume            ? 
_citation.page_first                ? 
_citation.page_last                 ? 
_citation.year                      ? 
_citation.journal_id_ASTM           ? 
_citation.country                   ? 
_citation.journal_id_ISSN           ? 
_citation.journal_id_CSD            0353 
_citation.book_publisher            ? 
_citation.pdbx_database_id_PubMed   ? 
_citation.pdbx_database_id_DOI      ? 
# 
loop_
_citation_author.citation_id 
_citation_author.name 
_citation_author.ordinal 
_citation_author.identifier_ORCID 
primary 'Zhang, Z.'       1 ?                   
primary 'Burley, S.K.'    2 0000-0002-2487-9713 
primary 'Swaminathan, S.' 3 ?                   
# 
loop_
_entity.id 
_entity.type 
_entity.src_method 
_entity.pdbx_description 
_entity.formula_weight 
_entity.pdbx_number_of_molecules 
_entity.pdbx_ec 
_entity.pdbx_mutation 
_entity.pdbx_fragment 
_entity.details 
1 polymer man 'Thioredoxin-related protein' 17161.844 1  ? ? ? ? 
2 water   nat water                         18.015    33 ? ? ? ? 
# 
_entity_poly.entity_id                      1 
_entity_poly.type                           'polypeptide(L)' 
_entity_poly.nstd_linkage                   no 
_entity_poly.nstd_monomer                   yes 
_entity_poly.pdbx_seq_one_letter_code       
;(MSE)SLSADELAGWKDNTPQSLQSLKAPVRIVNLWATWCGPCRKE(MSE)PA(MSE)SKWYKAQKKGSVD(MSE)VGIA
LDTSDNIGNFLKQTPVSYPIWRYTGANSRNF(MSE)KTYGNTVGVLPFTVVEAPKCGYRQTITGEVNEKSLTDAVKLAHS
KCREGHHHHHH
;
_entity_poly.pdbx_seq_one_letter_code_can   
;MSLSADELAGWKDNTPQSLQSLKAPVRIVNLWATWCGPCRKEMPAMSKWYKAQKKGSVDMVGIALDTSDNIGNFLKQTPV
SYPIWRYTGANSRNFMKTYGNTVGVLPFTVVEAPKCGYRQTITGEVNEKSLTDAVKLAHSKCREGHHHHHH
;
_entity_poly.pdbx_strand_id                 A 
_entity_poly.pdbx_target_identifier         NYSGXRC-11210d 
# 
_pdbx_entity_nonpoly.entity_id   2 
_pdbx_entity_nonpoly.name        water 
_pdbx_entity_nonpoly.comp_id     HOH 
# 
loop_
_entity_poly_seq.entity_id 
_entity_poly_seq.num 
_entity_poly_seq.mon_id 
_entity_poly_seq.hetero 
1 1   MSE n 
1 2   SER n 
1 3   LEU n 
1 4   SER n 
1 5   ALA n 
1 6   ASP n 
1 7   GLU n 
1 8   LEU n 
1 9   ALA n 
1 10  GLY n 
1 11  TRP n 
1 12  LYS n 
1 13  ASP n 
1 14  ASN n 
1 15  THR n 
1 16  PRO n 
1 17  GLN n 
1 18  SER n 
1 19  LEU n 
1 20  GLN n 
1 21  SER n 
1 22  LEU n 
1 23  LYS n 
1 24  ALA n 
1 25  PRO n 
1 26  VAL n 
1 27  ARG n 
1 28  ILE n 
1 29  VAL n 
1 30  ASN n 
1 31  LEU n 
1 32  TRP n 
1 33  ALA n 
1 34  THR n 
1 35  TRP n 
1 36  CYS n 
1 37  GLY n 
1 38  PRO n 
1 39  CYS n 
1 40  ARG n 
1 41  LYS n 
1 42  GLU n 
1 43  MSE n 
1 44  PRO n 
1 45  ALA n 
1 46  MSE n 
1 47  SER n 
1 48  LYS n 
1 49  TRP n 
1 50  TYR n 
1 51  LYS n 
1 52  ALA n 
1 53  GLN n 
1 54  LYS n 
1 55  LYS n 
1 56  GLY n 
1 57  SER n 
1 58  VAL n 
1 59  ASP n 
1 60  MSE n 
1 61  VAL n 
1 62  GLY n 
1 63  ILE n 
1 64  ALA n 
1 65  LEU n 
1 66  ASP n 
1 67  THR n 
1 68  SER n 
1 69  ASP n 
1 70  ASN n 
1 71  ILE n 
1 72  GLY n 
1 73  ASN n 
1 74  PHE n 
1 75  LEU n 
1 76  LYS n 
1 77  GLN n 
1 78  THR n 
1 79  PRO n 
1 80  VAL n 
1 81  SER n 
1 82  TYR n 
1 83  PRO n 
1 84  ILE n 
1 85  TRP n 
1 86  ARG n 
1 87  TYR n 
1 88  THR n 
1 89  GLY n 
1 90  ALA n 
1 91  ASN n 
1 92  SER n 
1 93  ARG n 
1 94  ASN n 
1 95  PHE n 
1 96  MSE n 
1 97  LYS n 
1 98  THR n 
1 99  TYR n 
1 100 GLY n 
1 101 ASN n 
1 102 THR n 
1 103 VAL n 
1 104 GLY n 
1 105 VAL n 
1 106 LEU n 
1 107 PRO n 
1 108 PHE n 
1 109 THR n 
1 110 VAL n 
1 111 VAL n 
1 112 GLU n 
1 113 ALA n 
1 114 PRO n 
1 115 LYS n 
1 116 CYS n 
1 117 GLY n 
1 118 TYR n 
1 119 ARG n 
1 120 GLN n 
1 121 THR n 
1 122 ILE n 
1 123 THR n 
1 124 GLY n 
1 125 GLU n 
1 126 VAL n 
1 127 ASN n 
1 128 GLU n 
1 129 LYS n 
1 130 SER n 
1 131 LEU n 
1 132 THR n 
1 133 ASP n 
1 134 ALA n 
1 135 VAL n 
1 136 LYS n 
1 137 LEU n 
1 138 ALA n 
1 139 HIS n 
1 140 SER n 
1 141 LYS n 
1 142 CYS n 
1 143 ARG n 
1 144 GLU n 
1 145 GLY n 
1 146 HIS n 
1 147 HIS n 
1 148 HIS n 
1 149 HIS n 
1 150 HIS n 
1 151 HIS n 
# 
_entity_src_gen.entity_id                          1 
_entity_src_gen.pdbx_src_id                        1 
_entity_src_gen.pdbx_alt_source_flag               sample 
_entity_src_gen.pdbx_seq_type                      ? 
_entity_src_gen.pdbx_beg_seq_num                   ? 
_entity_src_gen.pdbx_end_seq_num                   ? 
_entity_src_gen.gene_src_common_name               ? 
_entity_src_gen.gene_src_genus                     ? 
_entity_src_gen.pdbx_gene_src_gene                 NMB0006 
_entity_src_gen.gene_src_species                   ? 
_entity_src_gen.gene_src_strain                    ? 
_entity_src_gen.gene_src_tissue                    ? 
_entity_src_gen.gene_src_tissue_fraction           ? 
_entity_src_gen.gene_src_details                   ? 
_entity_src_gen.pdbx_gene_src_fragment             ? 
_entity_src_gen.pdbx_gene_src_scientific_name      'Neisseria meningitidis serogroup B' 
_entity_src_gen.pdbx_gene_src_ncbi_taxonomy_id     491 
_entity_src_gen.pdbx_gene_src_variant              ? 
_entity_src_gen.pdbx_gene_src_cell_line            ? 
_entity_src_gen.pdbx_gene_src_atcc                 ? 
_entity_src_gen.pdbx_gene_src_organ                ? 
_entity_src_gen.pdbx_gene_src_organelle            ? 
_entity_src_gen.pdbx_gene_src_cell                 ? 
_entity_src_gen.pdbx_gene_src_cellular_location    ? 
_entity_src_gen.host_org_common_name               ? 
_entity_src_gen.pdbx_host_org_scientific_name      'Escherichia coli' 
_entity_src_gen.pdbx_host_org_ncbi_taxonomy_id     469008 
_entity_src_gen.host_org_genus                     ? 
_entity_src_gen.pdbx_host_org_gene                 ? 
_entity_src_gen.pdbx_host_org_organ                ? 
_entity_src_gen.host_org_species                   ? 
_entity_src_gen.pdbx_host_org_tissue               ? 
_entity_src_gen.pdbx_host_org_tissue_fraction      ? 
_entity_src_gen.pdbx_host_org_strain               'BL21(DE3)-codon+RIL' 
_entity_src_gen.pdbx_host_org_variant              ? 
_entity_src_gen.pdbx_host_org_cell_line            ? 
_entity_src_gen.pdbx_host_org_atcc                 ? 
_entity_src_gen.pdbx_host_org_culture_collection   ? 
_entity_src_gen.pdbx_host_org_cell                 ? 
_entity_src_gen.pdbx_host_org_organelle            ? 
_entity_src_gen.pdbx_host_org_cellular_location    ? 
_entity_src_gen.pdbx_host_org_vector_type          plasmid 
_entity_src_gen.pdbx_host_org_vector               ? 
_entity_src_gen.host_org_details                   ? 
_entity_src_gen.expression_system_id               ? 
_entity_src_gen.plasmid_name                       'BC - pSGX3 (BC)' 
_entity_src_gen.plasmid_details                    ? 
_entity_src_gen.pdbx_description                   ? 
# 
loop_
_chem_comp.id 
_chem_comp.type 
_chem_comp.mon_nstd_flag 
_chem_comp.name 
_chem_comp.pdbx_synonyms 
_chem_comp.formula 
_chem_comp.formula_weight 
ALA 'L-peptide linking' y ALANINE          ? 'C3 H7 N O2'     89.093  
ARG 'L-peptide linking' y ARGININE         ? 'C6 H15 N4 O2 1' 175.209 
ASN 'L-peptide linking' y ASPARAGINE       ? 'C4 H8 N2 O3'    132.118 
ASP 'L-peptide linking' y 'ASPARTIC ACID'  ? 'C4 H7 N O4'     133.103 
CYS 'L-peptide linking' y CYSTEINE         ? 'C3 H7 N O2 S'   121.158 
GLN 'L-peptide linking' y GLUTAMINE        ? 'C5 H10 N2 O3'   146.144 
GLU 'L-peptide linking' y 'GLUTAMIC ACID'  ? 'C5 H9 N O4'     147.129 
GLY 'peptide linking'   y GLYCINE          ? 'C2 H5 N O2'     75.067  
HIS 'L-peptide linking' y HISTIDINE        ? 'C6 H10 N3 O2 1' 156.162 
HOH non-polymer         . WATER            ? 'H2 O'           18.015  
ILE 'L-peptide linking' y ISOLEUCINE       ? 'C6 H13 N O2'    131.173 
LEU 'L-peptide linking' y LEUCINE          ? 'C6 H13 N O2'    131.173 
LYS 'L-peptide linking' y LYSINE           ? 'C6 H15 N2 O2 1' 147.195 
MSE 'L-peptide linking' n SELENOMETHIONINE ? 'C5 H11 N O2 Se' 196.106 
PHE 'L-peptide linking' y PHENYLALANINE    ? 'C9 H11 N O2'    165.189 
PRO 'L-peptide linking' y PROLINE          ? 'C5 H9 N O2'     115.130 
SER 'L-peptide linking' y SERINE           ? 'C3 H7 N O3'     105.093 
THR 'L-peptide linking' y THREONINE        ? 'C4 H9 N O3'     119.119 
TRP 'L-peptide linking' y TRYPTOPHAN       ? 'C11 H12 N2 O2'  204.225 
TYR 'L-peptide linking' y TYROSINE         ? 'C9 H11 N O3'    181.189 
VAL 'L-peptide linking' y VALINE           ? 'C5 H11 N O2'    117.146 
# 
loop_
_pdbx_poly_seq_scheme.asym_id 
_pdbx_poly_seq_scheme.entity_id 
_pdbx_poly_seq_scheme.seq_id 
_pdbx_poly_seq_scheme.mon_id 
_pdbx_poly_seq_scheme.ndb_seq_num 
_pdbx_poly_seq_scheme.pdb_seq_num 
_pdbx_poly_seq_scheme.auth_seq_num 
_pdbx_poly_seq_scheme.pdb_mon_id 
_pdbx_poly_seq_scheme.auth_mon_id 
_pdbx_poly_seq_scheme.pdb_strand_id 
_pdbx_poly_seq_scheme.pdb_ins_code 
_pdbx_poly_seq_scheme.hetero 
A 1 1   MSE 1   18  ?   ?   ?   A . n 
A 1 2   SER 2   19  ?   ?   ?   A . n 
A 1 3   LEU 3   20  ?   ?   ?   A . n 
A 1 4   SER 4   21  ?   ?   ?   A . n 
A 1 5   ALA 5   22  ?   ?   ?   A . n 
A 1 6   ASP 6   23  ?   ?   ?   A . n 
A 1 7   GLU 7   24  24  GLU GLU A . n 
A 1 8   LEU 8   25  25  LEU LEU A . n 
A 1 9   ALA 9   26  26  ALA ALA A . n 
A 1 10  GLY 10  27  27  GLY GLY A . n 
A 1 11  TRP 11  28  28  TRP TRP A . n 
A 1 12  LYS 12  29  29  LYS LYS A . n 
A 1 13  ASP 13  30  30  ASP ASP A . n 
A 1 14  ASN 14  31  31  ASN ASN A . n 
A 1 15  THR 15  32  32  THR THR A . n 
A 1 16  PRO 16  33  33  PRO PRO A . n 
A 1 17  GLN 17  34  34  GLN GLN A . n 
A 1 18  SER 18  35  35  SER SER A . n 
A 1 19  LEU 19  36  36  LEU LEU A . n 
A 1 20  GLN 20  37  37  GLN GLN A . n 
A 1 21  SER 21  38  38  SER SER A . n 
A 1 22  LEU 22  39  39  LEU LEU A . n 
A 1 23  LYS 23  40  40  LYS LYS A . n 
A 1 24  ALA 24  41  41  ALA ALA A . n 
A 1 25  PRO 25  42  42  PRO PRO A . n 
A 1 26  VAL 26  43  43  VAL VAL A . n 
A 1 27  ARG 27  44  44  ARG ARG A . n 
A 1 28  ILE 28  45  45  ILE ILE A . n 
A 1 29  VAL 29  46  46  VAL VAL A . n 
A 1 30  ASN 30  47  47  ASN ASN A . n 
A 1 31  LEU 31  48  48  LEU LEU A . n 
A 1 32  TRP 32  49  49  TRP TRP A . n 
A 1 33  ALA 33  50  50  ALA ALA A . n 
A 1 34  THR 34  51  51  THR THR A . n 
A 1 35  TRP 35  52  52  TRP TRP A . n 
A 1 36  CYS 36  53  53  CYS CYS A . n 
A 1 37  GLY 37  54  54  GLY GLY A . n 
A 1 38  PRO 38  55  55  PRO PRO A . n 
A 1 39  CYS 39  56  56  CYS CYS A . n 
A 1 40  ARG 40  57  57  ARG ARG A . n 
A 1 41  LYS 41  58  58  LYS LYS A . n 
A 1 42  GLU 42  59  59  GLU GLU A . n 
A 1 43  MSE 43  60  60  MSE MSE A . n 
A 1 44  PRO 44  61  61  PRO PRO A . n 
A 1 45  ALA 45  62  62  ALA ALA A . n 
A 1 46  MSE 46  63  63  MSE MSE A . n 
A 1 47  SER 47  64  64  SER SER A . n 
A 1 48  LYS 48  65  65  LYS LYS A . n 
A 1 49  TRP 49  66  66  TRP TRP A . n 
A 1 50  TYR 50  67  67  TYR TYR A . n 
A 1 51  LYS 51  68  68  LYS LYS A . n 
A 1 52  ALA 52  69  69  ALA ALA A . n 
A 1 53  GLN 53  70  70  GLN GLN A . n 
A 1 54  LYS 54  71  71  LYS LYS A . n 
A 1 55  LYS 55  72  72  LYS LYS A . n 
A 1 56  GLY 56  73  73  GLY GLY A . n 
A 1 57  SER 57  74  74  SER SER A . n 
A 1 58  VAL 58  75  75  VAL VAL A . n 
A 1 59  ASP 59  76  76  ASP ASP A . n 
A 1 60  MSE 60  77  77  MSE MSE A . n 
A 1 61  VAL 61  78  78  VAL VAL A . n 
A 1 62  GLY 62  79  79  GLY GLY A . n 
A 1 63  ILE 63  80  80  ILE ILE A . n 
A 1 64  ALA 64  81  81  ALA ALA A . n 
A 1 65  LEU 65  82  82  LEU LEU A . n 
A 1 66  ASP 66  83  83  ASP ASP A . n 
A 1 67  THR 67  84  84  THR THR A . n 
A 1 68  SER 68  85  85  SER SER A . n 
A 1 69  ASP 69  86  86  ASP ASP A . n 
A 1 70  ASN 70  87  87  ASN ASN A . n 
A 1 71  ILE 71  88  88  ILE ILE A . n 
A 1 72  GLY 72  89  89  GLY GLY A . n 
A 1 73  ASN 73  90  90  ASN ASN A . n 
A 1 74  PHE 74  91  91  PHE PHE A . n 
A 1 75  LEU 75  92  92  LEU LEU A . n 
A 1 76  LYS 76  93  93  LYS LYS A . n 
A 1 77  GLN 77  94  94  GLN GLN A . n 
A 1 78  THR 78  95  95  THR THR A . n 
A 1 79  PRO 79  96  96  PRO PRO A . n 
A 1 80  VAL 80  97  97  VAL VAL A . n 
A 1 81  SER 81  98  98  SER SER A . n 
A 1 82  TYR 82  99  99  TYR TYR A . n 
A 1 83  PRO 83  100 100 PRO PRO A . n 
A 1 84  ILE 84  101 101 ILE ILE A . n 
A 1 85  TRP 85  102 102 TRP TRP A . n 
A 1 86  ARG 86  103 103 ARG ARG A . n 
A 1 87  TYR 87  104 104 TYR TYR A . n 
A 1 88  THR 88  105 105 THR THR A . n 
A 1 89  GLY 89  106 106 GLY GLY A . n 
A 1 90  ALA 90  107 107 ALA ALA A . n 
A 1 91  ASN 91  108 108 ASN ASN A . n 
A 1 92  SER 92  109 109 SER SER A . n 
A 1 93  ARG 93  110 110 ARG ARG A . n 
A 1 94  ASN 94  111 111 ASN ASN A . n 
A 1 95  PHE 95  112 112 PHE PHE A . n 
A 1 96  MSE 96  113 113 MSE MSE A . n 
A 1 97  LYS 97  114 114 LYS LYS A . n 
A 1 98  THR 98  115 115 THR THR A . n 
A 1 99  TYR 99  116 116 TYR TYR A . n 
A 1 100 GLY 100 117 117 GLY GLY A . n 
A 1 101 ASN 101 118 118 ASN ASN A . n 
A 1 102 THR 102 119 119 THR THR A . n 
A 1 103 VAL 103 120 120 VAL VAL A . n 
A 1 104 GLY 104 121 121 GLY GLY A . n 
A 1 105 VAL 105 122 122 VAL VAL A . n 
A 1 106 LEU 106 123 123 LEU LEU A . n 
A 1 107 PRO 107 124 124 PRO PRO A . n 
A 1 108 PHE 108 125 125 PHE PHE A . n 
A 1 109 THR 109 126 126 THR THR A . n 
A 1 110 VAL 110 127 127 VAL VAL A . n 
A 1 111 VAL 111 128 128 VAL VAL A . n 
A 1 112 GLU 112 129 129 GLU GLU A . n 
A 1 113 ALA 113 130 130 ALA ALA A . n 
A 1 114 PRO 114 131 131 PRO PRO A . n 
A 1 115 LYS 115 132 132 LYS LYS A . n 
A 1 116 CYS 116 133 133 CYS CYS A . n 
A 1 117 GLY 117 134 134 GLY GLY A . n 
A 1 118 TYR 118 135 135 TYR TYR A . n 
A 1 119 ARG 119 136 136 ARG ARG A . n 
A 1 120 GLN 120 137 137 GLN GLN A . n 
A 1 121 THR 121 138 138 THR THR A . n 
A 1 122 ILE 122 139 139 ILE ILE A . n 
A 1 123 THR 123 140 140 THR THR A . n 
A 1 124 GLY 124 141 141 GLY GLY A . n 
A 1 125 GLU 125 142 142 GLU GLU A . n 
A 1 126 VAL 126 143 143 VAL VAL A . n 
A 1 127 ASN 127 144 144 ASN ASN A . n 
A 1 128 GLU 128 145 145 GLU GLU A . n 
A 1 129 LYS 129 146 146 LYS LYS A . n 
A 1 130 SER 130 147 147 SER SER A . n 
A 1 131 LEU 131 148 148 LEU LEU A . n 
A 1 132 THR 132 149 149 THR THR A . n 
A 1 133 ASP 133 150 150 ASP ASP A . n 
A 1 134 ALA 134 151 151 ALA ALA A . n 
A 1 135 VAL 135 152 152 VAL VAL A . n 
A 1 136 LYS 136 153 153 LYS LYS A . n 
A 1 137 LEU 137 154 154 LEU LEU A . n 
A 1 138 ALA 138 155 155 ALA ALA A . n 
A 1 139 HIS 139 156 156 HIS HIS A . n 
A 1 140 SER 140 157 157 SER SER A . n 
A 1 141 LYS 141 158 158 LYS LYS A . n 
A 1 142 CYS 142 159 ?   ?   ?   A . n 
A 1 143 ARG 143 160 ?   ?   ?   A . n 
A 1 144 GLU 144 161 ?   ?   ?   A . n 
A 1 145 GLY 145 162 ?   ?   ?   A . n 
A 1 146 HIS 146 163 ?   ?   ?   A . n 
A 1 147 HIS 147 164 ?   ?   ?   A . n 
A 1 148 HIS 148 165 ?   ?   ?   A . n 
A 1 149 HIS 149 166 ?   ?   ?   A . n 
A 1 150 HIS 150 167 ?   ?   ?   A . n 
A 1 151 HIS 151 168 ?   ?   ?   A . n 
# 
loop_
_pdbx_nonpoly_scheme.asym_id 
_pdbx_nonpoly_scheme.entity_id 
_pdbx_nonpoly_scheme.mon_id 
_pdbx_nonpoly_scheme.ndb_seq_num 
_pdbx_nonpoly_scheme.pdb_seq_num 
_pdbx_nonpoly_scheme.auth_seq_num 
_pdbx_nonpoly_scheme.pdb_mon_id 
_pdbx_nonpoly_scheme.auth_mon_id 
_pdbx_nonpoly_scheme.pdb_strand_id 
_pdbx_nonpoly_scheme.pdb_ins_code 
B 2 HOH 1  1   1  HOH HOH A . 
B 2 HOH 2  3   3  HOH HOH A . 
B 2 HOH 3  4   4  HOH HOH A . 
B 2 HOH 4  5   5  HOH HOH A . 
B 2 HOH 5  6   6  HOH HOH A . 
B 2 HOH 6  7   7  HOH HOH A . 
B 2 HOH 7  8   8  HOH HOH A . 
B 2 HOH 8  9   9  HOH HOH A . 
B 2 HOH 9  10  10 HOH HOH A . 
B 2 HOH 10 11  11 HOH HOH A . 
B 2 HOH 11 12  12 HOH HOH A . 
B 2 HOH 12 13  13 HOH HOH A . 
B 2 HOH 13 14  14 HOH HOH A . 
B 2 HOH 14 15  15 HOH HOH A . 
B 2 HOH 15 16  16 HOH HOH A . 
B 2 HOH 16 17  17 HOH HOH A . 
B 2 HOH 17 169 18 HOH HOH A . 
B 2 HOH 18 170 19 HOH HOH A . 
B 2 HOH 19 171 20 HOH HOH A . 
B 2 HOH 20 172 21 HOH HOH A . 
B 2 HOH 21 173 22 HOH HOH A . 
B 2 HOH 22 174 23 HOH HOH A . 
B 2 HOH 23 175 24 HOH HOH A . 
B 2 HOH 24 176 25 HOH HOH A . 
B 2 HOH 25 177 26 HOH HOH A . 
B 2 HOH 26 178 27 HOH HOH A . 
B 2 HOH 27 179 28 HOH HOH A . 
B 2 HOH 28 180 29 HOH HOH A . 
B 2 HOH 29 181 30 HOH HOH A . 
B 2 HOH 30 182 31 HOH HOH A . 
B 2 HOH 31 183 32 HOH HOH A . 
B 2 HOH 32 184 33 HOH HOH A . 
B 2 HOH 33 185 34 HOH HOH A . 
# 
loop_
_software.name 
_software.classification 
_software.version 
_software.citation_id 
_software.pdbx_ordinal 
CBASS  'data collection' .                 ? 1 
SOLVE  phasing           .                 ? 2 
PHENIX refinement        '(phenix.refine)' ? 3 
MOSFLM 'data reduction'  .                 ? 4 
SCALA  'data scaling'    .                 ? 5 
# 
_cell.entry_id           3RAZ 
_cell.length_a           48.443 
_cell.length_b           69.033 
_cell.length_c           45.032 
_cell.angle_alpha        90.00 
_cell.angle_beta         104.93 
_cell.angle_gamma        90.00 
_cell.Z_PDB              4 
_cell.pdbx_unique_axis   ? 
_cell.length_a_esd       ? 
_cell.length_b_esd       ? 
_cell.length_c_esd       ? 
_cell.angle_alpha_esd    ? 
_cell.angle_beta_esd     ? 
_cell.angle_gamma_esd    ? 
# 
_symmetry.entry_id                         3RAZ 
_symmetry.space_group_name_H-M             'C 1 2 1' 
_symmetry.pdbx_full_space_group_name_H-M   ? 
_symmetry.cell_setting                     ? 
_symmetry.Int_Tables_number                5 
_symmetry.space_group_name_Hall            ? 
# 
_exptl.entry_id          3RAZ 
_exptl.method            'X-RAY DIFFRACTION' 
_exptl.crystals_number   1 
# 
_exptl_crystal.id                    1 
_exptl_crystal.density_meas          ? 
_exptl_crystal.density_Matthews      2.12 
_exptl_crystal.density_percent_sol   41.97 
_exptl_crystal.description           ? 
_exptl_crystal.F_000                 ? 
_exptl_crystal.preparation           ? 
# 
_exptl_crystal_grow.crystal_id      1 
_exptl_crystal_grow.method          'VAPOR DIFFUSION, SITTING DROP' 
_exptl_crystal_grow.temp            277 
_exptl_crystal_grow.temp_details    ? 
_exptl_crystal_grow.pH              8.5 
_exptl_crystal_grow.pdbx_details    
'0.1 M Tris-HCl pH 8.5, 30% PEG 4K, 2.4 M lithium sulfate, VAPOR DIFFUSION, SITTING DROP, temperature 277K' 
_exptl_crystal_grow.pdbx_pH_range   ? 
# 
_diffrn.id                     1 
_diffrn.ambient_temp           100 
_diffrn.ambient_temp_details   ? 
_diffrn.crystal_id             1 
# 
_diffrn_detector.diffrn_id              1 
_diffrn_detector.detector               CCD 
_diffrn_detector.type                   'ADSC QUANTUM 315' 
_diffrn_detector.pdbx_collection_date   2011-03-04 
_diffrn_detector.details                mirrors 
# 
_diffrn_radiation.diffrn_id                        1 
_diffrn_radiation.wavelength_id                    1 
_diffrn_radiation.pdbx_monochromatic_or_laue_m_l   M 
_diffrn_radiation.monochromator                    'Si 111 CHANNEL' 
_diffrn_radiation.pdbx_diffrn_protocol             'SINGLE WAVELENGTH' 
_diffrn_radiation.pdbx_scattering_type             x-ray 
# 
_diffrn_radiation_wavelength.id           1 
_diffrn_radiation_wavelength.wavelength   0.9795 
_diffrn_radiation_wavelength.wt           1.0 
# 
_diffrn_source.diffrn_id                   1 
_diffrn_source.source                      SYNCHROTRON 
_diffrn_source.type                        'NSLS BEAMLINE X29A' 
_diffrn_source.pdbx_synchrotron_site       NSLS 
_diffrn_source.pdbx_synchrotron_beamline   X29A 
_diffrn_source.pdbx_wavelength             ? 
_diffrn_source.pdbx_wavelength_list        0.9795 
# 
_reflns.entry_id                     3RAZ 
_reflns.observed_criterion_sigma_I   0 
_reflns.observed_criterion_sigma_F   0 
_reflns.d_resolution_low             43.51 
_reflns.d_resolution_high            2 
_reflns.number_obs                   9567 
_reflns.number_all                   ? 
_reflns.percent_possible_obs         98.2 
_reflns.pdbx_Rmerge_I_obs            0.039 
_reflns.pdbx_Rsym_value              ? 
_reflns.pdbx_netI_over_sigmaI        26.9 
_reflns.B_iso_Wilson_estimate        32.2 
_reflns.pdbx_redundancy              7.2 
_reflns.R_free_details               ? 
_reflns.limit_h_max                  ? 
_reflns.limit_h_min                  ? 
_reflns.limit_k_max                  ? 
_reflns.limit_k_min                  ? 
_reflns.limit_l_max                  ? 
_reflns.limit_l_min                  ? 
_reflns.observed_criterion_F_max     ? 
_reflns.observed_criterion_F_min     ? 
_reflns.pdbx_chi_squared             ? 
_reflns.pdbx_scaling_rejects         ? 
_reflns.pdbx_ordinal                 1 
_reflns.pdbx_diffrn_id               1 
# 
_reflns_shell.d_res_high             2 
_reflns_shell.d_res_low              2.11 
_reflns_shell.percent_possible_all   94.2 
_reflns_shell.Rmerge_I_obs           0.171 
_reflns_shell.pdbx_Rsym_value        ? 
_reflns_shell.meanI_over_sigI_obs    7.6 
_reflns_shell.pdbx_redundancy        6.8 
_reflns_shell.percent_possible_obs   ? 
_reflns_shell.number_unique_all      1340 
_reflns_shell.number_measured_all    ? 
_reflns_shell.number_measured_obs    ? 
_reflns_shell.number_unique_obs      ? 
_reflns_shell.pdbx_chi_squared       ? 
_reflns_shell.pdbx_ordinal           1 
_reflns_shell.pdbx_diffrn_id         1 
# 
_refine.entry_id                                 3RAZ 
_refine.ls_number_reflns_obs                     9567 
_refine.ls_number_reflns_all                     ? 
_refine.pdbx_ls_sigma_I                          ? 
_refine.pdbx_ls_sigma_F                          2.19 
_refine.pdbx_data_cutoff_high_absF               ? 
_refine.pdbx_data_cutoff_low_absF                ? 
_refine.pdbx_data_cutoff_high_rms_absF           ? 
_refine.ls_d_res_low                             43.51 
_refine.ls_d_res_high                            2.000 
_refine.ls_percent_reflns_obs                    98.22 
_refine.ls_R_factor_obs                          0.2335 
_refine.ls_R_factor_all                          ? 
_refine.ls_R_factor_R_work                       0.2312 
_refine.ls_R_factor_R_free                       0.2752 
_refine.ls_R_factor_R_free_error                 ? 
_refine.ls_R_factor_R_free_error_details         ? 
_refine.ls_percent_reflns_R_free                 4.82 
_refine.ls_number_reflns_R_free                  461 
_refine.ls_number_parameters                     ? 
_refine.ls_number_restraints                     ? 
_refine.occupancy_min                            ? 
_refine.occupancy_max                            ? 
_refine.correlation_coeff_Fo_to_Fc               ? 
_refine.correlation_coeff_Fo_to_Fc_free          ? 
_refine.B_iso_mean                               31.84 
_refine.aniso_B[1][1]                            -1.8788 
_refine.aniso_B[2][2]                            12.2827 
_refine.aniso_B[3][3]                            -10.4038 
_refine.aniso_B[1][2]                            0.0000 
_refine.aniso_B[1][3]                            -0.6652 
_refine.aniso_B[2][3]                            0.0000 
_refine.solvent_model_details                    'FLAT BULK SOLVENT MODEL' 
_refine.solvent_model_param_ksol                 0.353 
_refine.solvent_model_param_bsol                 40.223 
_refine.pdbx_solvent_vdw_probe_radii             1.11 
_refine.pdbx_solvent_ion_probe_radii             ? 
_refine.pdbx_solvent_shrinkage_radii             0.90 
_refine.pdbx_ls_cross_valid_method               ? 
_refine.details                                  ? 
_refine.pdbx_starting_model                      ? 
_refine.pdbx_method_to_determine_struct          SAD 
_refine.pdbx_isotropic_thermal_model             Isotropic 
_refine.pdbx_stereochemistry_target_values       'Engh & Huber' 
_refine.pdbx_stereochem_target_val_spec_case     ? 
_refine.pdbx_R_Free_selection_details            RANDOM 
_refine.pdbx_overall_ESU_R_Free                  ? 
_refine.overall_SU_ML                            0.35 
_refine.overall_SU_B                             ? 
_refine.overall_SU_R_Cruickshank_DPI             ? 
_refine.ls_redundancy_reflns_obs                 ? 
_refine.B_iso_min                                ? 
_refine.B_iso_max                                ? 
_refine.overall_SU_R_free                        ? 
_refine.ls_wR_factor_R_free                      ? 
_refine.ls_wR_factor_R_work                      ? 
_refine.overall_FOM_free_R_set                   ? 
_refine.overall_FOM_work_R_set                   ? 
_refine.pdbx_overall_phase_error                 ? 
_refine.pdbx_refine_id                           'X-RAY DIFFRACTION' 
_refine.pdbx_overall_ESU_R                       ? 
_refine.pdbx_diffrn_id                           1 
_refine.pdbx_TLS_residual_ADP_flag               ? 
_refine.pdbx_overall_SU_R_free_Cruickshank_DPI   ? 
_refine.pdbx_overall_SU_R_Blow_DPI               ? 
_refine.pdbx_overall_SU_R_free_Blow_DPI          ? 
# 
_refine_hist.pdbx_refine_id                   'X-RAY DIFFRACTION' 
_refine_hist.cycle_id                         LAST 
_refine_hist.pdbx_number_atoms_protein        1055 
_refine_hist.pdbx_number_atoms_nucleic_acid   0 
_refine_hist.pdbx_number_atoms_ligand         0 
_refine_hist.number_atoms_solvent             33 
_refine_hist.number_atoms_total               1088 
_refine_hist.d_res_high                       2.000 
_refine_hist.d_res_low                        43.51 
# 
loop_
_refine_ls_restr.type 
_refine_ls_restr.dev_ideal 
_refine_ls_restr.dev_ideal_target 
_refine_ls_restr.weight 
_refine_ls_restr.number 
_refine_ls_restr.pdbx_restraint_function 
_refine_ls_restr.pdbx_refine_id 
f_bond_d           0.009  ? ? 1082 ? 'X-RAY DIFFRACTION' 
f_angle_d          1.188  ? ? 1467 ? 'X-RAY DIFFRACTION' 
f_dihedral_angle_d 16.460 ? ? 393  ? 'X-RAY DIFFRACTION' 
f_chiral_restr     0.070  ? ? 161  ? 'X-RAY DIFFRACTION' 
f_plane_restr      0.008  ? ? 184  ? 'X-RAY DIFFRACTION' 
# 
loop_
_refine_ls_shell.pdbx_total_number_of_bins_used 
_refine_ls_shell.d_res_high 
_refine_ls_shell.d_res_low 
_refine_ls_shell.number_reflns_R_work 
_refine_ls_shell.R_factor_R_work 
_refine_ls_shell.percent_reflns_obs 
_refine_ls_shell.R_factor_R_free 
_refine_ls_shell.R_factor_R_free_error 
_refine_ls_shell.percent_reflns_R_free 
_refine_ls_shell.number_reflns_R_free 
_refine_ls_shell.number_reflns_all 
_refine_ls_shell.R_factor_all 
_refine_ls_shell.number_reflns_obs 
_refine_ls_shell.redundancy_reflns_obs 
_refine_ls_shell.pdbx_refine_id 
. 2.0001 2.2895  2995 0.2671 97.00 0.3564 . . 134 . . . . 'X-RAY DIFFRACTION' 
. 2.2895 2.8844  3033 0.2603 99.00 0.3341 . . 167 . . . . 'X-RAY DIFFRACTION' 
. 2.8844 43.5229 3078 0.2126 99.00 0.2404 . . 160 . . . . 'X-RAY DIFFRACTION' 
# 
_struct.entry_id                  3RAZ 
_struct.title                     'The crystal structure of thioredoxin-related protein from Neisseria meningitidis serogroup B' 
_struct.pdbx_model_details        ? 
_struct.pdbx_CASP_flag            ? 
_struct.pdbx_model_type_details   ? 
# 
_struct_keywords.entry_id        3RAZ 
_struct_keywords.pdbx_keywords   OXIDOREDUCTASE 
_struct_keywords.text            
;Structural Genomics, PSI-2, Protein Structure Initiative, New York SGX Research Center for Structural Genomics, NYSGXRC, thioredoxin-related protein, redoxin, SGX, OXIDOREDUCTASE
;
# 
loop_
_struct_asym.id 
_struct_asym.pdbx_blank_PDB_chainid_flag 
_struct_asym.pdbx_modified 
_struct_asym.entity_id 
_struct_asym.details 
A N N 1 ? 
B N N 2 ? 
# 
_struct_ref.id                         1 
_struct_ref.db_name                    UNP 
_struct_ref.db_code                    Q9K1R4_NEIMB 
_struct_ref.pdbx_db_accession          Q9K1R4 
_struct_ref.entity_id                  1 
_struct_ref.pdbx_seq_one_letter_code   
;SADELAGWKDNTPQSLQSLKAPVRIVNLWATWCGPCRKEMPAMSKWYKAQKKGSVDMVGIALDTSDNIGNFLKQTPVSYP
IWRYTGANSRNFMKTYGNTVGVLPFTVVEAPKCGYRQTITGEVNEKSLTDAVKLAHSKCR
;
_struct_ref.pdbx_align_begin           21 
_struct_ref.pdbx_db_isoform            ? 
# 
_struct_ref_seq.align_id                      1 
_struct_ref_seq.ref_id                        1 
_struct_ref_seq.pdbx_PDB_id_code              3RAZ 
_struct_ref_seq.pdbx_strand_id                A 
_struct_ref_seq.seq_align_beg                 4 
_struct_ref_seq.pdbx_seq_align_beg_ins_code   ? 
_struct_ref_seq.seq_align_end                 143 
_struct_ref_seq.pdbx_seq_align_end_ins_code   ? 
_struct_ref_seq.pdbx_db_accession             Q9K1R4 
_struct_ref_seq.db_align_beg                  21 
_struct_ref_seq.pdbx_db_align_beg_ins_code    ? 
_struct_ref_seq.db_align_end                  160 
_struct_ref_seq.pdbx_db_align_end_ins_code    ? 
_struct_ref_seq.pdbx_auth_seq_align_beg       21 
_struct_ref_seq.pdbx_auth_seq_align_end       160 
# 
loop_
_struct_ref_seq_dif.align_id 
_struct_ref_seq_dif.pdbx_pdb_id_code 
_struct_ref_seq_dif.mon_id 
_struct_ref_seq_dif.pdbx_pdb_strand_id 
_struct_ref_seq_dif.seq_num 
_struct_ref_seq_dif.pdbx_pdb_ins_code 
_struct_ref_seq_dif.pdbx_seq_db_name 
_struct_ref_seq_dif.pdbx_seq_db_accession_code 
_struct_ref_seq_dif.db_mon_id 
_struct_ref_seq_dif.pdbx_seq_db_seq_num 
_struct_ref_seq_dif.details 
_struct_ref_seq_dif.pdbx_auth_seq_num 
_struct_ref_seq_dif.pdbx_ordinal 
1 3RAZ MSE A 1   ? UNP Q9K1R4 ? ? 'expression tag' 18  1  
1 3RAZ SER A 2   ? UNP Q9K1R4 ? ? 'expression tag' 19  2  
1 3RAZ LEU A 3   ? UNP Q9K1R4 ? ? 'expression tag' 20  3  
1 3RAZ GLU A 144 ? UNP Q9K1R4 ? ? 'expression tag' 161 4  
1 3RAZ GLY A 145 ? UNP Q9K1R4 ? ? 'expression tag' 162 5  
1 3RAZ HIS A 146 ? UNP Q9K1R4 ? ? 'expression tag' 163 6  
1 3RAZ HIS A 147 ? UNP Q9K1R4 ? ? 'expression tag' 164 7  
1 3RAZ HIS A 148 ? UNP Q9K1R4 ? ? 'expression tag' 165 8  
1 3RAZ HIS A 149 ? UNP Q9K1R4 ? ? 'expression tag' 166 9  
1 3RAZ HIS A 150 ? UNP Q9K1R4 ? ? 'expression tag' 167 10 
1 3RAZ HIS A 151 ? UNP Q9K1R4 ? ? 'expression tag' 168 11 
# 
_pdbx_struct_assembly.id                   1 
_pdbx_struct_assembly.details              software_defined_assembly 
_pdbx_struct_assembly.method_details       PISA 
_pdbx_struct_assembly.oligomeric_details   monomeric 
_pdbx_struct_assembly.oligomeric_count     1 
# 
_pdbx_struct_assembly_gen.assembly_id       1 
_pdbx_struct_assembly_gen.oper_expression   1 
_pdbx_struct_assembly_gen.asym_id_list      A,B 
# 
_pdbx_struct_oper_list.id                   1 
_pdbx_struct_oper_list.type                 'identity operation' 
_pdbx_struct_oper_list.name                 1_555 
_pdbx_struct_oper_list.symmetry_operation   x,y,z 
_pdbx_struct_oper_list.matrix[1][1]         1.0000000000 
_pdbx_struct_oper_list.matrix[1][2]         0.0000000000 
_pdbx_struct_oper_list.matrix[1][3]         0.0000000000 
_pdbx_struct_oper_list.vector[1]            0.0000000000 
_pdbx_struct_oper_list.matrix[2][1]         0.0000000000 
_pdbx_struct_oper_list.matrix[2][2]         1.0000000000 
_pdbx_struct_oper_list.matrix[2][3]         0.0000000000 
_pdbx_struct_oper_list.vector[2]            0.0000000000 
_pdbx_struct_oper_list.matrix[3][1]         0.0000000000 
_pdbx_struct_oper_list.matrix[3][2]         0.0000000000 
_pdbx_struct_oper_list.matrix[3][3]         1.0000000000 
_pdbx_struct_oper_list.vector[3]            0.0000000000 
# 
_struct_biol.id        1 
_struct_biol.details   ? 
# 
loop_
_struct_conf.conf_type_id 
_struct_conf.id 
_struct_conf.pdbx_PDB_helix_id 
_struct_conf.beg_label_comp_id 
_struct_conf.beg_label_asym_id 
_struct_conf.beg_label_seq_id 
_struct_conf.pdbx_beg_PDB_ins_code 
_struct_conf.end_label_comp_id 
_struct_conf.end_label_asym_id 
_struct_conf.end_label_seq_id 
_struct_conf.pdbx_end_PDB_ins_code 
_struct_conf.beg_auth_comp_id 
_struct_conf.beg_auth_asym_id 
_struct_conf.beg_auth_seq_id 
_struct_conf.end_auth_comp_id 
_struct_conf.end_auth_asym_id 
_struct_conf.end_auth_seq_id 
_struct_conf.pdbx_PDB_helix_class 
_struct_conf.details 
_struct_conf.pdbx_PDB_helix_length 
HELX_P HELX_P1 1 SER A 18  ? LEU A 22  ? SER A 35  LEU A 39  5 ? 5  
HELX_P HELX_P2 2 CYS A 36  ? ALA A 52  ? CYS A 53  ALA A 69  1 ? 17 
HELX_P HELX_P3 3 THR A 67  ? THR A 78  ? THR A 84  THR A 95  1 ? 12 
HELX_P HELX_P4 4 ASN A 91  ? THR A 98  ? ASN A 108 THR A 115 1 ? 8  
HELX_P HELX_P5 5 ASN A 127 ? SER A 140 ? ASN A 144 SER A 157 1 ? 14 
# 
_struct_conf_type.id          HELX_P 
_struct_conf_type.criteria    ? 
_struct_conf_type.reference   ? 
# 
loop_
_struct_conn.id 
_struct_conn.conn_type_id 
_struct_conn.pdbx_leaving_atom_flag 
_struct_conn.pdbx_PDB_id 
_struct_conn.ptnr1_label_asym_id 
_struct_conn.ptnr1_label_comp_id 
_struct_conn.ptnr1_label_seq_id 
_struct_conn.ptnr1_label_atom_id 
_struct_conn.pdbx_ptnr1_label_alt_id 
_struct_conn.pdbx_ptnr1_PDB_ins_code 
_struct_conn.pdbx_ptnr1_standard_comp_id 
_struct_conn.ptnr1_symmetry 
_struct_conn.ptnr2_label_asym_id 
_struct_conn.ptnr2_label_comp_id 
_struct_conn.ptnr2_label_seq_id 
_struct_conn.ptnr2_label_atom_id 
_struct_conn.pdbx_ptnr2_label_alt_id 
_struct_conn.pdbx_ptnr2_PDB_ins_code 
_struct_conn.ptnr1_auth_asym_id 
_struct_conn.ptnr1_auth_comp_id 
_struct_conn.ptnr1_auth_seq_id 
_struct_conn.ptnr2_auth_asym_id 
_struct_conn.ptnr2_auth_comp_id 
_struct_conn.ptnr2_auth_seq_id 
_struct_conn.ptnr2_symmetry 
_struct_conn.pdbx_ptnr3_label_atom_id 
_struct_conn.pdbx_ptnr3_label_seq_id 
_struct_conn.pdbx_ptnr3_label_comp_id 
_struct_conn.pdbx_ptnr3_label_asym_id 
_struct_conn.pdbx_ptnr3_label_alt_id 
_struct_conn.pdbx_ptnr3_PDB_ins_code 
_struct_conn.details 
_struct_conn.pdbx_dist_value 
_struct_conn.pdbx_value_order 
_struct_conn.pdbx_role 
disulf1 disulf ?    ? A CYS 36 SG ? ? ? 1_555 A CYS 39 SG ? ? A CYS 53  A CYS 56  1_555 ? ? ? ? ? ? ? 2.063 ? ? 
covale1 covale both ? A GLU 42 C  ? ? ? 1_555 A MSE 43 N  ? ? A GLU 59  A MSE 60  1_555 ? ? ? ? ? ? ? 1.326 ? ? 
covale2 covale both ? A MSE 43 C  ? ? ? 1_555 A PRO 44 N  ? ? A MSE 60  A PRO 61  1_555 ? ? ? ? ? ? ? 1.340 ? ? 
covale3 covale both ? A ALA 45 C  ? ? ? 1_555 A MSE 46 N  ? ? A ALA 62  A MSE 63  1_555 ? ? ? ? ? ? ? 1.327 ? ? 
covale4 covale both ? A MSE 46 C  ? ? ? 1_555 A SER 47 N  ? ? A MSE 63  A SER 64  1_555 ? ? ? ? ? ? ? 1.326 ? ? 
covale5 covale both ? A ASP 59 C  ? ? ? 1_555 A MSE 60 N  ? ? A ASP 76  A MSE 77  1_555 ? ? ? ? ? ? ? 1.330 ? ? 
covale6 covale both ? A MSE 60 C  ? ? ? 1_555 A VAL 61 N  ? ? A MSE 77  A VAL 78  1_555 ? ? ? ? ? ? ? 1.332 ? ? 
covale7 covale both ? A PHE 95 C  ? ? ? 1_555 A MSE 96 N  ? ? A PHE 112 A MSE 113 1_555 ? ? ? ? ? ? ? 1.325 ? ? 
covale8 covale both ? A MSE 96 C  ? ? ? 1_555 A LYS 97 N  ? ? A MSE 113 A LYS 114 1_555 ? ? ? ? ? ? ? 1.330 ? ? 
# 
loop_
_struct_conn_type.id 
_struct_conn_type.criteria 
_struct_conn_type.reference 
disulf ? ? 
covale ? ? 
# 
loop_
_pdbx_modification_feature.ordinal 
_pdbx_modification_feature.label_comp_id 
_pdbx_modification_feature.label_asym_id 
_pdbx_modification_feature.label_seq_id 
_pdbx_modification_feature.label_alt_id 
_pdbx_modification_feature.modified_residue_label_comp_id 
_pdbx_modification_feature.modified_residue_label_asym_id 
_pdbx_modification_feature.modified_residue_label_seq_id 
_pdbx_modification_feature.modified_residue_label_alt_id 
_pdbx_modification_feature.auth_comp_id 
_pdbx_modification_feature.auth_asym_id 
_pdbx_modification_feature.auth_seq_id 
_pdbx_modification_feature.PDB_ins_code 
_pdbx_modification_feature.symmetry 
_pdbx_modification_feature.modified_residue_auth_comp_id 
_pdbx_modification_feature.modified_residue_auth_asym_id 
_pdbx_modification_feature.modified_residue_auth_seq_id 
_pdbx_modification_feature.modified_residue_PDB_ins_code 
_pdbx_modification_feature.modified_residue_symmetry 
_pdbx_modification_feature.comp_id_linking_atom 
_pdbx_modification_feature.modified_residue_id_linking_atom 
_pdbx_modification_feature.modified_residue_id 
_pdbx_modification_feature.ref_pcm_id 
_pdbx_modification_feature.ref_comp_id 
_pdbx_modification_feature.type 
_pdbx_modification_feature.category 
1 MSE A 43 ? .   . .  . MSE A 60  ? 1_555 .   . .  . .     .  .  MET 1 MSE Selenomethionine 'Named protein modification' 
2 MSE A 46 ? .   . .  . MSE A 63  ? 1_555 .   . .  . .     .  .  MET 1 MSE Selenomethionine 'Named protein modification' 
3 MSE A 60 ? .   . .  . MSE A 77  ? 1_555 .   . .  . .     .  .  MET 1 MSE Selenomethionine 'Named protein modification' 
4 MSE A 96 ? .   . .  . MSE A 113 ? 1_555 .   . .  . .     .  .  MET 1 MSE Selenomethionine 'Named protein modification' 
5 CYS A 36 ? CYS A 39 ? CYS A 53  ? 1_555 CYS A 56 ? 1_555 SG SG .   . .   None             'Disulfide bridge'           
# 
_struct_mon_prot_cis.pdbx_id                1 
_struct_mon_prot_cis.label_comp_id          LEU 
_struct_mon_prot_cis.label_seq_id           106 
_struct_mon_prot_cis.label_asym_id          A 
_struct_mon_prot_cis.label_alt_id           . 
_struct_mon_prot_cis.pdbx_PDB_ins_code      ? 
_struct_mon_prot_cis.auth_comp_id           LEU 
_struct_mon_prot_cis.auth_seq_id            123 
_struct_mon_prot_cis.auth_asym_id           A 
_struct_mon_prot_cis.pdbx_label_comp_id_2   PRO 
_struct_mon_prot_cis.pdbx_label_seq_id_2    107 
_struct_mon_prot_cis.pdbx_label_asym_id_2   A 
_struct_mon_prot_cis.pdbx_PDB_ins_code_2    ? 
_struct_mon_prot_cis.pdbx_auth_comp_id_2    PRO 
_struct_mon_prot_cis.pdbx_auth_seq_id_2     124 
_struct_mon_prot_cis.pdbx_auth_asym_id_2    A 
_struct_mon_prot_cis.pdbx_PDB_model_num     1 
_struct_mon_prot_cis.pdbx_omega_angle       4.58 
# 
_struct_sheet.id               A 
_struct_sheet.type             ? 
_struct_sheet.number_strands   7 
_struct_sheet.details          ? 
# 
loop_
_struct_sheet_order.sheet_id 
_struct_sheet_order.range_id_1 
_struct_sheet_order.range_id_2 
_struct_sheet_order.offset 
_struct_sheet_order.sense 
A 1 2 ? anti-parallel 
A 2 3 ? anti-parallel 
A 3 4 ? parallel      
A 4 5 ? parallel      
A 5 6 ? anti-parallel 
A 6 7 ? anti-parallel 
# 
loop_
_struct_sheet_range.sheet_id 
_struct_sheet_range.id 
_struct_sheet_range.beg_label_comp_id 
_struct_sheet_range.beg_label_asym_id 
_struct_sheet_range.beg_label_seq_id 
_struct_sheet_range.pdbx_beg_PDB_ins_code 
_struct_sheet_range.end_label_comp_id 
_struct_sheet_range.end_label_asym_id 
_struct_sheet_range.end_label_seq_id 
_struct_sheet_range.pdbx_end_PDB_ins_code 
_struct_sheet_range.beg_auth_comp_id 
_struct_sheet_range.beg_auth_asym_id 
_struct_sheet_range.beg_auth_seq_id 
_struct_sheet_range.end_auth_comp_id 
_struct_sheet_range.end_auth_asym_id 
_struct_sheet_range.end_auth_seq_id 
A 1 PRO A 16  ? GLN A 17  ? PRO A 33  GLN A 34  
A 2 LEU A 8   ? GLY A 10  ? LEU A 25  GLY A 27  
A 3 ILE A 84  ? TYR A 87  ? ILE A 101 TYR A 104 
A 4 VAL A 58  ? ALA A 64  ? VAL A 75  ALA A 81  
A 5 VAL A 26  ? TRP A 32  ? VAL A 43  TRP A 49  
A 6 PHE A 108 ? ALA A 113 ? PHE A 125 ALA A 130 
A 7 TYR A 118 ? THR A 121 ? TYR A 135 THR A 138 
# 
loop_
_pdbx_struct_sheet_hbond.sheet_id 
_pdbx_struct_sheet_hbond.range_id_1 
_pdbx_struct_sheet_hbond.range_id_2 
_pdbx_struct_sheet_hbond.range_1_label_atom_id 
_pdbx_struct_sheet_hbond.range_1_label_comp_id 
_pdbx_struct_sheet_hbond.range_1_label_asym_id 
_pdbx_struct_sheet_hbond.range_1_label_seq_id 
_pdbx_struct_sheet_hbond.range_1_PDB_ins_code 
_pdbx_struct_sheet_hbond.range_1_auth_atom_id 
_pdbx_struct_sheet_hbond.range_1_auth_comp_id 
_pdbx_struct_sheet_hbond.range_1_auth_asym_id 
_pdbx_struct_sheet_hbond.range_1_auth_seq_id 
_pdbx_struct_sheet_hbond.range_2_label_atom_id 
_pdbx_struct_sheet_hbond.range_2_label_comp_id 
_pdbx_struct_sheet_hbond.range_2_label_asym_id 
_pdbx_struct_sheet_hbond.range_2_label_seq_id 
_pdbx_struct_sheet_hbond.range_2_PDB_ins_code 
_pdbx_struct_sheet_hbond.range_2_auth_atom_id 
_pdbx_struct_sheet_hbond.range_2_auth_comp_id 
_pdbx_struct_sheet_hbond.range_2_auth_asym_id 
_pdbx_struct_sheet_hbond.range_2_auth_seq_id 
A 1 2 O GLN A 17  ? O GLN A 34  N LEU A 8   ? N LEU A 25  
A 2 3 N ALA A 9   ? N ALA A 26  O ARG A 86  ? O ARG A 103 
A 3 4 O TRP A 85  ? O TRP A 102 N ALA A 64  ? N ALA A 81  
A 4 5 O ILE A 63  ? O ILE A 80  N ASN A 30  ? N ASN A 47  
A 5 6 N LEU A 31  ? N LEU A 48  O PHE A 108 ? O PHE A 125 
A 6 7 N VAL A 111 ? N VAL A 128 O GLN A 120 ? O GLN A 137 
# 
_pdbx_entry_details.entry_id                   3RAZ 
_pdbx_entry_details.compound_details           ? 
_pdbx_entry_details.source_details             ? 
_pdbx_entry_details.nonpolymer_details         ? 
_pdbx_entry_details.sequence_details           ? 
_pdbx_entry_details.has_ligand_of_interest     ? 
_pdbx_entry_details.has_protein_modification   Y 
# 
_pdbx_SG_project.id                    1 
_pdbx_SG_project.project_name          'PSI, Protein Structure Initiative' 
_pdbx_SG_project.full_name_of_center   'New York SGX Research Center for Structural Genomics' 
_pdbx_SG_project.initial_of_center     NYSGXRC 
# 
loop_
_pdbx_struct_mod_residue.id 
_pdbx_struct_mod_residue.label_asym_id 
_pdbx_struct_mod_residue.label_comp_id 
_pdbx_struct_mod_residue.label_seq_id 
_pdbx_struct_mod_residue.auth_asym_id 
_pdbx_struct_mod_residue.auth_comp_id 
_pdbx_struct_mod_residue.auth_seq_id 
_pdbx_struct_mod_residue.PDB_ins_code 
_pdbx_struct_mod_residue.parent_comp_id 
_pdbx_struct_mod_residue.details 
1 A MSE 43 A MSE 60  ? MET SELENOMETHIONINE 
2 A MSE 46 A MSE 63  ? MET SELENOMETHIONINE 
3 A MSE 60 A MSE 77  ? MET SELENOMETHIONINE 
4 A MSE 96 A MSE 113 ? MET SELENOMETHIONINE 
# 
loop_
_pdbx_unobs_or_zero_occ_residues.id 
_pdbx_unobs_or_zero_occ_residues.PDB_model_num 
_pdbx_unobs_or_zero_occ_residues.polymer_flag 
_pdbx_unobs_or_zero_occ_residues.occupancy_flag 
_pdbx_unobs_or_zero_occ_residues.auth_asym_id 
_pdbx_unobs_or_zero_occ_residues.auth_comp_id 
_pdbx_unobs_or_zero_occ_residues.auth_seq_id 
_pdbx_unobs_or_zero_occ_residues.PDB_ins_code 
_pdbx_unobs_or_zero_occ_residues.label_asym_id 
_pdbx_unobs_or_zero_occ_residues.label_comp_id 
_pdbx_unobs_or_zero_occ_residues.label_seq_id 
1  1 Y 1 A MSE 18  ? A MSE 1   
2  1 Y 1 A SER 19  ? A SER 2   
3  1 Y 1 A LEU 20  ? A LEU 3   
4  1 Y 1 A SER 21  ? A SER 4   
5  1 Y 1 A ALA 22  ? A ALA 5   
6  1 Y 1 A ASP 23  ? A ASP 6   
7  1 Y 1 A CYS 159 ? A CYS 142 
8  1 Y 1 A ARG 160 ? A ARG 143 
9  1 Y 1 A GLU 161 ? A GLU 144 
10 1 Y 1 A GLY 162 ? A GLY 145 
11 1 Y 1 A HIS 163 ? A HIS 146 
12 1 Y 1 A HIS 164 ? A HIS 147 
13 1 Y 1 A HIS 165 ? A HIS 148 
14 1 Y 1 A HIS 166 ? A HIS 149 
15 1 Y 1 A HIS 167 ? A HIS 150 
16 1 Y 1 A HIS 168 ? A HIS 151 
# 
loop_
_chem_comp_atom.comp_id 
_chem_comp_atom.atom_id 
_chem_comp_atom.type_symbol 
_chem_comp_atom.pdbx_aromatic_flag 
_chem_comp_atom.pdbx_stereo_config 
_chem_comp_atom.pdbx_ordinal 
ALA N    N  N N 1   
ALA CA   C  N S 2   
ALA C    C  N N 3   
ALA O    O  N N 4   
ALA CB   C  N N 5   
ALA OXT  O  N N 6   
ALA H    H  N N 7   
ALA H2   H  N N 8   
ALA HA   H  N N 9   
ALA HB1  H  N N 10  
ALA HB2  H  N N 11  
ALA HB3  H  N N 12  
ALA HXT  H  N N 13  
ARG N    N  N N 14  
ARG CA   C  N S 15  
ARG C    C  N N 16  
ARG O    O  N N 17  
ARG CB   C  N N 18  
ARG CG   C  N N 19  
ARG CD   C  N N 20  
ARG NE   N  N N 21  
ARG CZ   C  N N 22  
ARG NH1  N  N N 23  
ARG NH2  N  N N 24  
ARG OXT  O  N N 25  
ARG H    H  N N 26  
ARG H2   H  N N 27  
ARG HA   H  N N 28  
ARG HB2  H  N N 29  
ARG HB3  H  N N 30  
ARG HG2  H  N N 31  
ARG HG3  H  N N 32  
ARG HD2  H  N N 33  
ARG HD3  H  N N 34  
ARG HE   H  N N 35  
ARG HH11 H  N N 36  
ARG HH12 H  N N 37  
ARG HH21 H  N N 38  
ARG HH22 H  N N 39  
ARG HXT  H  N N 40  
ASN N    N  N N 41  
ASN CA   C  N S 42  
ASN C    C  N N 43  
ASN O    O  N N 44  
ASN CB   C  N N 45  
ASN CG   C  N N 46  
ASN OD1  O  N N 47  
ASN ND2  N  N N 48  
ASN OXT  O  N N 49  
ASN H    H  N N 50  
ASN H2   H  N N 51  
ASN HA   H  N N 52  
ASN HB2  H  N N 53  
ASN HB3  H  N N 54  
ASN HD21 H  N N 55  
ASN HD22 H  N N 56  
ASN HXT  H  N N 57  
ASP N    N  N N 58  
ASP CA   C  N S 59  
ASP C    C  N N 60  
ASP O    O  N N 61  
ASP CB   C  N N 62  
ASP CG   C  N N 63  
ASP OD1  O  N N 64  
ASP OD2  O  N N 65  
ASP OXT  O  N N 66  
ASP H    H  N N 67  
ASP H2   H  N N 68  
ASP HA   H  N N 69  
ASP HB2  H  N N 70  
ASP HB3  H  N N 71  
ASP HD2  H  N N 72  
ASP HXT  H  N N 73  
CYS N    N  N N 74  
CYS CA   C  N R 75  
CYS C    C  N N 76  
CYS O    O  N N 77  
CYS CB   C  N N 78  
CYS SG   S  N N 79  
CYS OXT  O  N N 80  
CYS H    H  N N 81  
CYS H2   H  N N 82  
CYS HA   H  N N 83  
CYS HB2  H  N N 84  
CYS HB3  H  N N 85  
CYS HG   H  N N 86  
CYS HXT  H  N N 87  
GLN N    N  N N 88  
GLN CA   C  N S 89  
GLN C    C  N N 90  
GLN O    O  N N 91  
GLN CB   C  N N 92  
GLN CG   C  N N 93  
GLN CD   C  N N 94  
GLN OE1  O  N N 95  
GLN NE2  N  N N 96  
GLN OXT  O  N N 97  
GLN H    H  N N 98  
GLN H2   H  N N 99  
GLN HA   H  N N 100 
GLN HB2  H  N N 101 
GLN HB3  H  N N 102 
GLN HG2  H  N N 103 
GLN HG3  H  N N 104 
GLN HE21 H  N N 105 
GLN HE22 H  N N 106 
GLN HXT  H  N N 107 
GLU N    N  N N 108 
GLU CA   C  N S 109 
GLU C    C  N N 110 
GLU O    O  N N 111 
GLU CB   C  N N 112 
GLU CG   C  N N 113 
GLU CD   C  N N 114 
GLU OE1  O  N N 115 
GLU OE2  O  N N 116 
GLU OXT  O  N N 117 
GLU H    H  N N 118 
GLU H2   H  N N 119 
GLU HA   H  N N 120 
GLU HB2  H  N N 121 
GLU HB3  H  N N 122 
GLU HG2  H  N N 123 
GLU HG3  H  N N 124 
GLU HE2  H  N N 125 
GLU HXT  H  N N 126 
GLY N    N  N N 127 
GLY CA   C  N N 128 
GLY C    C  N N 129 
GLY O    O  N N 130 
GLY OXT  O  N N 131 
GLY H    H  N N 132 
GLY H2   H  N N 133 
GLY HA2  H  N N 134 
GLY HA3  H  N N 135 
GLY HXT  H  N N 136 
HIS N    N  N N 137 
HIS CA   C  N S 138 
HIS C    C  N N 139 
HIS O    O  N N 140 
HIS CB   C  N N 141 
HIS CG   C  Y N 142 
HIS ND1  N  Y N 143 
HIS CD2  C  Y N 144 
HIS CE1  C  Y N 145 
HIS NE2  N  Y N 146 
HIS OXT  O  N N 147 
HIS H    H  N N 148 
HIS H2   H  N N 149 
HIS HA   H  N N 150 
HIS HB2  H  N N 151 
HIS HB3  H  N N 152 
HIS HD1  H  N N 153 
HIS HD2  H  N N 154 
HIS HE1  H  N N 155 
HIS HE2  H  N N 156 
HIS HXT  H  N N 157 
HOH O    O  N N 158 
HOH H1   H  N N 159 
HOH H2   H  N N 160 
ILE N    N  N N 161 
ILE CA   C  N S 162 
ILE C    C  N N 163 
ILE O    O  N N 164 
ILE CB   C  N S 165 
ILE CG1  C  N N 166 
ILE CG2  C  N N 167 
ILE CD1  C  N N 168 
ILE OXT  O  N N 169 
ILE H    H  N N 170 
ILE H2   H  N N 171 
ILE HA   H  N N 172 
ILE HB   H  N N 173 
ILE HG12 H  N N 174 
ILE HG13 H  N N 175 
ILE HG21 H  N N 176 
ILE HG22 H  N N 177 
ILE HG23 H  N N 178 
ILE HD11 H  N N 179 
ILE HD12 H  N N 180 
ILE HD13 H  N N 181 
ILE HXT  H  N N 182 
LEU N    N  N N 183 
LEU CA   C  N S 184 
LEU C    C  N N 185 
LEU O    O  N N 186 
LEU CB   C  N N 187 
LEU CG   C  N N 188 
LEU CD1  C  N N 189 
LEU CD2  C  N N 190 
LEU OXT  O  N N 191 
LEU H    H  N N 192 
LEU H2   H  N N 193 
LEU HA   H  N N 194 
LEU HB2  H  N N 195 
LEU HB3  H  N N 196 
LEU HG   H  N N 197 
LEU HD11 H  N N 198 
LEU HD12 H  N N 199 
LEU HD13 H  N N 200 
LEU HD21 H  N N 201 
LEU HD22 H  N N 202 
LEU HD23 H  N N 203 
LEU HXT  H  N N 204 
LYS N    N  N N 205 
LYS CA   C  N S 206 
LYS C    C  N N 207 
LYS O    O  N N 208 
LYS CB   C  N N 209 
LYS CG   C  N N 210 
LYS CD   C  N N 211 
LYS CE   C  N N 212 
LYS NZ   N  N N 213 
LYS OXT  O  N N 214 
LYS H    H  N N 215 
LYS H2   H  N N 216 
LYS HA   H  N N 217 
LYS HB2  H  N N 218 
LYS HB3  H  N N 219 
LYS HG2  H  N N 220 
LYS HG3  H  N N 221 
LYS HD2  H  N N 222 
LYS HD3  H  N N 223 
LYS HE2  H  N N 224 
LYS HE3  H  N N 225 
LYS HZ1  H  N N 226 
LYS HZ2  H  N N 227 
LYS HZ3  H  N N 228 
LYS HXT  H  N N 229 
MSE N    N  N N 230 
MSE CA   C  N S 231 
MSE C    C  N N 232 
MSE O    O  N N 233 
MSE OXT  O  N N 234 
MSE CB   C  N N 235 
MSE CG   C  N N 236 
MSE SE   SE N N 237 
MSE CE   C  N N 238 
MSE H    H  N N 239 
MSE H2   H  N N 240 
MSE HA   H  N N 241 
MSE HXT  H  N N 242 
MSE HB2  H  N N 243 
MSE HB3  H  N N 244 
MSE HG2  H  N N 245 
MSE HG3  H  N N 246 
MSE HE1  H  N N 247 
MSE HE2  H  N N 248 
MSE HE3  H  N N 249 
PHE N    N  N N 250 
PHE CA   C  N S 251 
PHE C    C  N N 252 
PHE O    O  N N 253 
PHE CB   C  N N 254 
PHE CG   C  Y N 255 
PHE CD1  C  Y N 256 
PHE CD2  C  Y N 257 
PHE CE1  C  Y N 258 
PHE CE2  C  Y N 259 
PHE CZ   C  Y N 260 
PHE OXT  O  N N 261 
PHE H    H  N N 262 
PHE H2   H  N N 263 
PHE HA   H  N N 264 
PHE HB2  H  N N 265 
PHE HB3  H  N N 266 
PHE HD1  H  N N 267 
PHE HD2  H  N N 268 
PHE HE1  H  N N 269 
PHE HE2  H  N N 270 
PHE HZ   H  N N 271 
PHE HXT  H  N N 272 
PRO N    N  N N 273 
PRO CA   C  N S 274 
PRO C    C  N N 275 
PRO O    O  N N 276 
PRO CB   C  N N 277 
PRO CG   C  N N 278 
PRO CD   C  N N 279 
PRO OXT  O  N N 280 
PRO H    H  N N 281 
PRO HA   H  N N 282 
PRO HB2  H  N N 283 
PRO HB3  H  N N 284 
PRO HG2  H  N N 285 
PRO HG3  H  N N 286 
PRO HD2  H  N N 287 
PRO HD3  H  N N 288 
PRO HXT  H  N N 289 
SER N    N  N N 290 
SER CA   C  N S 291 
SER C    C  N N 292 
SER O    O  N N 293 
SER CB   C  N N 294 
SER OG   O  N N 295 
SER OXT  O  N N 296 
SER H    H  N N 297 
SER H2   H  N N 298 
SER HA   H  N N 299 
SER HB2  H  N N 300 
SER HB3  H  N N 301 
SER HG   H  N N 302 
SER HXT  H  N N 303 
THR N    N  N N 304 
THR CA   C  N S 305 
THR C    C  N N 306 
THR O    O  N N 307 
THR CB   C  N R 308 
THR OG1  O  N N 309 
THR CG2  C  N N 310 
THR OXT  O  N N 311 
THR H    H  N N 312 
THR H2   H  N N 313 
THR HA   H  N N 314 
THR HB   H  N N 315 
THR HG1  H  N N 316 
THR HG21 H  N N 317 
THR HG22 H  N N 318 
THR HG23 H  N N 319 
THR HXT  H  N N 320 
TRP N    N  N N 321 
TRP CA   C  N S 322 
TRP C    C  N N 323 
TRP O    O  N N 324 
TRP CB   C  N N 325 
TRP CG   C  Y N 326 
TRP CD1  C  Y N 327 
TRP CD2  C  Y N 328 
TRP NE1  N  Y N 329 
TRP CE2  C  Y N 330 
TRP CE3  C  Y N 331 
TRP CZ2  C  Y N 332 
TRP CZ3  C  Y N 333 
TRP CH2  C  Y N 334 
TRP OXT  O  N N 335 
TRP H    H  N N 336 
TRP H2   H  N N 337 
TRP HA   H  N N 338 
TRP HB2  H  N N 339 
TRP HB3  H  N N 340 
TRP HD1  H  N N 341 
TRP HE1  H  N N 342 
TRP HE3  H  N N 343 
TRP HZ2  H  N N 344 
TRP HZ3  H  N N 345 
TRP HH2  H  N N 346 
TRP HXT  H  N N 347 
TYR N    N  N N 348 
TYR CA   C  N S 349 
TYR C    C  N N 350 
TYR O    O  N N 351 
TYR CB   C  N N 352 
TYR CG   C  Y N 353 
TYR CD1  C  Y N 354 
TYR CD2  C  Y N 355 
TYR CE1  C  Y N 356 
TYR CE2  C  Y N 357 
TYR CZ   C  Y N 358 
TYR OH   O  N N 359 
TYR OXT  O  N N 360 
TYR H    H  N N 361 
TYR H2   H  N N 362 
TYR HA   H  N N 363 
TYR HB2  H  N N 364 
TYR HB3  H  N N 365 
TYR HD1  H  N N 366 
TYR HD2  H  N N 367 
TYR HE1  H  N N 368 
TYR HE2  H  N N 369 
TYR HH   H  N N 370 
TYR HXT  H  N N 371 
VAL N    N  N N 372 
VAL CA   C  N S 373 
VAL C    C  N N 374 
VAL O    O  N N 375 
VAL CB   C  N N 376 
VAL CG1  C  N N 377 
VAL CG2  C  N N 378 
VAL OXT  O  N N 379 
VAL H    H  N N 380 
VAL H2   H  N N 381 
VAL HA   H  N N 382 
VAL HB   H  N N 383 
VAL HG11 H  N N 384 
VAL HG12 H  N N 385 
VAL HG13 H  N N 386 
VAL HG21 H  N N 387 
VAL HG22 H  N N 388 
VAL HG23 H  N N 389 
VAL HXT  H  N N 390 
# 
loop_
_chem_comp_bond.comp_id 
_chem_comp_bond.atom_id_1 
_chem_comp_bond.atom_id_2 
_chem_comp_bond.value_order 
_chem_comp_bond.pdbx_aromatic_flag 
_chem_comp_bond.pdbx_stereo_config 
_chem_comp_bond.pdbx_ordinal 
ALA N   CA   sing N N 1   
ALA N   H    sing N N 2   
ALA N   H2   sing N N 3   
ALA CA  C    sing N N 4   
ALA CA  CB   sing N N 5   
ALA CA  HA   sing N N 6   
ALA C   O    doub N N 7   
ALA C   OXT  sing N N 8   
ALA CB  HB1  sing N N 9   
ALA CB  HB2  sing N N 10  
ALA CB  HB3  sing N N 11  
ALA OXT HXT  sing N N 12  
ARG N   CA   sing N N 13  
ARG N   H    sing N N 14  
ARG N   H2   sing N N 15  
ARG CA  C    sing N N 16  
ARG CA  CB   sing N N 17  
ARG CA  HA   sing N N 18  
ARG C   O    doub N N 19  
ARG C   OXT  sing N N 20  
ARG CB  CG   sing N N 21  
ARG CB  HB2  sing N N 22  
ARG CB  HB3  sing N N 23  
ARG CG  CD   sing N N 24  
ARG CG  HG2  sing N N 25  
ARG CG  HG3  sing N N 26  
ARG CD  NE   sing N N 27  
ARG CD  HD2  sing N N 28  
ARG CD  HD3  sing N N 29  
ARG NE  CZ   sing N N 30  
ARG NE  HE   sing N N 31  
ARG CZ  NH1  sing N N 32  
ARG CZ  NH2  doub N N 33  
ARG NH1 HH11 sing N N 34  
ARG NH1 HH12 sing N N 35  
ARG NH2 HH21 sing N N 36  
ARG NH2 HH22 sing N N 37  
ARG OXT HXT  sing N N 38  
ASN N   CA   sing N N 39  
ASN N   H    sing N N 40  
ASN N   H2   sing N N 41  
ASN CA  C    sing N N 42  
ASN CA  CB   sing N N 43  
ASN CA  HA   sing N N 44  
ASN C   O    doub N N 45  
ASN C   OXT  sing N N 46  
ASN CB  CG   sing N N 47  
ASN CB  HB2  sing N N 48  
ASN CB  HB3  sing N N 49  
ASN CG  OD1  doub N N 50  
ASN CG  ND2  sing N N 51  
ASN ND2 HD21 sing N N 52  
ASN ND2 HD22 sing N N 53  
ASN OXT HXT  sing N N 54  
ASP N   CA   sing N N 55  
ASP N   H    sing N N 56  
ASP N   H2   sing N N 57  
ASP CA  C    sing N N 58  
ASP CA  CB   sing N N 59  
ASP CA  HA   sing N N 60  
ASP C   O    doub N N 61  
ASP C   OXT  sing N N 62  
ASP CB  CG   sing N N 63  
ASP CB  HB2  sing N N 64  
ASP CB  HB3  sing N N 65  
ASP CG  OD1  doub N N 66  
ASP CG  OD2  sing N N 67  
ASP OD2 HD2  sing N N 68  
ASP OXT HXT  sing N N 69  
CYS N   CA   sing N N 70  
CYS N   H    sing N N 71  
CYS N   H2   sing N N 72  
CYS CA  C    sing N N 73  
CYS CA  CB   sing N N 74  
CYS CA  HA   sing N N 75  
CYS C   O    doub N N 76  
CYS C   OXT  sing N N 77  
CYS CB  SG   sing N N 78  
CYS CB  HB2  sing N N 79  
CYS CB  HB3  sing N N 80  
CYS SG  HG   sing N N 81  
CYS OXT HXT  sing N N 82  
GLN N   CA   sing N N 83  
GLN N   H    sing N N 84  
GLN N   H2   sing N N 85  
GLN CA  C    sing N N 86  
GLN CA  CB   sing N N 87  
GLN CA  HA   sing N N 88  
GLN C   O    doub N N 89  
GLN C   OXT  sing N N 90  
GLN CB  CG   sing N N 91  
GLN CB  HB2  sing N N 92  
GLN CB  HB3  sing N N 93  
GLN CG  CD   sing N N 94  
GLN CG  HG2  sing N N 95  
GLN CG  HG3  sing N N 96  
GLN CD  OE1  doub N N 97  
GLN CD  NE2  sing N N 98  
GLN NE2 HE21 sing N N 99  
GLN NE2 HE22 sing N N 100 
GLN OXT HXT  sing N N 101 
GLU N   CA   sing N N 102 
GLU N   H    sing N N 103 
GLU N   H2   sing N N 104 
GLU CA  C    sing N N 105 
GLU CA  CB   sing N N 106 
GLU CA  HA   sing N N 107 
GLU C   O    doub N N 108 
GLU C   OXT  sing N N 109 
GLU CB  CG   sing N N 110 
GLU CB  HB2  sing N N 111 
GLU CB  HB3  sing N N 112 
GLU CG  CD   sing N N 113 
GLU CG  HG2  sing N N 114 
GLU CG  HG3  sing N N 115 
GLU CD  OE1  doub N N 116 
GLU CD  OE2  sing N N 117 
GLU OE2 HE2  sing N N 118 
GLU OXT HXT  sing N N 119 
GLY N   CA   sing N N 120 
GLY N   H    sing N N 121 
GLY N   H2   sing N N 122 
GLY CA  C    sing N N 123 
GLY CA  HA2  sing N N 124 
GLY CA  HA3  sing N N 125 
GLY C   O    doub N N 126 
GLY C   OXT  sing N N 127 
GLY OXT HXT  sing N N 128 
HIS N   CA   sing N N 129 
HIS N   H    sing N N 130 
HIS N   H2   sing N N 131 
HIS CA  C    sing N N 132 
HIS CA  CB   sing N N 133 
HIS CA  HA   sing N N 134 
HIS C   O    doub N N 135 
HIS C   OXT  sing N N 136 
HIS CB  CG   sing N N 137 
HIS CB  HB2  sing N N 138 
HIS CB  HB3  sing N N 139 
HIS CG  ND1  sing Y N 140 
HIS CG  CD2  doub Y N 141 
HIS ND1 CE1  doub Y N 142 
HIS ND1 HD1  sing N N 143 
HIS CD2 NE2  sing Y N 144 
HIS CD2 HD2  sing N N 145 
HIS CE1 NE2  sing Y N 146 
HIS CE1 HE1  sing N N 147 
HIS NE2 HE2  sing N N 148 
HIS OXT HXT  sing N N 149 
HOH O   H1   sing N N 150 
HOH O   H2   sing N N 151 
ILE N   CA   sing N N 152 
ILE N   H    sing N N 153 
ILE N   H2   sing N N 154 
ILE CA  C    sing N N 155 
ILE CA  CB   sing N N 156 
ILE CA  HA   sing N N 157 
ILE C   O    doub N N 158 
ILE C   OXT  sing N N 159 
ILE CB  CG1  sing N N 160 
ILE CB  CG2  sing N N 161 
ILE CB  HB   sing N N 162 
ILE CG1 CD1  sing N N 163 
ILE CG1 HG12 sing N N 164 
ILE CG1 HG13 sing N N 165 
ILE CG2 HG21 sing N N 166 
ILE CG2 HG22 sing N N 167 
ILE CG2 HG23 sing N N 168 
ILE CD1 HD11 sing N N 169 
ILE CD1 HD12 sing N N 170 
ILE CD1 HD13 sing N N 171 
ILE OXT HXT  sing N N 172 
LEU N   CA   sing N N 173 
LEU N   H    sing N N 174 
LEU N   H2   sing N N 175 
LEU CA  C    sing N N 176 
LEU CA  CB   sing N N 177 
LEU CA  HA   sing N N 178 
LEU C   O    doub N N 179 
LEU C   OXT  sing N N 180 
LEU CB  CG   sing N N 181 
LEU CB  HB2  sing N N 182 
LEU CB  HB3  sing N N 183 
LEU CG  CD1  sing N N 184 
LEU CG  CD2  sing N N 185 
LEU CG  HG   sing N N 186 
LEU CD1 HD11 sing N N 187 
LEU CD1 HD12 sing N N 188 
LEU CD1 HD13 sing N N 189 
LEU CD2 HD21 sing N N 190 
LEU CD2 HD22 sing N N 191 
LEU CD2 HD23 sing N N 192 
LEU OXT HXT  sing N N 193 
LYS N   CA   sing N N 194 
LYS N   H    sing N N 195 
LYS N   H2   sing N N 196 
LYS CA  C    sing N N 197 
LYS CA  CB   sing N N 198 
LYS CA  HA   sing N N 199 
LYS C   O    doub N N 200 
LYS C   OXT  sing N N 201 
LYS CB  CG   sing N N 202 
LYS CB  HB2  sing N N 203 
LYS CB  HB3  sing N N 204 
LYS CG  CD   sing N N 205 
LYS CG  HG2  sing N N 206 
LYS CG  HG3  sing N N 207 
LYS CD  CE   sing N N 208 
LYS CD  HD2  sing N N 209 
LYS CD  HD3  sing N N 210 
LYS CE  NZ   sing N N 211 
LYS CE  HE2  sing N N 212 
LYS CE  HE3  sing N N 213 
LYS NZ  HZ1  sing N N 214 
LYS NZ  HZ2  sing N N 215 
LYS NZ  HZ3  sing N N 216 
LYS OXT HXT  sing N N 217 
MSE N   CA   sing N N 218 
MSE N   H    sing N N 219 
MSE N   H2   sing N N 220 
MSE CA  C    sing N N 221 
MSE CA  CB   sing N N 222 
MSE CA  HA   sing N N 223 
MSE C   O    doub N N 224 
MSE C   OXT  sing N N 225 
MSE OXT HXT  sing N N 226 
MSE CB  CG   sing N N 227 
MSE CB  HB2  sing N N 228 
MSE CB  HB3  sing N N 229 
MSE CG  SE   sing N N 230 
MSE CG  HG2  sing N N 231 
MSE CG  HG3  sing N N 232 
MSE SE  CE   sing N N 233 
MSE CE  HE1  sing N N 234 
MSE CE  HE2  sing N N 235 
MSE CE  HE3  sing N N 236 
PHE N   CA   sing N N 237 
PHE N   H    sing N N 238 
PHE N   H2   sing N N 239 
PHE CA  C    sing N N 240 
PHE CA  CB   sing N N 241 
PHE CA  HA   sing N N 242 
PHE C   O    doub N N 243 
PHE C   OXT  sing N N 244 
PHE CB  CG   sing N N 245 
PHE CB  HB2  sing N N 246 
PHE CB  HB3  sing N N 247 
PHE CG  CD1  doub Y N 248 
PHE CG  CD2  sing Y N 249 
PHE CD1 CE1  sing Y N 250 
PHE CD1 HD1  sing N N 251 
PHE CD2 CE2  doub Y N 252 
PHE CD2 HD2  sing N N 253 
PHE CE1 CZ   doub Y N 254 
PHE CE1 HE1  sing N N 255 
PHE CE2 CZ   sing Y N 256 
PHE CE2 HE2  sing N N 257 
PHE CZ  HZ   sing N N 258 
PHE OXT HXT  sing N N 259 
PRO N   CA   sing N N 260 
PRO N   CD   sing N N 261 
PRO N   H    sing N N 262 
PRO CA  C    sing N N 263 
PRO CA  CB   sing N N 264 
PRO CA  HA   sing N N 265 
PRO C   O    doub N N 266 
PRO C   OXT  sing N N 267 
PRO CB  CG   sing N N 268 
PRO CB  HB2  sing N N 269 
PRO CB  HB3  sing N N 270 
PRO CG  CD   sing N N 271 
PRO CG  HG2  sing N N 272 
PRO CG  HG3  sing N N 273 
PRO CD  HD2  sing N N 274 
PRO CD  HD3  sing N N 275 
PRO OXT HXT  sing N N 276 
SER N   CA   sing N N 277 
SER N   H    sing N N 278 
SER N   H2   sing N N 279 
SER CA  C    sing N N 280 
SER CA  CB   sing N N 281 
SER CA  HA   sing N N 282 
SER C   O    doub N N 283 
SER C   OXT  sing N N 284 
SER CB  OG   sing N N 285 
SER CB  HB2  sing N N 286 
SER CB  HB3  sing N N 287 
SER OG  HG   sing N N 288 
SER OXT HXT  sing N N 289 
THR N   CA   sing N N 290 
THR N   H    sing N N 291 
THR N   H2   sing N N 292 
THR CA  C    sing N N 293 
THR CA  CB   sing N N 294 
THR CA  HA   sing N N 295 
THR C   O    doub N N 296 
THR C   OXT  sing N N 297 
THR CB  OG1  sing N N 298 
THR CB  CG2  sing N N 299 
THR CB  HB   sing N N 300 
THR OG1 HG1  sing N N 301 
THR CG2 HG21 sing N N 302 
THR CG2 HG22 sing N N 303 
THR CG2 HG23 sing N N 304 
THR OXT HXT  sing N N 305 
TRP N   CA   sing N N 306 
TRP N   H    sing N N 307 
TRP N   H2   sing N N 308 
TRP CA  C    sing N N 309 
TRP CA  CB   sing N N 310 
TRP CA  HA   sing N N 311 
TRP C   O    doub N N 312 
TRP C   OXT  sing N N 313 
TRP CB  CG   sing N N 314 
TRP CB  HB2  sing N N 315 
TRP CB  HB3  sing N N 316 
TRP CG  CD1  doub Y N 317 
TRP CG  CD2  sing Y N 318 
TRP CD1 NE1  sing Y N 319 
TRP CD1 HD1  sing N N 320 
TRP CD2 CE2  doub Y N 321 
TRP CD2 CE3  sing Y N 322 
TRP NE1 CE2  sing Y N 323 
TRP NE1 HE1  sing N N 324 
TRP CE2 CZ2  sing Y N 325 
TRP CE3 CZ3  doub Y N 326 
TRP CE3 HE3  sing N N 327 
TRP CZ2 CH2  doub Y N 328 
TRP CZ2 HZ2  sing N N 329 
TRP CZ3 CH2  sing Y N 330 
TRP CZ3 HZ3  sing N N 331 
TRP CH2 HH2  sing N N 332 
TRP OXT HXT  sing N N 333 
TYR N   CA   sing N N 334 
TYR N   H    sing N N 335 
TYR N   H2   sing N N 336 
TYR CA  C    sing N N 337 
TYR CA  CB   sing N N 338 
TYR CA  HA   sing N N 339 
TYR C   O    doub N N 340 
TYR C   OXT  sing N N 341 
TYR CB  CG   sing N N 342 
TYR CB  HB2  sing N N 343 
TYR CB  HB3  sing N N 344 
TYR CG  CD1  doub Y N 345 
TYR CG  CD2  sing Y N 346 
TYR CD1 CE1  sing Y N 347 
TYR CD1 HD1  sing N N 348 
TYR CD2 CE2  doub Y N 349 
TYR CD2 HD2  sing N N 350 
TYR CE1 CZ   doub Y N 351 
TYR CE1 HE1  sing N N 352 
TYR CE2 CZ   sing Y N 353 
TYR CE2 HE2  sing N N 354 
TYR CZ  OH   sing N N 355 
TYR OH  HH   sing N N 356 
TYR OXT HXT  sing N N 357 
VAL N   CA   sing N N 358 
VAL N   H    sing N N 359 
VAL N   H2   sing N N 360 
VAL CA  C    sing N N 361 
VAL CA  CB   sing N N 362 
VAL CA  HA   sing N N 363 
VAL C   O    doub N N 364 
VAL C   OXT  sing N N 365 
VAL CB  CG1  sing N N 366 
VAL CB  CG2  sing N N 367 
VAL CB  HB   sing N N 368 
VAL CG1 HG11 sing N N 369 
VAL CG1 HG12 sing N N 370 
VAL CG1 HG13 sing N N 371 
VAL CG2 HG21 sing N N 372 
VAL CG2 HG22 sing N N 373 
VAL CG2 HG23 sing N N 374 
VAL OXT HXT  sing N N 375 
# 
_atom_sites.entry_id                    3RAZ 
_atom_sites.fract_transf_matrix[1][1]   -0.00884512 
_atom_sites.fract_transf_matrix[1][2]   -0.01891432 
_atom_sites.fract_transf_matrix[1][3]   -0.00451980 
_atom_sites.fract_transf_matrix[2][1]   -0.01045651 
_atom_sites.fract_transf_matrix[2][2]   0.00667692 
_atom_sites.fract_transf_matrix[2][3]   -0.00747826 
_atom_sites.fract_transf_matrix[3][1]   0.00986396 
_atom_sites.fract_transf_matrix[3][2]   -0.00659611 
_atom_sites.fract_transf_matrix[3][3]   -0.01968161 
_atom_sites.fract_transf_vector[1]      0.204003 
_atom_sites.fract_transf_vector[2]      0.658292 
_atom_sites.fract_transf_vector[3]      0.306304 
# 
loop_
_atom_type.symbol 
C  
N  
O  
S  
SE 
# 
loop_
_atom_site.group_PDB 
_atom_site.id 
_atom_site.type_symbol 
_atom_site.label_atom_id 
_atom_site.label_alt_id 
_atom_site.label_comp_id 
_atom_site.label_asym_id 
_atom_site.label_entity_id 
_atom_site.label_seq_id 
_atom_site.pdbx_PDB_ins_code 
_atom_site.Cartn_x 
_atom_site.Cartn_y 
_atom_site.Cartn_z 
_atom_site.occupancy 
_atom_site.B_iso_or_equiv 
_atom_site.pdbx_formal_charge 
_atom_site.auth_seq_id 
_atom_site.auth_comp_id 
_atom_site.auth_asym_id 
_atom_site.auth_atom_id 
_atom_site.pdbx_PDB_model_num 
ATOM   1    N  N   . GLU A 1 7   ? 13.333  -5.949  2.736   1.00 39.58 ? 24  GLU A N   1 
ATOM   2    C  CA  . GLU A 1 7   ? 12.955  -5.786  4.142   1.00 40.65 ? 24  GLU A CA  1 
ATOM   3    C  C   . GLU A 1 7   ? 11.436  -5.798  4.349   1.00 40.14 ? 24  GLU A C   1 
ATOM   4    O  O   . GLU A 1 7   ? 10.869  -4.955  5.061   1.00 40.34 ? 24  GLU A O   1 
ATOM   5    C  CB  . GLU A 1 7   ? 13.566  -4.512  4.732   1.00 43.40 ? 24  GLU A CB  1 
ATOM   6    C  CG  . GLU A 1 7   ? 15.089  -4.528  4.798   1.00 46.23 ? 24  GLU A CG  1 
ATOM   7    C  CD  . GLU A 1 7   ? 15.666  -3.356  5.589   1.00 52.90 ? 24  GLU A CD  1 
ATOM   8    O  OE1 . GLU A 1 7   ? 15.013  -2.291  5.647   1.00 53.58 ? 24  GLU A OE1 1 
ATOM   9    O  OE2 . GLU A 1 7   ? 16.777  -3.497  6.152   1.00 54.21 ? 24  GLU A OE2 1 
ATOM   10   N  N   . LEU A 1 8   ? 10.796  -6.779  3.730   1.00 38.61 ? 25  LEU A N   1 
ATOM   11   C  CA  . LEU A 1 8   ? 9.355   -6.955  3.775   1.00 35.94 ? 25  LEU A CA  1 
ATOM   12   C  C   . LEU A 1 8   ? 9.060   -8.430  3.928   1.00 37.49 ? 25  LEU A C   1 
ATOM   13   O  O   . LEU A 1 8   ? 9.753   -9.269  3.341   1.00 36.39 ? 25  LEU A O   1 
ATOM   14   C  CB  . LEU A 1 8   ? 8.721   -6.482  2.467   1.00 34.47 ? 25  LEU A CB  1 
ATOM   15   C  CG  . LEU A 1 8   ? 8.954   -5.020  2.113   1.00 36.30 ? 25  LEU A CG  1 
ATOM   16   C  CD1 . LEU A 1 8   ? 8.510   -4.729  0.685   1.00 33.57 ? 25  LEU A CD1 1 
ATOM   17   C  CD2 . LEU A 1 8   ? 8.212   -4.147  3.119   1.00 32.54 ? 25  LEU A CD2 1 
ATOM   18   N  N   . ALA A 1 9   ? 8.019   -8.742  4.690   1.00 35.50 ? 26  ALA A N   1 
ATOM   19   C  CA  . ALA A 1 9   ? 7.595   -10.120 4.900   1.00 37.49 ? 26  ALA A CA  1 
ATOM   20   C  C   . ALA A 1 9   ? 6.085   -10.161 5.026   1.00 36.78 ? 26  ALA A C   1 
ATOM   21   O  O   . ALA A 1 9   ? 5.461   -9.130  5.273   1.00 34.46 ? 26  ALA A O   1 
ATOM   22   C  CB  . ALA A 1 9   ? 8.234   -10.675 6.157   1.00 39.75 ? 26  ALA A CB  1 
ATOM   23   N  N   . GLY A 1 10  ? 5.497   -11.345 4.864   1.00 36.32 ? 27  GLY A N   1 
ATOM   24   C  CA  . GLY A 1 10  ? 4.081   -11.517 5.137   1.00 36.60 ? 27  GLY A CA  1 
ATOM   25   C  C   . GLY A 1 10  ? 3.842   -11.159 6.596   1.00 40.95 ? 27  GLY A C   1 
ATOM   26   O  O   . GLY A 1 10  ? 4.698   -11.401 7.445   1.00 41.90 ? 27  GLY A O   1 
ATOM   27   N  N   . TRP A 1 11  ? 2.690   -10.580 6.906   1.00 38.22 ? 28  TRP A N   1 
ATOM   28   C  CA  . TRP A 1 11  ? 2.486   -10.076 8.260   1.00 42.32 ? 28  TRP A CA  1 
ATOM   29   C  C   . TRP A 1 11  ? 2.413   -11.238 9.240   1.00 43.88 ? 28  TRP A C   1 
ATOM   30   O  O   . TRP A 1 11  ? 2.915   -11.146 10.353  1.00 42.57 ? 28  TRP A O   1 
ATOM   31   C  CB  . TRP A 1 11  ? 1.245   -9.187  8.346   1.00 38.51 ? 28  TRP A CB  1 
ATOM   32   C  CG  . TRP A 1 11  ? -0.048  -9.917  8.118   1.00 39.85 ? 28  TRP A CG  1 
ATOM   33   C  CD1 . TRP A 1 11  ? -0.678  -10.132 6.922   1.00 41.56 ? 28  TRP A CD1 1 
ATOM   34   C  CD2 . TRP A 1 11  ? -0.867  -10.525 9.118   1.00 40.98 ? 28  TRP A CD2 1 
ATOM   35   N  NE1 . TRP A 1 11  ? -1.838  -10.843 7.122   1.00 43.86 ? 28  TRP A NE1 1 
ATOM   36   C  CE2 . TRP A 1 11  ? -1.980  -11.090 8.463   1.00 42.31 ? 28  TRP A CE2 1 
ATOM   37   C  CE3 . TRP A 1 11  ? -0.770  -10.645 10.509  1.00 41.82 ? 28  TRP A CE3 1 
ATOM   38   C  CZ2 . TRP A 1 11  ? -2.986  -11.766 9.152   1.00 45.43 ? 28  TRP A CZ2 1 
ATOM   39   C  CZ3 . TRP A 1 11  ? -1.769  -11.317 11.190  1.00 41.15 ? 28  TRP A CZ3 1 
ATOM   40   C  CH2 . TRP A 1 11  ? -2.860  -11.869 10.513  1.00 43.15 ? 28  TRP A CH2 1 
ATOM   41   N  N   . LYS A 1 12  ? 1.815   -12.339 8.792   1.00 44.11 ? 29  LYS A N   1 
ATOM   42   C  CA  . LYS A 1 12  ? 1.657   -13.534 9.611   1.00 46.02 ? 29  LYS A CA  1 
ATOM   43   C  C   . LYS A 1 12  ? 2.870   -14.445 9.569   1.00 47.65 ? 29  LYS A C   1 
ATOM   44   O  O   . LYS A 1 12  ? 3.453   -14.789 10.601  1.00 48.93 ? 29  LYS A O   1 
ATOM   45   C  CB  . LYS A 1 12  ? 0.460   -14.342 9.123   1.00 46.38 ? 29  LYS A CB  1 
ATOM   46   C  CG  . LYS A 1 12  ? 0.267   -15.639 9.888   1.00 53.31 ? 29  LYS A CG  1 
ATOM   47   C  CD  . LYS A 1 12  ? -0.908  -16.434 9.345   1.00 54.32 ? 29  LYS A CD  1 
ATOM   48   C  CE  . LYS A 1 12  ? -2.067  -15.523 8.960   1.00 53.96 ? 29  LYS A CE  1 
ATOM   49   N  NZ  . LYS A 1 12  ? -3.116  -16.259 8.196   1.00 60.57 ? 29  LYS A NZ  1 
ATOM   50   N  N   . ASP A 1 13  ? 3.232   -14.841 8.356   1.00 49.07 ? 30  ASP A N   1 
ATOM   51   C  CA  . ASP A 1 13  ? 4.211   -15.899 8.144   1.00 48.25 ? 30  ASP A CA  1 
ATOM   52   C  C   . ASP A 1 13  ? 5.677   -15.471 8.322   1.00 47.20 ? 30  ASP A C   1 
ATOM   53   O  O   . ASP A 1 13  ? 6.538   -16.309 8.573   1.00 49.28 ? 30  ASP A O   1 
ATOM   54   C  CB  . ASP A 1 13  ? 3.976   -16.586 6.777   1.00 49.99 ? 30  ASP A CB  1 
ATOM   55   C  CG  . ASP A 1 13  ? 3.626   -15.594 5.655   1.00 48.94 ? 30  ASP A CG  1 
ATOM   56   O  OD1 . ASP A 1 13  ? 4.007   -14.413 5.758   1.00 47.78 ? 30  ASP A OD1 1 
ATOM   57   O  OD2 . ASP A 1 13  ? 2.983   -15.997 4.658   1.00 48.12 ? 30  ASP A OD2 1 
ATOM   58   N  N   . ASN A 1 14  ? 5.951   -14.174 8.238   1.00 43.77 ? 31  ASN A N   1 
ATOM   59   C  CA  . ASN A 1 14  ? 7.325   -13.671 8.147   1.00 44.02 ? 31  ASN A CA  1 
ATOM   60   C  C   . ASN A 1 14  ? 7.984   -14.140 6.856   1.00 42.72 ? 31  ASN A C   1 
ATOM   61   O  O   . ASN A 1 14  ? 9.205   -14.132 6.735   1.00 42.06 ? 31  ASN A O   1 
ATOM   62   C  CB  . ASN A 1 14  ? 8.178   -14.072 9.359   1.00 43.01 ? 31  ASN A CB  1 
ATOM   63   C  CG  . ASN A 1 14  ? 9.145   -12.967 9.787   1.00 47.78 ? 31  ASN A CG  1 
ATOM   64   O  OD1 . ASN A 1 14  ? 10.120  -13.207 10.504  1.00 50.52 ? 31  ASN A OD1 1 
ATOM   65   N  ND2 . ASN A 1 14  ? 8.865   -11.746 9.359   1.00 45.83 ? 31  ASN A ND2 1 
ATOM   66   N  N   . THR A 1 15  ? 7.154   -14.552 5.902   1.00 43.10 ? 32  THR A N   1 
ATOM   67   C  CA  . THR A 1 15  ? 7.593   -14.965 4.569   1.00 41.84 ? 32  THR A CA  1 
ATOM   68   C  C   . THR A 1 15  ? 8.211   -13.822 3.771   1.00 41.61 ? 32  THR A C   1 
ATOM   69   O  O   . THR A 1 15  ? 7.534   -12.850 3.448   1.00 40.81 ? 32  THR A O   1 
ATOM   70   C  CB  . THR A 1 15  ? 6.410   -15.472 3.766   1.00 42.01 ? 32  THR A CB  1 
ATOM   71   O  OG1 . THR A 1 15  ? 5.953   -16.696 4.338   1.00 48.08 ? 32  THR A OG1 1 
ATOM   72   C  CG2 . THR A 1 15  ? 6.809   -15.711 2.319   1.00 43.65 ? 32  THR A CG2 1 
ATOM   73   N  N   . PRO A 1 16  ? 9.491   -13.952 3.404   1.00 41.77 ? 33  PRO A N   1 
ATOM   74   C  CA  . PRO A 1 16  ? 10.119  -12.827 2.706   1.00 39.19 ? 33  PRO A CA  1 
ATOM   75   C  C   . PRO A 1 16  ? 9.277   -12.406 1.504   1.00 38.14 ? 33  PRO A C   1 
ATOM   76   O  O   . PRO A 1 16  ? 8.694   -13.259 0.831   1.00 39.81 ? 33  PRO A O   1 
ATOM   77   C  CB  . PRO A 1 16  ? 11.473  -13.394 2.268   1.00 40.45 ? 33  PRO A CB  1 
ATOM   78   C  CG  . PRO A 1 16  ? 11.740  -14.520 3.225   1.00 39.33 ? 33  PRO A CG  1 
ATOM   79   C  CD  . PRO A 1 16  ? 10.390  -15.112 3.523   1.00 38.92 ? 33  PRO A CD  1 
ATOM   80   N  N   . GLN A 1 17  ? 9.187   -11.101 1.266   1.00 34.90 ? 34  GLN A N   1 
ATOM   81   C  CA  . GLN A 1 17  ? 8.431   -10.569 0.133   1.00 35.65 ? 34  GLN A CA  1 
ATOM   82   C  C   . GLN A 1 17  ? 9.210   -9.432  -0.509  1.00 35.36 ? 34  GLN A C   1 
ATOM   83   O  O   . GLN A 1 17  ? 10.132  -8.883  0.089   1.00 35.54 ? 34  GLN A O   1 
ATOM   84   C  CB  . GLN A 1 17  ? 7.068   -10.040 0.583   1.00 36.08 ? 34  GLN A CB  1 
ATOM   85   C  CG  . GLN A 1 17  ? 6.225   -11.020 1.392   1.00 36.44 ? 34  GLN A CG  1 
ATOM   86   C  CD  . GLN A 1 17  ? 5.575   -12.066 0.522   1.00 37.87 ? 34  GLN A CD  1 
ATOM   87   O  OE1 . GLN A 1 17  ? 5.335   -11.838 -0.664  1.00 35.48 ? 34  GLN A OE1 1 
ATOM   88   N  NE2 . GLN A 1 17  ? 5.259   -13.216 1.112   1.00 42.00 ? 34  GLN A NE2 1 
ATOM   89   N  N   . SER A 1 18  ? 8.834   -9.059  -1.723  1.00 36.07 ? 35  SER A N   1 
ATOM   90   C  CA  . SER A 1 18  ? 9.460   -7.897  -2.332  1.00 38.65 ? 35  SER A CA  1 
ATOM   91   C  C   . SER A 1 18  ? 8.668   -7.320  -3.493  1.00 36.05 ? 35  SER A C   1 
ATOM   92   O  O   . SER A 1 18  ? 7.955   -8.021  -4.199  1.00 35.47 ? 35  SER A O   1 
ATOM   93   C  CB  . SER A 1 18  ? 10.907  -8.203  -2.745  1.00 40.50 ? 35  SER A CB  1 
ATOM   94   O  OG  . SER A 1 18  ? 11.000  -8.543  -4.110  1.00 40.54 ? 35  SER A OG  1 
ATOM   95   N  N   . LEU A 1 19  ? 8.805   -6.015  -3.667  1.00 37.31 ? 36  LEU A N   1 
ATOM   96   C  CA  . LEU A 1 19  ? 8.140   -5.301  -4.739  1.00 37.34 ? 36  LEU A CA  1 
ATOM   97   C  C   . LEU A 1 19  ? 8.401   -5.975  -6.071  1.00 40.24 ? 36  LEU A C   1 
ATOM   98   O  O   . LEU A 1 19  ? 7.611   -5.865  -7.000  1.00 40.36 ? 36  LEU A O   1 
ATOM   99   C  CB  . LEU A 1 19  ? 8.665   -3.878  -4.785  1.00 40.59 ? 36  LEU A CB  1 
ATOM   100  C  CG  . LEU A 1 19  ? 8.390   -3.077  -3.520  1.00 36.98 ? 36  LEU A CG  1 
ATOM   101  C  CD1 . LEU A 1 19  ? 8.811   -1.634  -3.743  1.00 40.74 ? 36  LEU A CD1 1 
ATOM   102  C  CD2 . LEU A 1 19  ? 6.921   -3.166  -3.176  1.00 35.63 ? 36  LEU A CD2 1 
ATOM   103  N  N   . GLN A 1 20  ? 9.529   -6.672  -6.147  1.00 41.63 ? 37  GLN A N   1 
ATOM   104  C  CA  . GLN A 1 20  ? 9.959   -7.346  -7.364  1.00 41.48 ? 37  GLN A CA  1 
ATOM   105  C  C   . GLN A 1 20  ? 8.978   -8.438  -7.796  1.00 40.26 ? 37  GLN A C   1 
ATOM   106  O  O   . GLN A 1 20  ? 8.991   -8.866  -8.942  1.00 42.08 ? 37  GLN A O   1 
ATOM   107  C  CB  . GLN A 1 20  ? 11.367  -7.928  -7.171  1.00 42.31 ? 37  GLN A CB  1 
ATOM   108  C  CG  . GLN A 1 20  ? 12.511  -6.992  -7.568  1.00 45.79 ? 37  GLN A CG  1 
ATOM   109  C  CD  . GLN A 1 20  ? 12.761  -5.844  -6.582  1.00 50.36 ? 37  GLN A CD  1 
ATOM   110  O  OE1 . GLN A 1 20  ? 13.517  -4.915  -6.881  1.00 54.49 ? 37  GLN A OE1 1 
ATOM   111  N  NE2 . GLN A 1 20  ? 12.141  -5.910  -5.410  1.00 46.03 ? 37  GLN A NE2 1 
ATOM   112  N  N   . SER A 1 21  ? 8.121   -8.870  -6.877  1.00 39.16 ? 38  SER A N   1 
ATOM   113  C  CA  . SER A 1 21  ? 7.119   -9.893  -7.171  1.00 37.76 ? 38  SER A CA  1 
ATOM   114  C  C   . SER A 1 21  ? 5.880   -9.294  -7.816  1.00 38.19 ? 38  SER A C   1 
ATOM   115  O  O   . SER A 1 21  ? 4.985   -10.021 -8.243  1.00 36.38 ? 38  SER A O   1 
ATOM   116  C  CB  . SER A 1 21  ? 6.702   -10.613 -5.894  1.00 40.32 ? 38  SER A CB  1 
ATOM   117  O  OG  . SER A 1 21  ? 6.091   -9.706  -4.979  1.00 38.46 ? 38  SER A OG  1 
ATOM   118  N  N   . LEU A 1 22  ? 5.806   -7.969  -7.874  1.00 36.24 ? 39  LEU A N   1 
ATOM   119  C  CA  . LEU A 1 22  ? 4.606   -7.345  -8.416  1.00 36.94 ? 39  LEU A CA  1 
ATOM   120  C  C   . LEU A 1 22  ? 4.806   -6.992  -9.886  1.00 36.61 ? 39  LEU A C   1 
ATOM   121  O  O   . LEU A 1 22  ? 5.743   -6.261  -10.240 1.00 37.38 ? 39  LEU A O   1 
ATOM   122  C  CB  . LEU A 1 22  ? 4.217   -6.124  -7.593  1.00 33.80 ? 39  LEU A CB  1 
ATOM   123  C  CG  . LEU A 1 22  ? 4.287   -6.375  -6.087  1.00 35.90 ? 39  LEU A CG  1 
ATOM   124  C  CD1 . LEU A 1 22  ? 4.290   -5.045  -5.330  1.00 37.71 ? 39  LEU A CD1 1 
ATOM   125  C  CD2 . LEU A 1 22  ? 3.154   -7.292  -5.599  1.00 32.52 ? 39  LEU A CD2 1 
ATOM   126  N  N   . LYS A 1 23  ? 3.894   -7.492  -10.717 1.00 34.39 ? 40  LYS A N   1 
ATOM   127  C  CA  . LYS A 1 23  ? 4.078   -7.568  -12.164 1.00 36.54 ? 40  LYS A CA  1 
ATOM   128  C  C   . LYS A 1 23  ? 3.189   -6.641  -12.987 1.00 33.38 ? 40  LYS A C   1 
ATOM   129  O  O   . LYS A 1 23  ? 3.511   -6.325  -14.142 1.00 29.84 ? 40  LYS A O   1 
ATOM   130  C  CB  . LYS A 1 23  ? 3.828   -9.007  -12.619 1.00 36.00 ? 40  LYS A CB  1 
ATOM   131  C  CG  . LYS A 1 23  ? 4.773   -10.010 -12.006 1.00 40.33 ? 40  LYS A CG  1 
ATOM   132  C  CD  . LYS A 1 23  ? 6.201   -9.696  -12.414 1.00 38.83 ? 40  LYS A CD  1 
ATOM   133  C  CE  . LYS A 1 23  ? 7.136   -10.851 -12.072 1.00 42.23 ? 40  LYS A CE  1 
ATOM   134  N  NZ  . LYS A 1 23  ? 7.368   -10.941 -10.606 1.00 44.88 ? 40  LYS A NZ  1 
ATOM   135  N  N   . ALA A 1 24  ? 2.058   -6.233  -12.423 1.00 28.69 ? 41  ALA A N   1 
ATOM   136  C  CA  . ALA A 1 24  ? 1.174   -5.337  -13.141 1.00 29.04 ? 41  ALA A CA  1 
ATOM   137  C  C   . ALA A 1 24  ? 1.953   -4.100  -13.590 1.00 27.06 ? 41  ALA A C   1 
ATOM   138  O  O   . ALA A 1 24  ? 2.999   -3.791  -13.037 1.00 27.51 ? 41  ALA A O   1 
ATOM   139  C  CB  . ALA A 1 24  ? -0.003  -4.943  -12.283 1.00 27.97 ? 41  ALA A CB  1 
ATOM   140  N  N   . PRO A 1 25  ? 1.444   -3.403  -14.611 1.00 25.65 ? 42  PRO A N   1 
ATOM   141  C  CA  . PRO A 1 25  ? 2.022   -2.145  -15.102 1.00 26.70 ? 42  PRO A CA  1 
ATOM   142  C  C   . PRO A 1 25  ? 1.893   -1.014  -14.063 1.00 25.22 ? 42  PRO A C   1 
ATOM   143  O  O   . PRO A 1 25  ? 2.715   -0.095  -14.049 1.00 21.35 ? 42  PRO A O   1 
ATOM   144  C  CB  . PRO A 1 25  ? 1.144   -1.795  -16.300 1.00 28.83 ? 42  PRO A CB  1 
ATOM   145  C  CG  . PRO A 1 25  ? 0.214   -2.952  -16.503 1.00 30.33 ? 42  PRO A CG  1 
ATOM   146  C  CD  . PRO A 1 25  ? 0.166   -3.727  -15.257 1.00 27.25 ? 42  PRO A CD  1 
ATOM   147  N  N   . VAL A 1 26  ? 0.860   -1.079  -13.229 1.00 24.57 ? 43  VAL A N   1 
ATOM   148  C  CA  . VAL A 1 26  ? 0.649   -0.056  -12.188 1.00 22.40 ? 43  VAL A CA  1 
ATOM   149  C  C   . VAL A 1 26  ? 0.644   -0.696  -10.815 1.00 25.41 ? 43  VAL A C   1 
ATOM   150  O  O   . VAL A 1 26  ? 0.100   -1.795  -10.619 1.00 24.22 ? 43  VAL A O   1 
ATOM   151  C  CB  . VAL A 1 26  ? -0.641  0.741   -12.406 1.00 25.19 ? 43  VAL A CB  1 
ATOM   152  C  CG1 . VAL A 1 26  ? -0.906  1.727   -11.229 1.00 22.07 ? 43  VAL A CG1 1 
ATOM   153  C  CG2 . VAL A 1 26  ? -0.572  1.494   -13.730 1.00 24.40 ? 43  VAL A CG2 1 
ATOM   154  N  N   . ARG A 1 27  ? 1.267   -0.007  -9.866  1.00 23.09 ? 44  ARG A N   1 
ATOM   155  C  CA  . ARG A 1 27  ? 1.478   -0.530  -8.544  1.00 23.81 ? 44  ARG A CA  1 
ATOM   156  C  C   . ARG A 1 27  ? 1.079   0.525   -7.511  1.00 25.60 ? 44  ARG A C   1 
ATOM   157  O  O   . ARG A 1 27  ? 1.449   1.678   -7.636  1.00 23.54 ? 44  ARG A O   1 
ATOM   158  C  CB  . ARG A 1 27  ? 2.947   -0.886  -8.391  1.00 26.98 ? 44  ARG A CB  1 
ATOM   159  C  CG  . ARG A 1 27  ? 3.296   -1.573  -7.081  1.00 31.47 ? 44  ARG A CG  1 
ATOM   160  C  CD  . ARG A 1 27  ? 4.747   -1.977  -7.089  1.00 34.54 ? 44  ARG A CD  1 
ATOM   161  N  NE  . ARG A 1 27  ? 5.615   -0.853  -6.776  1.00 37.75 ? 44  ARG A NE  1 
ATOM   162  C  CZ  . ARG A 1 27  ? 6.911   -0.796  -7.075  1.00 42.88 ? 44  ARG A CZ  1 
ATOM   163  N  NH1 . ARG A 1 27  ? 7.495   -1.803  -7.719  1.00 39.79 ? 44  ARG A NH1 1 
ATOM   164  N  NH2 . ARG A 1 27  ? 7.619   0.278   -6.737  1.00 42.43 ? 44  ARG A NH2 1 
ATOM   165  N  N   . ILE A 1 28  ? 0.311   0.121   -6.508  1.00 24.53 ? 45  ILE A N   1 
ATOM   166  C  CA  . ILE A 1 28  ? -0.135  1.030   -5.441  1.00 22.81 ? 45  ILE A CA  1 
ATOM   167  C  C   . ILE A 1 28  ? 0.394   0.509   -4.131  1.00 23.07 ? 45  ILE A C   1 
ATOM   168  O  O   . ILE A 1 28  ? 0.081   -0.614  -3.726  1.00 23.81 ? 45  ILE A O   1 
ATOM   169  C  CB  . ILE A 1 28  ? -1.641  1.040   -5.338  1.00 23.24 ? 45  ILE A CB  1 
ATOM   170  C  CG1 . ILE A 1 28  ? -2.241  1.654   -6.588  1.00 23.64 ? 45  ILE A CG1 1 
ATOM   171  C  CG2 . ILE A 1 28  ? -2.109  1.814   -4.076  1.00 28.01 ? 45  ILE A CG2 1 
ATOM   172  C  CD1 . ILE A 1 28  ? -3.736  1.692   -6.565  1.00 27.36 ? 45  ILE A CD1 1 
ATOM   173  N  N   . VAL A 1 29  ? 1.222   1.298   -3.470  1.00 19.62 ? 46  VAL A N   1 
ATOM   174  C  CA  . VAL A 1 29  ? 1.720   0.895   -2.181  1.00 22.01 ? 46  VAL A CA  1 
ATOM   175  C  C   . VAL A 1 29  ? 1.119   1.812   -1.115  1.00 25.66 ? 46  VAL A C   1 
ATOM   176  O  O   . VAL A 1 29  ? 1.169   3.027   -1.247  1.00 22.22 ? 46  VAL A O   1 
ATOM   177  C  CB  . VAL A 1 29  ? 3.235   0.934   -2.131  1.00 22.30 ? 46  VAL A CB  1 
ATOM   178  C  CG1 . VAL A 1 29  ? 3.707   0.665   -0.697  1.00 26.37 ? 46  VAL A CG1 1 
ATOM   179  C  CG2 . VAL A 1 29  ? 3.829   -0.104  -3.110  1.00 25.86 ? 46  VAL A CG2 1 
ATOM   180  N  N   . ASN A 1 30  ? 0.511   1.221   -0.093  1.00 26.03 ? 47  ASN A N   1 
ATOM   181  C  CA  . ASN A 1 30  ? -0.055  1.992   1.029   1.00 27.30 ? 47  ASN A CA  1 
ATOM   182  C  C   . ASN A 1 30  ? 0.769   1.687   2.266   1.00 26.99 ? 47  ASN A C   1 
ATOM   183  O  O   . ASN A 1 30  ? 0.918   0.535   2.643   1.00 28.32 ? 47  ASN A O   1 
ATOM   184  C  CB  . ASN A 1 30  ? -1.527  1.610   1.250   1.00 25.60 ? 47  ASN A CB  1 
ATOM   185  C  CG  . ASN A 1 30  ? -2.131  2.216   2.538   1.00 31.72 ? 47  ASN A CG  1 
ATOM   186  O  OD1 . ASN A 1 30  ? -2.312  3.435   2.662   1.00 28.27 ? 47  ASN A OD1 1 
ATOM   187  N  ND2 . ASN A 1 30  ? -2.478  1.349   3.479   1.00 31.16 ? 47  ASN A ND2 1 
ATOM   188  N  N   . LEU A 1 31  ? 1.364   2.697   2.875   1.00 23.36 ? 48  LEU A N   1 
ATOM   189  C  CA  . LEU A 1 31  ? 2.059   2.451   4.113   1.00 27.08 ? 48  LEU A CA  1 
ATOM   190  C  C   . LEU A 1 31  ? 1.102   2.840   5.240   1.00 27.54 ? 48  LEU A C   1 
ATOM   191  O  O   . LEU A 1 31  ? 0.439   3.885   5.169   1.00 27.04 ? 48  LEU A O   1 
ATOM   192  C  CB  . LEU A 1 31  ? 3.347   3.259   4.202   1.00 28.28 ? 48  LEU A CB  1 
ATOM   193  C  CG  . LEU A 1 31  ? 4.388   3.151   3.080   1.00 28.57 ? 48  LEU A CG  1 
ATOM   194  C  CD1 . LEU A 1 31  ? 5.544   4.081   3.376   1.00 29.17 ? 48  LEU A CD1 1 
ATOM   195  C  CD2 . LEU A 1 31  ? 4.865   1.706   2.886   1.00 29.07 ? 48  LEU A CD2 1 
ATOM   196  N  N   . TRP A 1 32  ? 1.027   2.007   6.268   1.00 27.32 ? 49  TRP A N   1 
ATOM   197  C  CA  . TRP A 1 32  ? 0.062   2.236   7.328   1.00 27.50 ? 49  TRP A CA  1 
ATOM   198  C  C   . TRP A 1 32  ? 0.469   1.594   8.647   1.00 31.68 ? 49  TRP A C   1 
ATOM   199  O  O   . TRP A 1 32  ? 1.550   1.001   8.774   1.00 28.30 ? 49  TRP A O   1 
ATOM   200  C  CB  . TRP A 1 32  ? -1.293  1.682   6.910   1.00 27.91 ? 49  TRP A CB  1 
ATOM   201  C  CG  . TRP A 1 32  ? -1.307  0.169   6.869   1.00 29.23 ? 49  TRP A CG  1 
ATOM   202  C  CD1 . TRP A 1 32  ? -0.667  -0.632  5.961   1.00 29.33 ? 49  TRP A CD1 1 
ATOM   203  C  CD2 . TRP A 1 32  ? -1.987  -0.716  7.772   1.00 28.52 ? 49  TRP A CD2 1 
ATOM   204  N  NE1 . TRP A 1 32  ? -0.924  -1.960  6.237   1.00 30.02 ? 49  TRP A NE1 1 
ATOM   205  C  CE2 . TRP A 1 32  ? -1.722  -2.035  7.347   1.00 29.53 ? 49  TRP A CE2 1 
ATOM   206  C  CE3 . TRP A 1 32  ? -2.794  -0.521  8.898   1.00 31.07 ? 49  TRP A CE3 1 
ATOM   207  C  CZ2 . TRP A 1 32  ? -2.230  -3.151  8.012   1.00 30.14 ? 49  TRP A CZ2 1 
ATOM   208  C  CZ3 . TRP A 1 32  ? -3.308  -1.626  9.550   1.00 31.44 ? 49  TRP A CZ3 1 
ATOM   209  C  CH2 . TRP A 1 32  ? -3.026  -2.927  9.107   1.00 31.89 ? 49  TRP A CH2 1 
ATOM   210  N  N   . ALA A 1 33  ? -0.421  1.727   9.635   1.00 29.39 ? 50  ALA A N   1 
ATOM   211  C  CA  . ALA A 1 33  ? -0.225  1.123   10.939  1.00 31.00 ? 50  ALA A CA  1 
ATOM   212  C  C   . ALA A 1 33  ? -1.555  1.129   11.685  1.00 31.31 ? 50  ALA A C   1 
ATOM   213  O  O   . ALA A 1 33  ? -2.452  1.913   11.381  1.00 31.78 ? 50  ALA A O   1 
ATOM   214  C  CB  . ALA A 1 33  ? 0.848   1.853   11.718  1.00 34.47 ? 50  ALA A CB  1 
ATOM   215  N  N   . THR A 1 34  ? -1.687  0.231   12.644  1.00 32.51 ? 51  THR A N   1 
ATOM   216  C  CA  . THR A 1 34  ? -2.974  -0.005  13.288  1.00 33.98 ? 51  THR A CA  1 
ATOM   217  C  C   . THR A 1 34  ? -3.376  1.128   14.240  1.00 35.60 ? 51  THR A C   1 
ATOM   218  O  O   . THR A 1 34  ? -4.531  1.217   14.635  1.00 35.98 ? 51  THR A O   1 
ATOM   219  C  CB  . THR A 1 34  ? -2.964  -1.332  14.056  1.00 36.13 ? 51  THR A CB  1 
ATOM   220  O  OG1 . THR A 1 34  ? -2.061  -1.218  15.158  1.00 38.82 ? 51  THR A OG1 1 
ATOM   221  C  CG2 . THR A 1 34  ? -2.495  -2.476  13.135  1.00 36.94 ? 51  THR A CG2 1 
ATOM   222  N  N   . TRP A 1 35  ? -2.434  1.989   14.605  1.00 32.87 ? 52  TRP A N   1 
ATOM   223  C  CA  . TRP A 1 35  ? -2.772  3.136   15.465  1.00 40.13 ? 52  TRP A CA  1 
ATOM   224  C  C   . TRP A 1 35  ? -3.086  4.362   14.626  1.00 39.95 ? 52  TRP A C   1 
ATOM   225  O  O   . TRP A 1 35  ? -3.249  5.459   15.148  1.00 37.23 ? 52  TRP A O   1 
ATOM   226  C  CB  . TRP A 1 35  ? -1.627  3.466   16.415  1.00 37.28 ? 52  TRP A CB  1 
ATOM   227  C  CG  . TRP A 1 35  ? -0.286  3.422   15.749  1.00 41.87 ? 52  TRP A CG  1 
ATOM   228  C  CD1 . TRP A 1 35  ? 0.715   2.519   15.981  1.00 43.20 ? 52  TRP A CD1 1 
ATOM   229  C  CD2 . TRP A 1 35  ? 0.199   4.306   14.722  1.00 38.70 ? 52  TRP A CD2 1 
ATOM   230  N  NE1 . TRP A 1 35  ? 1.794   2.794   15.175  1.00 43.67 ? 52  TRP A NE1 1 
ATOM   231  C  CE2 . TRP A 1 35  ? 1.502   3.883   14.393  1.00 41.12 ? 52  TRP A CE2 1 
ATOM   232  C  CE3 . TRP A 1 35  ? -0.343  5.409   14.052  1.00 40.21 ? 52  TRP A CE3 1 
ATOM   233  C  CZ2 . TRP A 1 35  ? 2.275   4.529   13.427  1.00 42.05 ? 52  TRP A CZ2 1 
ATOM   234  C  CZ3 . TRP A 1 35  ? 0.418   6.038   13.084  1.00 40.80 ? 52  TRP A CZ3 1 
ATOM   235  C  CH2 . TRP A 1 35  ? 1.714   5.603   12.789  1.00 43.22 ? 52  TRP A CH2 1 
ATOM   236  N  N   . CYS A 1 36  ? -3.150  4.168   13.314  1.00 36.58 ? 53  CYS A N   1 
ATOM   237  C  CA  . CYS A 1 36  ? -3.438  5.257   12.409  1.00 35.26 ? 53  CYS A CA  1 
ATOM   238  C  C   . CYS A 1 36  ? -4.914  5.300   12.080  1.00 37.63 ? 53  CYS A C   1 
ATOM   239  O  O   . CYS A 1 36  ? -5.399  4.499   11.302  1.00 41.06 ? 53  CYS A O   1 
ATOM   240  C  CB  . CYS A 1 36  ? -2.602  5.097   11.133  1.00 42.27 ? 53  CYS A CB  1 
ATOM   241  S  SG  . CYS A 1 36  ? -3.130  6.160   9.794   1.00 46.53 ? 53  CYS A SG  1 
ATOM   242  N  N   . GLY A 1 37  ? -5.647  6.219   12.705  1.00 41.49 ? 54  GLY A N   1 
ATOM   243  C  CA  . GLY A 1 37  ? -7.076  6.330   12.477  1.00 38.14 ? 54  GLY A CA  1 
ATOM   244  C  C   . GLY A 1 37  ? -7.416  6.709   11.045  1.00 40.59 ? 54  GLY A C   1 
ATOM   245  O  O   . GLY A 1 37  ? -8.393  6.216   10.476  1.00 42.61 ? 54  GLY A O   1 
ATOM   246  N  N   . PRO A 1 38  ? -6.627  7.618   10.459  1.00 38.46 ? 55  PRO A N   1 
ATOM   247  C  CA  . PRO A 1 38  ? -6.866  7.970   9.059   1.00 42.48 ? 55  PRO A CA  1 
ATOM   248  C  C   . PRO A 1 38  ? -6.598  6.778   8.128   1.00 44.12 ? 55  PRO A C   1 
ATOM   249  O  O   . PRO A 1 38  ? -7.436  6.514   7.264   1.00 46.73 ? 55  PRO A O   1 
ATOM   250  C  CB  . PRO A 1 38  ? -5.864  9.101   8.813   1.00 42.74 ? 55  PRO A CB  1 
ATOM   251  C  CG  . PRO A 1 38  ? -5.654  9.709   10.182  1.00 43.39 ? 55  PRO A CG  1 
ATOM   252  C  CD  . PRO A 1 38  ? -5.651  8.523   11.093  1.00 42.85 ? 55  PRO A CD  1 
ATOM   253  N  N   . CYS A 1 39  ? -5.477  6.072   8.305   1.00 42.37 ? 56  CYS A N   1 
ATOM   254  C  CA  . CYS A 1 39  ? -5.210  4.864   7.496   1.00 42.81 ? 56  CYS A CA  1 
ATOM   255  C  C   . CYS A 1 39  ? -6.381  3.917   7.634   1.00 41.03 ? 56  CYS A C   1 
ATOM   256  O  O   . CYS A 1 39  ? -6.843  3.346   6.661   1.00 45.35 ? 56  CYS A O   1 
ATOM   257  C  CB  . CYS A 1 39  ? -3.964  4.107   7.957   1.00 35.97 ? 56  CYS A CB  1 
ATOM   258  S  SG  . CYS A 1 39  ? -2.440  5.064   8.188   1.00 43.85 ? 56  CYS A SG  1 
ATOM   259  N  N   . ARG A 1 40  ? -6.861  3.758   8.859   1.00 42.46 ? 57  ARG A N   1 
ATOM   260  C  CA  . ARG A 1 40  ? -7.913  2.790   9.147   1.00 45.93 ? 57  ARG A CA  1 
ATOM   261  C  C   . ARG A 1 40  ? -9.244  3.193   8.521   1.00 47.48 ? 57  ARG A C   1 
ATOM   262  O  O   . ARG A 1 40  ? -10.129 2.363   8.297   1.00 47.99 ? 57  ARG A O   1 
ATOM   263  C  CB  . ARG A 1 40  ? -8.078  2.628   10.662  1.00 47.08 ? 57  ARG A CB  1 
ATOM   264  C  CG  . ARG A 1 40  ? -6.873  2.011   11.381  1.00 44.82 ? 57  ARG A CG  1 
ATOM   265  C  CD  . ARG A 1 40  ? -7.101  2.003   12.902  1.00 43.40 ? 57  ARG A CD  1 
ATOM   266  N  NE  . ARG A 1 40  ? -8.271  1.204   13.269  1.00 47.03 ? 57  ARG A NE  1 
ATOM   267  C  CZ  . ARG A 1 40  ? -8.243  0.190   14.132  1.00 45.82 ? 57  ARG A CZ  1 
ATOM   268  N  NH1 . ARG A 1 40  ? -7.111  -0.139  14.740  1.00 41.86 ? 57  ARG A NH1 1 
ATOM   269  N  NH2 . ARG A 1 40  ? -9.353  -0.486  14.397  1.00 46.02 ? 57  ARG A NH2 1 
ATOM   270  N  N   . LYS A 1 41  ? -9.395  4.482   8.259   1.00 48.46 ? 58  LYS A N   1 
ATOM   271  C  CA  . LYS A 1 41  ? -10.619 4.962   7.651   1.00 48.02 ? 58  LYS A CA  1 
ATOM   272  C  C   . LYS A 1 41  ? -10.615 4.593   6.160   1.00 48.65 ? 58  LYS A C   1 
ATOM   273  O  O   . LYS A 1 41  ? -11.623 4.112   5.636   1.00 45.04 ? 58  LYS A O   1 
ATOM   274  C  CB  . LYS A 1 41  ? -10.752 6.474   7.862   1.00 50.13 ? 58  LYS A CB  1 
ATOM   275  C  CG  . LYS A 1 41  ? -12.158 7.022   7.649   1.00 54.22 ? 58  LYS A CG  1 
ATOM   276  C  CD  . LYS A 1 41  ? -12.168 8.547   7.539   1.00 55.33 ? 58  LYS A CD  1 
ATOM   277  C  CE  . LYS A 1 41  ? -13.591 9.085   7.389   1.00 59.36 ? 58  LYS A CE  1 
ATOM   278  N  NZ  . LYS A 1 41  ? -13.628 10.540  7.037   1.00 56.14 ? 58  LYS A NZ  1 
ATOM   279  N  N   . GLU A 1 42  ? -9.463  4.790   5.509   1.00 44.86 ? 59  GLU A N   1 
ATOM   280  C  CA  . GLU A 1 42  ? -9.281  4.592   4.061   1.00 40.41 ? 59  GLU A CA  1 
ATOM   281  C  C   . GLU A 1 42  ? -9.335  3.131   3.572   1.00 37.86 ? 59  GLU A C   1 
ATOM   282  O  O   . GLU A 1 42  ? -9.602  2.874   2.405   1.00 36.84 ? 59  GLU A O   1 
ATOM   283  C  CB  . GLU A 1 42  ? -7.930  5.189   3.617   1.00 38.72 ? 59  GLU A CB  1 
ATOM   284  C  CG  . GLU A 1 42  ? -7.762  6.711   3.773   1.00 42.22 ? 59  GLU A CG  1 
ATOM   285  C  CD  . GLU A 1 42  ? -6.340  7.199   3.428   1.00 41.84 ? 59  GLU A CD  1 
ATOM   286  O  OE1 . GLU A 1 42  ? -5.374  6.402   3.512   1.00 41.07 ? 59  GLU A OE1 1 
ATOM   287  O  OE2 . GLU A 1 42  ? -6.189  8.392   3.072   1.00 42.57 ? 59  GLU A OE2 1 
HETATM 288  N  N   . MSE A 1 43  ? -9.053  2.178   4.449   1.00 38.51 ? 60  MSE A N   1 
HETATM 289  C  CA  . MSE A 1 43  ? -8.815  0.807   4.009   1.00 36.15 ? 60  MSE A CA  1 
HETATM 290  C  C   . MSE A 1 43  ? -9.994  0.038   3.402   1.00 36.38 ? 60  MSE A C   1 
HETATM 291  O  O   . MSE A 1 43  ? -9.827  -0.628  2.375   1.00 34.63 ? 60  MSE A O   1 
HETATM 292  C  CB  . MSE A 1 43  ? -8.085  0.004   5.084   1.00 36.96 ? 60  MSE A CB  1 
HETATM 293  C  CG  . MSE A 1 43  ? -6.601  0.358   5.120   1.00 36.03 ? 60  MSE A CG  1 
HETATM 294  SE SE  . MSE A 1 43  ? -5.575  -0.381  6.603   1.00 44.05 ? 60  MSE A SE  1 
HETATM 295  C  CE  . MSE A 1 43  ? -5.631  -2.310  6.209   1.00 34.05 ? 60  MSE A CE  1 
ATOM   296  N  N   . PRO A 1 44  ? -11.175 0.108   4.032   1.00 38.05 ? 61  PRO A N   1 
ATOM   297  C  CA  . PRO A 1 44  ? -12.333 -0.529  3.388   1.00 38.86 ? 61  PRO A CA  1 
ATOM   298  C  C   . PRO A 1 44  ? -12.688 0.059   2.010   1.00 36.97 ? 61  PRO A C   1 
ATOM   299  O  O   . PRO A 1 44  ? -13.166 -0.674  1.151   1.00 37.76 ? 61  PRO A O   1 
ATOM   300  C  CB  . PRO A 1 44  ? -13.456 -0.321  4.409   1.00 39.97 ? 61  PRO A CB  1 
ATOM   301  C  CG  . PRO A 1 44  ? -12.739 -0.337  5.734   1.00 40.55 ? 61  PRO A CG  1 
ATOM   302  C  CD  . PRO A 1 44  ? -11.439 0.425   5.450   1.00 40.11 ? 61  PRO A CD  1 
ATOM   303  N  N   . ALA A 1 45  ? -12.439 1.341   1.779   1.00 35.88 ? 62  ALA A N   1 
ATOM   304  C  CA  . ALA A 1 45  ? -12.657 1.895   0.450   1.00 33.95 ? 62  ALA A CA  1 
ATOM   305  C  C   . ALA A 1 45  ? -11.659 1.314   -0.568  1.00 34.90 ? 62  ALA A C   1 
ATOM   306  O  O   . ALA A 1 45  ? -12.018 1.023   -1.707  1.00 34.85 ? 62  ALA A O   1 
ATOM   307  C  CB  . ALA A 1 45  ? -12.563 3.398   0.486   1.00 36.85 ? 62  ALA A CB  1 
HETATM 308  N  N   . MSE A 1 46  ? -10.410 1.151   -0.150  1.00 34.39 ? 63  MSE A N   1 
HETATM 309  C  CA  . MSE A 1 46  ? -9.375  0.603   -1.019  1.00 31.79 ? 63  MSE A CA  1 
HETATM 310  C  C   . MSE A 1 46  ? -9.700  -0.845  -1.274  1.00 33.93 ? 63  MSE A C   1 
HETATM 311  O  O   . MSE A 1 46  ? -9.533  -1.335  -2.375  1.00 30.57 ? 63  MSE A O   1 
HETATM 312  C  CB  . MSE A 1 46  ? -8.008  0.671   -0.357  1.00 30.30 ? 63  MSE A CB  1 
HETATM 313  C  CG  . MSE A 1 46  ? -7.536  2.087   -0.025  1.00 36.63 ? 63  MSE A CG  1 
HETATM 314  SE SE  . MSE A 1 46  ? -5.953  2.019   1.124   1.00 48.29 ? 63  MSE A SE  1 
HETATM 315  C  CE  . MSE A 1 46  ? -4.633  1.788   -0.291  1.00 33.53 ? 63  MSE A CE  1 
ATOM   316  N  N   . SER A 1 47  ? -10.163 -1.524  -0.233  1.00 32.34 ? 64  SER A N   1 
ATOM   317  C  CA  . SER A 1 47  ? -10.568 -2.915  -0.348  1.00 35.25 ? 64  SER A CA  1 
ATOM   318  C  C   . SER A 1 47  ? -11.645 -3.128  -1.407  1.00 33.68 ? 64  SER A C   1 
ATOM   319  O  O   . SER A 1 47  ? -11.511 -3.989  -2.250  1.00 35.65 ? 64  SER A O   1 
ATOM   320  C  CB  . SER A 1 47  ? -11.076 -3.431  0.998   1.00 34.11 ? 64  SER A CB  1 
ATOM   321  O  OG  . SER A 1 47  ? -11.014 -4.839  1.023   1.00 35.39 ? 64  SER A OG  1 
ATOM   322  N  N   . LYS A 1 48  ? -12.729 -2.360  -1.341  1.00 36.51 ? 65  LYS A N   1 
ATOM   323  C  CA  . LYS A 1 48  ? -13.825 -2.510  -2.294  1.00 36.02 ? 65  LYS A CA  1 
ATOM   324  C  C   . LYS A 1 48  ? -13.413 -2.107  -3.711  1.00 36.87 ? 65  LYS A C   1 
ATOM   325  O  O   . LYS A 1 48  ? -13.767 -2.783  -4.685  1.00 36.37 ? 65  LYS A O   1 
ATOM   326  C  CB  . LYS A 1 48  ? -15.051 -1.707  -1.851  1.00 41.50 ? 65  LYS A CB  1 
ATOM   327  C  CG  . LYS A 1 48  ? -16.251 -1.829  -2.793  1.00 45.78 ? 65  LYS A CG  1 
ATOM   328  C  CD  . LYS A 1 48  ? -17.232 -0.661  -2.630  1.00 46.96 ? 65  LYS A CD  1 
ATOM   329  C  CE  . LYS A 1 48  ? -18.464 -0.846  -3.523  1.00 53.36 ? 65  LYS A CE  1 
ATOM   330  N  NZ  . LYS A 1 48  ? -19.428 0.289   -3.413  1.00 55.42 ? 65  LYS A NZ  1 
ATOM   331  N  N   . TRP A 1 49  ? -12.672 -1.005  -3.824  1.00 33.88 ? 66  TRP A N   1 
ATOM   332  C  CA  . TRP A 1 49  ? -12.145 -0.583  -5.116  1.00 32.80 ? 66  TRP A CA  1 
ATOM   333  C  C   . TRP A 1 49  ? -11.351 -1.719  -5.728  1.00 30.18 ? 66  TRP A C   1 
ATOM   334  O  O   . TRP A 1 49  ? -11.550 -2.047  -6.881  1.00 32.72 ? 66  TRP A O   1 
ATOM   335  C  CB  . TRP A 1 49  ? -11.259 0.664   -4.986  1.00 31.58 ? 66  TRP A CB  1 
ATOM   336  C  CG  . TRP A 1 49  ? -10.552 1.059   -6.273  1.00 28.65 ? 66  TRP A CG  1 
ATOM   337  C  CD1 . TRP A 1 49  ? -11.060 1.820   -7.278  1.00 28.14 ? 66  TRP A CD1 1 
ATOM   338  C  CD2 . TRP A 1 49  ? -9.218  0.712   -6.669  1.00 27.71 ? 66  TRP A CD2 1 
ATOM   339  N  NE1 . TRP A 1 49  ? -10.134 1.967   -8.275  1.00 30.18 ? 66  TRP A NE1 1 
ATOM   340  C  CE2 . TRP A 1 49  ? -8.992  1.299   -7.924  1.00 30.01 ? 66  TRP A CE2 1 
ATOM   341  C  CE3 . TRP A 1 49  ? -8.196  -0.041  -6.085  1.00 27.39 ? 66  TRP A CE3 1 
ATOM   342  C  CZ2 . TRP A 1 49  ? -7.787  1.151   -8.615  1.00 28.45 ? 66  TRP A CZ2 1 
ATOM   343  C  CZ3 . TRP A 1 49  ? -6.994  -0.176  -6.768  1.00 25.96 ? 66  TRP A CZ3 1 
ATOM   344  C  CH2 . TRP A 1 49  ? -6.806  0.411   -8.013  1.00 26.65 ? 66  TRP A CH2 1 
ATOM   345  N  N   . TYR A 1 50  ? -10.470 -2.334  -4.950  1.00 29.88 ? 67  TYR A N   1 
ATOM   346  C  CA  . TYR A 1 50  ? -9.525  -3.311  -5.486  1.00 30.57 ? 67  TYR A CA  1 
ATOM   347  C  C   . TYR A 1 50  ? -10.202 -4.536  -6.124  1.00 35.50 ? 67  TYR A C   1 
ATOM   348  O  O   . TYR A 1 50  ? -9.731  -5.060  -7.134  1.00 31.78 ? 67  TYR A O   1 
ATOM   349  C  CB  . TYR A 1 50  ? -8.587  -3.783  -4.383  1.00 27.47 ? 67  TYR A CB  1 
ATOM   350  C  CG  . TYR A 1 50  ? -7.436  -4.611  -4.881  1.00 31.33 ? 67  TYR A CG  1 
ATOM   351  C  CD1 . TYR A 1 50  ? -6.489  -4.069  -5.740  1.00 31.70 ? 67  TYR A CD1 1 
ATOM   352  C  CD2 . TYR A 1 50  ? -7.279  -5.933  -4.487  1.00 31.24 ? 67  TYR A CD2 1 
ATOM   353  C  CE1 . TYR A 1 50  ? -5.431  -4.822  -6.195  1.00 29.55 ? 67  TYR A CE1 1 
ATOM   354  C  CE2 . TYR A 1 50  ? -6.223  -6.695  -4.940  1.00 29.14 ? 67  TYR A CE2 1 
ATOM   355  C  CZ  . TYR A 1 50  ? -5.298  -6.133  -5.792  1.00 29.96 ? 67  TYR A CZ  1 
ATOM   356  O  OH  . TYR A 1 50  ? -4.230  -6.875  -6.245  1.00 30.52 ? 67  TYR A OH  1 
ATOM   357  N  N   . LYS A 1 51  ? -11.291 -5.001  -5.514  1.00 35.76 ? 68  LYS A N   1 
ATOM   358  C  CA  . LYS A 1 51  ? -11.961 -6.228  -5.959  1.00 34.92 ? 68  LYS A CA  1 
ATOM   359  C  C   . LYS A 1 51  ? -12.619 -6.027  -7.321  1.00 34.14 ? 68  LYS A C   1 
ATOM   360  O  O   . LYS A 1 51  ? -12.884 -6.990  -8.048  1.00 36.69 ? 68  LYS A O   1 
ATOM   361  C  CB  . LYS A 1 51  ? -12.997 -6.684  -4.910  1.00 36.21 ? 68  LYS A CB  1 
ATOM   362  C  CG  . LYS A 1 51  ? -12.377 -7.276  -3.634  1.00 39.36 ? 68  LYS A CG  1 
ATOM   363  C  CD  . LYS A 1 51  ? -13.422 -7.760  -2.605  1.00 37.34 ? 68  LYS A CD  1 
ATOM   364  C  CE  . LYS A 1 51  ? -14.482 -6.694  -2.347  1.00 38.84 ? 68  LYS A CE  1 
ATOM   365  N  NZ  . LYS A 1 51  ? -15.052 -6.712  -0.952  1.00 41.31 ? 68  LYS A NZ  1 
ATOM   366  N  N   . ALA A 1 52  ? -12.868 -4.766  -7.666  1.00 33.53 ? 69  ALA A N   1 
ATOM   367  C  CA  . ALA A 1 52  ? -13.479 -4.412  -8.942  1.00 33.90 ? 69  ALA A CA  1 
ATOM   368  C  C   . ALA A 1 52  ? -12.481 -3.981  -10.010 1.00 32.86 ? 69  ALA A C   1 
ATOM   369  O  O   . ALA A 1 52  ? -12.880 -3.436  -11.038 1.00 36.52 ? 69  ALA A O   1 
ATOM   370  C  CB  . ALA A 1 52  ? -14.525 -3.338  -8.755  1.00 31.00 ? 69  ALA A CB  1 
ATOM   371  N  N   . GLN A 1 53  ? -11.194 -4.214  -9.775  1.00 32.14 ? 70  GLN A N   1 
ATOM   372  C  CA  . GLN A 1 53  ? -10.181 -3.999  -10.815 1.00 32.30 ? 70  GLN A CA  1 
ATOM   373  C  C   . GLN A 1 53  ? -9.906  -5.316  -11.523 1.00 30.65 ? 70  GLN A C   1 
ATOM   374  O  O   . GLN A 1 53  ? -10.121 -6.372  -10.935 1.00 29.24 ? 70  GLN A O   1 
ATOM   375  C  CB  . GLN A 1 53  ? -8.888  -3.461  -10.204 1.00 30.63 ? 70  GLN A CB  1 
ATOM   376  C  CG  . GLN A 1 53  ? -9.124  -2.224  -9.348  1.00 28.60 ? 70  GLN A CG  1 
ATOM   377  C  CD  . GLN A 1 53  ? -9.934  -1.174  -10.084 1.00 28.27 ? 70  GLN A CD  1 
ATOM   378  O  OE1 . GLN A 1 53  ? -11.022 -0.798  -9.657  1.00 31.13 ? 70  GLN A OE1 1 
ATOM   379  N  NE2 . GLN A 1 53  ? -9.416  -0.710  -11.207 1.00 30.19 ? 70  GLN A NE2 1 
ATOM   380  N  N   . LYS A 1 54  ? -9.423  -5.255  -12.766 1.00 29.86 ? 71  LYS A N   1 
ATOM   381  C  CA  . LYS A 1 54  ? -9.099  -6.476  -13.522 1.00 29.44 ? 71  LYS A CA  1 
ATOM   382  C  C   . LYS A 1 54  ? -7.774  -7.083  -13.064 1.00 29.29 ? 71  LYS A C   1 
ATOM   383  O  O   . LYS A 1 54  ? -6.847  -6.362  -12.729 1.00 31.47 ? 71  LYS A O   1 
ATOM   384  C  CB  . LYS A 1 54  ? -9.022  -6.212  -15.037 1.00 30.10 ? 71  LYS A CB  1 
ATOM   385  C  CG  . LYS A 1 54  ? -10.152 -5.413  -15.640 1.00 31.64 ? 71  LYS A CG  1 
ATOM   386  C  CD  . LYS A 1 54  ? -11.506 -5.938  -15.249 1.00 37.18 ? 71  LYS A CD  1 
ATOM   387  C  CE  . LYS A 1 54  ? -12.195 -6.669  -16.397 1.00 36.88 ? 71  LYS A CE  1 
ATOM   388  N  NZ  . LYS A 1 54  ? -13.539 -7.199  -15.979 1.00 38.92 ? 71  LYS A NZ  1 
ATOM   389  N  N   . LYS A 1 55  ? -7.698  -8.413  -13.079 1.00 30.38 ? 72  LYS A N   1 
ATOM   390  C  CA  . LYS A 1 55  ? -6.495  -9.198  -12.752 1.00 29.65 ? 72  LYS A CA  1 
ATOM   391  C  C   . LYS A 1 55  ? -5.149  -8.648  -13.263 1.00 30.88 ? 72  LYS A C   1 
ATOM   392  O  O   . LYS A 1 55  ? -4.162  -8.622  -12.538 1.00 34.68 ? 72  LYS A O   1 
ATOM   393  C  CB  . LYS A 1 55  ? -6.655  -10.648 -13.266 1.00 30.19 ? 72  LYS A CB  1 
ATOM   394  C  CG  . LYS A 1 55  ? -6.795  -11.766 -12.176 1.00 30.90 ? 72  LYS A CG  1 
ATOM   395  C  CD  . LYS A 1 55  ? -8.210  -12.020 -11.821 1.00 29.57 ? 72  LYS A CD  1 
ATOM   396  C  CE  . LYS A 1 55  ? -8.449  -13.303 -10.977 1.00 27.42 ? 72  LYS A CE  1 
ATOM   397  N  NZ  . LYS A 1 55  ? -7.901  -13.468 -9.581  1.00 18.97 ? 72  LYS A NZ  1 
ATOM   398  N  N   . GLY A 1 56  ? -5.081  -8.254  -14.518 1.00 28.32 ? 73  GLY A N   1 
ATOM   399  C  CA  . GLY A 1 56  ? -3.786  -7.876  -15.058 1.00 34.53 ? 73  GLY A CA  1 
ATOM   400  C  C   . GLY A 1 56  ? -3.317  -6.456  -14.755 1.00 34.51 ? 73  GLY A C   1 
ATOM   401  O  O   . GLY A 1 56  ? -2.136  -6.119  -14.929 1.00 33.07 ? 73  GLY A O   1 
ATOM   402  N  N   . SER A 1 57  ? -4.241  -5.634  -14.274 1.00 30.94 ? 74  SER A N   1 
ATOM   403  C  CA  . SER A 1 57  ? -4.130  -4.190  -14.435 1.00 30.06 ? 74  SER A CA  1 
ATOM   404  C  C   . SER A 1 57  ? -3.348  -3.421  -13.357 1.00 30.30 ? 74  SER A C   1 
ATOM   405  O  O   . SER A 1 57  ? -2.807  -2.345  -13.647 1.00 30.10 ? 74  SER A O   1 
ATOM   406  C  CB  . SER A 1 57  ? -5.531  -3.598  -14.594 1.00 30.12 ? 74  SER A CB  1 
ATOM   407  O  OG  . SER A 1 57  ? -6.322  -3.861  -13.437 1.00 31.18 ? 74  SER A OG  1 
ATOM   408  N  N   . VAL A 1 58  ? -3.295  -3.950  -12.135 1.00 29.21 ? 75  VAL A N   1 
ATOM   409  C  CA  . VAL A 1 58  ? -2.760  -3.200  -10.988 1.00 25.65 ? 75  VAL A CA  1 
ATOM   410  C  C   . VAL A 1 58  ? -2.409  -4.145  -9.855  1.00 26.43 ? 75  VAL A C   1 
ATOM   411  O  O   . VAL A 1 58  ? -3.078  -5.154  -9.651  1.00 28.13 ? 75  VAL A O   1 
ATOM   412  C  CB  . VAL A 1 58  ? -3.759  -2.118  -10.486 1.00 25.04 ? 75  VAL A CB  1 
ATOM   413  C  CG1 . VAL A 1 58  ? -5.017  -2.763  -9.878  1.00 24.63 ? 75  VAL A CG1 1 
ATOM   414  C  CG2 . VAL A 1 58  ? -3.087  -1.165  -9.440  1.00 24.13 ? 75  VAL A CG2 1 
ATOM   415  N  N   . ASP A 1 59  ? -1.330  -3.870  -9.142  1.00 25.55 ? 76  ASP A N   1 
ATOM   416  C  CA  . ASP A 1 59  ? -1.098  -4.584  -7.895  1.00 24.79 ? 76  ASP A CA  1 
ATOM   417  C  C   . ASP A 1 59  ? -1.273  -3.595  -6.749  1.00 27.93 ? 76  ASP A C   1 
ATOM   418  O  O   . ASP A 1 59  ? -0.871  -2.436  -6.861  1.00 25.15 ? 76  ASP A O   1 
ATOM   419  C  CB  . ASP A 1 59  ? 0.311   -5.162  -7.825  1.00 26.95 ? 76  ASP A CB  1 
ATOM   420  C  CG  . ASP A 1 59  ? 0.607   -6.137  -8.953  1.00 30.03 ? 76  ASP A CG  1 
ATOM   421  O  OD1 . ASP A 1 59  ? -0.264  -6.966  -9.252  1.00 30.11 ? 76  ASP A OD1 1 
ATOM   422  O  OD2 . ASP A 1 59  ? 1.712   -6.065  -9.528  1.00 33.31 ? 76  ASP A OD2 1 
HETATM 423  N  N   . MSE A 1 60  ? -1.852  -4.053  -5.643  1.00 26.77 ? 77  MSE A N   1 
HETATM 424  C  CA  . MSE A 1 60  ? -1.910  -3.231  -4.439  1.00 27.15 ? 77  MSE A CA  1 
HETATM 425  C  C   . MSE A 1 60  ? -1.372  -4.001  -3.256  1.00 29.33 ? 77  MSE A C   1 
HETATM 426  O  O   . MSE A 1 60  ? -1.670  -5.188  -3.087  1.00 28.13 ? 77  MSE A O   1 
HETATM 427  C  CB  . MSE A 1 60  ? -3.345  -2.779  -4.173  1.00 26.52 ? 77  MSE A CB  1 
HETATM 428  C  CG  . MSE A 1 60  ? -3.533  -2.002  -2.900  1.00 30.49 ? 77  MSE A CG  1 
HETATM 429  SE SE  . MSE A 1 60  ? -5.380  -1.408  -2.855  1.00 54.21 ? 77  MSE A SE  1 
HETATM 430  C  CE  . MSE A 1 60  ? -5.136  0.268   -3.736  1.00 26.14 ? 77  MSE A CE  1 
ATOM   431  N  N   . VAL A 1 61  ? -0.544  -3.329  -2.457  1.00 26.05 ? 78  VAL A N   1 
ATOM   432  C  CA  . VAL A 1 61  ? -0.096  -3.877  -1.187  1.00 27.56 ? 78  VAL A CA  1 
ATOM   433  C  C   . VAL A 1 61  ? -0.247  -2.841  -0.075  1.00 27.14 ? 78  VAL A C   1 
ATOM   434  O  O   . VAL A 1 61  ? -0.012  -1.653  -0.288  1.00 25.31 ? 78  VAL A O   1 
ATOM   435  C  CB  . VAL A 1 61  ? 1.377   -4.350  -1.242  1.00 26.37 ? 78  VAL A CB  1 
ATOM   436  C  CG1 . VAL A 1 61  ? 2.312   -3.182  -1.438  1.00 29.22 ? 78  VAL A CG1 1 
ATOM   437  C  CG2 . VAL A 1 61  ? 1.747   -5.068  0.028   1.00 28.21 ? 78  VAL A CG2 1 
ATOM   438  N  N   . GLY A 1 62  ? -0.628  -3.288  1.114   1.00 24.11 ? 79  GLY A N   1 
ATOM   439  C  CA  . GLY A 1 62  ? -0.564  -2.396  2.266   1.00 28.12 ? 79  GLY A CA  1 
ATOM   440  C  C   . GLY A 1 62  ? 0.558   -2.842  3.175   1.00 27.17 ? 79  GLY A C   1 
ATOM   441  O  O   . GLY A 1 62  ? 0.498   -3.924  3.751   1.00 30.08 ? 79  GLY A O   1 
ATOM   442  N  N   . ILE A 1 63  ? 1.585   -2.021  3.305   1.00 25.19 ? 80  ILE A N   1 
ATOM   443  C  CA  . ILE A 1 63  ? 2.769   -2.381  4.060   1.00 25.27 ? 80  ILE A CA  1 
ATOM   444  C  C   . ILE A 1 63  ? 2.698   -1.723  5.421   1.00 28.79 ? 80  ILE A C   1 
ATOM   445  O  O   . ILE A 1 63  ? 2.726   -0.494  5.521   1.00 28.58 ? 80  ILE A O   1 
ATOM   446  C  CB  . ILE A 1 63  ? 4.045   -1.893  3.362   1.00 24.61 ? 80  ILE A CB  1 
ATOM   447  C  CG1 . ILE A 1 63  ? 4.198   -2.553  1.978   1.00 24.46 ? 80  ILE A CG1 1 
ATOM   448  C  CG2 . ILE A 1 63  ? 5.270   -2.158  4.230   1.00 25.65 ? 80  ILE A CG2 1 
ATOM   449  C  CD1 . ILE A 1 63  ? 5.302   -1.919  1.130   1.00 26.51 ? 80  ILE A CD1 1 
ATOM   450  N  N   . ALA A 1 64  ? 2.625   -2.544  6.463   1.00 28.57 ? 81  ALA A N   1 
ATOM   451  C  CA  . ALA A 1 64  ? 2.431   -2.062  7.828   1.00 28.60 ? 81  ALA A CA  1 
ATOM   452  C  C   . ALA A 1 64  ? 3.744   -1.790  8.523   1.00 30.57 ? 81  ALA A C   1 
ATOM   453  O  O   . ALA A 1 64  ? 4.611   -2.655  8.566   1.00 33.50 ? 81  ALA A O   1 
ATOM   454  C  CB  . ALA A 1 64  ? 1.631   -3.071  8.625   1.00 30.62 ? 81  ALA A CB  1 
ATOM   455  N  N   . LEU A 1 65  ? 3.898   -0.581  9.052   1.00 30.85 ? 82  LEU A N   1 
ATOM   456  C  CA  . LEU A 1 65  ? 5.010   -0.290  9.942   1.00 30.81 ? 82  LEU A CA  1 
ATOM   457  C  C   . LEU A 1 65  ? 4.530   -0.605  11.358  1.00 34.27 ? 82  LEU A C   1 
ATOM   458  O  O   . LEU A 1 65  ? 4.440   0.276   12.211  1.00 32.47 ? 82  LEU A O   1 
ATOM   459  C  CB  . LEU A 1 65  ? 5.463   1.171   9.800   1.00 31.71 ? 82  LEU A CB  1 
ATOM   460  C  CG  . LEU A 1 65  ? 6.107   1.515   8.446   1.00 36.54 ? 82  LEU A CG  1 
ATOM   461  C  CD1 . LEU A 1 65  ? 5.136   2.230   7.502   1.00 34.36 ? 82  LEU A CD1 1 
ATOM   462  C  CD2 . LEU A 1 65  ? 7.330   2.367   8.653   1.00 40.02 ? 82  LEU A CD2 1 
ATOM   463  N  N   . ASP A 1 66  ? 4.201   -1.873  11.587  1.00 34.40 ? 83  ASP A N   1 
ATOM   464  C  CA  . ASP A 1 66  ? 3.556   -2.295  12.835  1.00 37.84 ? 83  ASP A CA  1 
ATOM   465  C  C   . ASP A 1 66  ? 3.912   -3.749  13.132  1.00 40.35 ? 83  ASP A C   1 
ATOM   466  O  O   . ASP A 1 66  ? 4.603   -4.399  12.349  1.00 38.63 ? 83  ASP A O   1 
ATOM   467  C  CB  . ASP A 1 66  ? 2.043   -2.168  12.685  1.00 37.03 ? 83  ASP A CB  1 
ATOM   468  C  CG  . ASP A 1 66  ? 1.350   -1.729  13.955  1.00 38.71 ? 83  ASP A CG  1 
ATOM   469  O  OD1 . ASP A 1 66  ? 1.981   -1.683  15.032  1.00 40.40 ? 83  ASP A OD1 1 
ATOM   470  O  OD2 . ASP A 1 66  ? 0.150   -1.421  13.858  1.00 40.24 ? 83  ASP A OD2 1 
ATOM   471  N  N   . THR A 1 67  ? 3.417   -4.259  14.259  1.00 42.88 ? 84  THR A N   1 
ATOM   472  C  CA  . THR A 1 67  ? 3.748   -5.600  14.725  1.00 40.11 ? 84  THR A CA  1 
ATOM   473  C  C   . THR A 1 67  ? 2.798   -6.639  14.163  1.00 39.94 ? 84  THR A C   1 
ATOM   474  O  O   . THR A 1 67  ? 1.607   -6.384  13.956  1.00 38.26 ? 84  THR A O   1 
ATOM   475  C  CB  . THR A 1 67  ? 3.732   -5.696  16.283  1.00 42.64 ? 84  THR A CB  1 
ATOM   476  O  OG1 . THR A 1 67  ? 2.382   -5.691  16.757  1.00 43.74 ? 84  THR A OG1 1 
ATOM   477  C  CG2 . THR A 1 67  ? 4.474   -4.521  16.908  1.00 43.10 ? 84  THR A CG2 1 
ATOM   478  N  N   . SER A 1 68  ? 3.336   -7.823  13.907  1.00 42.35 ? 85  SER A N   1 
ATOM   479  C  CA  . SER A 1 68  ? 2.511   -8.935  13.468  1.00 42.22 ? 85  SER A CA  1 
ATOM   480  C  C   . SER A 1 68  ? 1.303   -9.063  14.388  1.00 42.63 ? 85  SER A C   1 
ATOM   481  O  O   . SER A 1 68  ? 0.201   -9.419  13.962  1.00 43.06 ? 85  SER A O   1 
ATOM   482  C  CB  . SER A 1 68  ? 3.326   -10.230 13.452  1.00 44.96 ? 85  SER A CB  1 
ATOM   483  O  OG  . SER A 1 68  ? 2.568   -11.298 12.902  1.00 45.11 ? 85  SER A OG  1 
ATOM   484  N  N   . ASP A 1 69  ? 1.513   -8.757  15.659  1.00 44.38 ? 86  ASP A N   1 
ATOM   485  C  CA  . ASP A 1 69  ? 0.474   -8.934  16.653  1.00 44.97 ? 86  ASP A CA  1 
ATOM   486  C  C   . ASP A 1 69  ? -0.641  -7.917  16.455  1.00 41.71 ? 86  ASP A C   1 
ATOM   487  O  O   . ASP A 1 69  ? -1.808  -8.277  16.421  1.00 40.89 ? 86  ASP A O   1 
ATOM   488  C  CB  . ASP A 1 69  ? 1.072   -8.802  18.043  1.00 46.79 ? 86  ASP A CB  1 
ATOM   489  C  CG  . ASP A 1 69  ? 0.386   -9.685  19.046  1.00 55.05 ? 86  ASP A CG  1 
ATOM   490  O  OD1 . ASP A 1 69  ? -0.740  -9.342  19.476  1.00 56.41 ? 86  ASP A OD1 1 
ATOM   491  O  OD2 . ASP A 1 69  ? 0.984   -10.724 19.407  1.00 61.05 ? 86  ASP A OD2 1 
ATOM   492  N  N   . ASN A 1 70  ? -0.267  -6.648  16.316  1.00 42.75 ? 87  ASN A N   1 
ATOM   493  C  CA  . ASN A 1 70  ? -1.229  -5.563  16.096  1.00 42.23 ? 87  ASN A CA  1 
ATOM   494  C  C   . ASN A 1 70  ? -1.990  -5.655  14.773  1.00 42.54 ? 87  ASN A C   1 
ATOM   495  O  O   . ASN A 1 70  ? -3.170  -5.282  14.700  1.00 42.05 ? 87  ASN A O   1 
ATOM   496  C  CB  . ASN A 1 70  ? -0.520  -4.207  16.169  1.00 39.95 ? 87  ASN A CB  1 
ATOM   497  C  CG  . ASN A 1 70  ? -0.058  -3.869  17.571  1.00 41.49 ? 87  ASN A CG  1 
ATOM   498  O  OD1 . ASN A 1 70  ? 0.745   -2.957  17.775  1.00 40.34 ? 87  ASN A OD1 1 
ATOM   499  N  ND2 . ASN A 1 70  ? -0.552  -4.614  18.542  1.00 39.48 ? 87  ASN A ND2 1 
ATOM   500  N  N   . ILE A 1 71  ? -1.310  -6.123  13.725  1.00 40.22 ? 88  ILE A N   1 
ATOM   501  C  CA  . ILE A 1 71  ? -1.943  -6.271  12.419  1.00 39.67 ? 88  ILE A CA  1 
ATOM   502  C  C   . ILE A 1 71  ? -3.001  -7.359  12.477  1.00 39.81 ? 88  ILE A C   1 
ATOM   503  O  O   . ILE A 1 71  ? -4.124  -7.166  12.008  1.00 39.12 ? 88  ILE A O   1 
ATOM   504  C  CB  . ILE A 1 71  ? -0.919  -6.610  11.301  1.00 37.65 ? 88  ILE A CB  1 
ATOM   505  C  CG1 . ILE A 1 71  ? 0.083   -5.469  11.114  1.00 36.95 ? 88  ILE A CG1 1 
ATOM   506  C  CG2 . ILE A 1 71  ? -1.637  -6.889  9.987   1.00 36.35 ? 88  ILE A CG2 1 
ATOM   507  C  CD1 . ILE A 1 71  ? 1.370   -5.893  10.385  1.00 37.01 ? 88  ILE A CD1 1 
ATOM   508  N  N   . GLY A 1 72  ? -2.626  -8.507  13.042  1.00 42.50 ? 89  GLY A N   1 
ATOM   509  C  CA  . GLY A 1 72  ? -3.538  -9.629  13.211  1.00 40.79 ? 89  GLY A CA  1 
ATOM   510  C  C   . GLY A 1 72  ? -4.858  -9.205  13.821  1.00 43.88 ? 89  GLY A C   1 
ATOM   511  O  O   . GLY A 1 72  ? -5.922  -9.517  13.287  1.00 44.78 ? 89  GLY A O   1 
ATOM   512  N  N   . ASN A 1 73  ? -4.782  -8.482  14.937  1.00 43.76 ? 90  ASN A N   1 
ATOM   513  C  CA  . ASN A 1 73  ? -5.975  -7.998  15.636  1.00 47.11 ? 90  ASN A CA  1 
ATOM   514  C  C   . ASN A 1 73  ? -6.833  -7.115  14.749  1.00 47.77 ? 90  ASN A C   1 
ATOM   515  O  O   . ASN A 1 73  ? -8.064  -7.153  14.812  1.00 48.42 ? 90  ASN A O   1 
ATOM   516  C  CB  . ASN A 1 73  ? -5.584  -7.175  16.873  1.00 46.28 ? 90  ASN A CB  1 
ATOM   517  C  CG  . ASN A 1 73  ? -5.342  -8.025  18.101  1.00 49.45 ? 90  ASN A CG  1 
ATOM   518  O  OD1 . ASN A 1 73  ? -6.238  -8.200  18.931  1.00 56.63 ? 90  ASN A OD1 1 
ATOM   519  N  ND2 . ASN A 1 73  ? -4.124  -8.540  18.242  1.00 46.03 ? 90  ASN A ND2 1 
ATOM   520  N  N   . PHE A 1 74  ? -6.165  -6.294  13.942  1.00 44.54 ? 91  PHE A N   1 
ATOM   521  C  CA  . PHE A 1 74  ? -6.847  -5.272  13.169  1.00 42.64 ? 91  PHE A CA  1 
ATOM   522  C  C   . PHE A 1 74  ? -7.630  -5.894  12.022  1.00 45.97 ? 91  PHE A C   1 
ATOM   523  O  O   . PHE A 1 74  ? -8.783  -5.540  11.791  1.00 47.44 ? 91  PHE A O   1 
ATOM   524  C  CB  . PHE A 1 74  ? -5.846  -4.243  12.652  1.00 44.44 ? 91  PHE A CB  1 
ATOM   525  C  CG  . PHE A 1 74  ? -6.422  -3.298  11.642  1.00 45.14 ? 91  PHE A CG  1 
ATOM   526  C  CD1 . PHE A 1 74  ? -6.599  -3.692  10.324  1.00 43.43 ? 91  PHE A CD1 1 
ATOM   527  C  CD2 . PHE A 1 74  ? -6.803  -2.024  12.010  1.00 45.44 ? 91  PHE A CD2 1 
ATOM   528  C  CE1 . PHE A 1 74  ? -7.141  -2.826  9.391   1.00 43.87 ? 91  PHE A CE1 1 
ATOM   529  C  CE2 . PHE A 1 74  ? -7.342  -1.159  11.077  1.00 49.17 ? 91  PHE A CE2 1 
ATOM   530  C  CZ  . PHE A 1 74  ? -7.505  -1.561  9.764   1.00 44.92 ? 91  PHE A CZ  1 
ATOM   531  N  N   . LEU A 1 75  ? -6.992  -6.820  11.309  1.00 46.10 ? 92  LEU A N   1 
ATOM   532  C  CA  . LEU A 1 75  ? -7.587  -7.467  10.145  1.00 45.81 ? 92  LEU A CA  1 
ATOM   533  C  C   . LEU A 1 75  ? -8.727  -8.383  10.555  1.00 47.65 ? 92  LEU A C   1 
ATOM   534  O  O   . LEU A 1 75  ? -9.572  -8.763  9.739   1.00 46.95 ? 92  LEU A O   1 
ATOM   535  C  CB  . LEU A 1 75  ? -6.521  -8.264  9.407   1.00 43.23 ? 92  LEU A CB  1 
ATOM   536  C  CG  . LEU A 1 75  ? -5.417  -7.394  8.806   1.00 41.76 ? 92  LEU A CG  1 
ATOM   537  C  CD1 . LEU A 1 75  ? -4.353  -8.263  8.141   1.00 40.12 ? 92  LEU A CD1 1 
ATOM   538  C  CD2 . LEU A 1 75  ? -6.027  -6.415  7.820   1.00 38.33 ? 92  LEU A CD2 1 
ATOM   539  N  N   . LYS A 1 76  ? -8.720  -8.748  11.832  1.00 48.99 ? 93  LYS A N   1 
ATOM   540  C  CA  . LYS A 1 76  ? -9.803  -9.506  12.445  1.00 52.67 ? 93  LYS A CA  1 
ATOM   541  C  C   . LYS A 1 76  ? -11.115 -8.724  12.346  1.00 51.46 ? 93  LYS A C   1 
ATOM   542  O  O   . LYS A 1 76  ? -12.161 -9.281  12.008  1.00 52.97 ? 93  LYS A O   1 
ATOM   543  C  CB  . LYS A 1 76  ? -9.455  -9.789  13.911  1.00 52.90 ? 93  LYS A CB  1 
ATOM   544  C  CG  . LYS A 1 76  ? -10.382 -10.759 14.623  1.00 54.22 ? 93  LYS A CG  1 
ATOM   545  C  CD  . LYS A 1 76  ? -10.092 -10.760 16.118  1.00 55.64 ? 93  LYS A CD  1 
ATOM   546  C  CE  . LYS A 1 76  ? -8.608  -10.986 16.411  1.00 55.38 ? 93  LYS A CE  1 
ATOM   547  N  NZ  . LYS A 1 76  ? -8.258  -10.575 17.814  1.00 55.52 ? 93  LYS A NZ  1 
ATOM   548  N  N   . GLN A 1 77  ? -11.041 -7.428  12.632  1.00 51.02 ? 94  GLN A N   1 
ATOM   549  C  CA  . GLN A 1 77  ? -12.198 -6.544  12.564  1.00 52.96 ? 94  GLN A CA  1 
ATOM   550  C  C   . GLN A 1 77  ? -12.342 -5.888  11.191  1.00 53.26 ? 94  GLN A C   1 
ATOM   551  O  O   . GLN A 1 77  ? -13.452 -5.697  10.706  1.00 56.98 ? 94  GLN A O   1 
ATOM   552  C  CB  . GLN A 1 77  ? -12.093 -5.454  13.634  1.00 56.70 ? 94  GLN A CB  1 
ATOM   553  C  CG  . GLN A 1 77  ? -11.790 -5.967  15.040  1.00 58.44 ? 94  GLN A CG  1 
ATOM   554  C  CD  . GLN A 1 77  ? -12.955 -6.727  15.657  1.00 60.40 ? 94  GLN A CD  1 
ATOM   555  O  OE1 . GLN A 1 77  ? -14.114 -6.309  15.548  1.00 61.60 ? 94  GLN A OE1 1 
ATOM   556  N  NE2 . GLN A 1 77  ? -12.653 -7.847  16.313  1.00 57.98 ? 94  GLN A NE2 1 
ATOM   557  N  N   . THR A 1 78  ? -11.218 -5.529  10.579  1.00 49.71 ? 95  THR A N   1 
ATOM   558  C  CA  . THR A 1 78  ? -11.206 -4.834  9.292   1.00 48.85 ? 95  THR A CA  1 
ATOM   559  C  C   . THR A 1 78  ? -10.328 -5.590  8.304   1.00 45.69 ? 95  THR A C   1 
ATOM   560  O  O   . THR A 1 78  ? -9.176  -5.222  8.110   1.00 43.72 ? 95  THR A O   1 
ATOM   561  C  CB  . THR A 1 78  ? -10.625 -3.405  9.444   1.00 47.79 ? 95  THR A CB  1 
ATOM   562  O  OG1 . THR A 1 78  ? -11.467 -2.638  10.307  1.00 55.53 ? 95  THR A OG1 1 
ATOM   563  C  CG2 . THR A 1 78  ? -10.494 -2.689  8.092   1.00 47.15 ? 95  THR A CG2 1 
ATOM   564  N  N   . PRO A 1 79  ? -10.862 -6.671  7.710   1.00 44.33 ? 96  PRO A N   1 
ATOM   565  C  CA  . PRO A 1 79  ? -10.189 -7.466  6.672   1.00 43.16 ? 96  PRO A CA  1 
ATOM   566  C  C   . PRO A 1 79  ? -10.262 -6.803  5.299   1.00 39.82 ? 96  PRO A C   1 
ATOM   567  O  O   . PRO A 1 79  ? -11.286 -6.222  4.950   1.00 39.46 ? 96  PRO A O   1 
ATOM   568  C  CB  . PRO A 1 79  ? -10.992 -8.777  6.654   1.00 46.51 ? 96  PRO A CB  1 
ATOM   569  C  CG  . PRO A 1 79  ? -11.824 -8.751  7.934   1.00 49.00 ? 96  PRO A CG  1 
ATOM   570  C  CD  . PRO A 1 79  ? -12.102 -7.311  8.169   1.00 46.47 ? 96  PRO A CD  1 
ATOM   571  N  N   . VAL A 1 80  ? -9.196  -6.906  4.518   1.00 38.94 ? 97  VAL A N   1 
ATOM   572  C  CA  . VAL A 1 80  ? -9.161  -6.264  3.209   1.00 35.82 ? 97  VAL A CA  1 
ATOM   573  C  C   . VAL A 1 80  ? -8.864  -7.284  2.085   1.00 34.57 ? 97  VAL A C   1 
ATOM   574  O  O   . VAL A 1 80  ? -8.398  -8.381  2.346   1.00 36.44 ? 97  VAL A O   1 
ATOM   575  C  CB  . VAL A 1 80  ? -8.141  -5.100  3.181   1.00 31.57 ? 97  VAL A CB  1 
ATOM   576  C  CG1 . VAL A 1 80  ? -8.538  -4.014  4.181   1.00 34.72 ? 97  VAL A CG1 1 
ATOM   577  C  CG2 . VAL A 1 80  ? -6.753  -5.612  3.486   1.00 32.42 ? 97  VAL A CG2 1 
ATOM   578  N  N   . SER A 1 81  ? -9.130  -6.901  0.843   1.00 32.10 ? 98  SER A N   1 
ATOM   579  C  CA  . SER A 1 81  ? -9.051  -7.825  -0.288  1.00 36.44 ? 98  SER A CA  1 
ATOM   580  C  C   . SER A 1 81  ? -7.649  -7.942  -0.891  1.00 34.69 ? 98  SER A C   1 
ATOM   581  O  O   . SER A 1 81  ? -7.409  -8.763  -1.783  1.00 34.96 ? 98  SER A O   1 
ATOM   582  C  CB  . SER A 1 81  ? -10.041 -7.396  -1.371  1.00 38.72 ? 98  SER A CB  1 
ATOM   583  O  OG  . SER A 1 81  ? -10.079 -5.978  -1.504  1.00 38.10 ? 98  SER A OG  1 
ATOM   584  N  N   . TYR A 1 82  ? -6.729  -7.133  -0.385  1.00 32.28 ? 99  TYR A N   1 
ATOM   585  C  CA  . TYR A 1 82  ? -5.392  -7.026  -0.939  1.00 29.41 ? 99  TYR A CA  1 
ATOM   586  C  C   . TYR A 1 82  ? -4.338  -7.470  0.064   1.00 29.72 ? 99  TYR A C   1 
ATOM   587  O  O   . TYR A 1 82  ? -4.581  -7.475  1.262   1.00 33.55 ? 99  TYR A O   1 
ATOM   588  C  CB  . TYR A 1 82  ? -5.144  -5.590  -1.423  1.00 31.40 ? 99  TYR A CB  1 
ATOM   589  C  CG  . TYR A 1 82  ? -5.333  -4.515  -0.362  1.00 29.33 ? 99  TYR A CG  1 
ATOM   590  C  CD1 . TYR A 1 82  ? -6.560  -3.875  -0.193  1.00 30.78 ? 99  TYR A CD1 1 
ATOM   591  C  CD2 . TYR A 1 82  ? -4.285  -4.136  0.453   1.00 28.08 ? 99  TYR A CD2 1 
ATOM   592  C  CE1 . TYR A 1 82  ? -6.733  -2.881  0.776   1.00 29.36 ? 99  TYR A CE1 1 
ATOM   593  C  CE2 . TYR A 1 82  ? -4.449  -3.148  1.423   1.00 31.07 ? 99  TYR A CE2 1 
ATOM   594  C  CZ  . TYR A 1 82  ? -5.671  -2.540  1.579   1.00 29.27 ? 99  TYR A CZ  1 
ATOM   595  O  OH  . TYR A 1 82  ? -5.811  -1.565  2.520   1.00 31.55 ? 99  TYR A OH  1 
ATOM   596  N  N   . PRO A 1 83  ? -3.161  -7.862  -0.428  1.00 31.44 ? 100 PRO A N   1 
ATOM   597  C  CA  . PRO A 1 83  ? -2.055  -8.328  0.417   1.00 28.96 ? 100 PRO A CA  1 
ATOM   598  C  C   . PRO A 1 83  ? -1.643  -7.315  1.462   1.00 30.29 ? 100 PRO A C   1 
ATOM   599  O  O   . PRO A 1 83  ? -1.582  -6.120  1.180   1.00 28.33 ? 100 PRO A O   1 
ATOM   600  C  CB  . PRO A 1 83  ? -0.916  -8.508  -0.578  1.00 32.40 ? 100 PRO A CB  1 
ATOM   601  C  CG  . PRO A 1 83  ? -1.595  -8.819  -1.870  1.00 31.84 ? 100 PRO A CG  1 
ATOM   602  C  CD  . PRO A 1 83  ? -2.882  -8.051  -1.866  1.00 31.12 ? 100 PRO A CD  1 
ATOM   603  N  N   . ILE A 1 84  ? -1.329  -7.809  2.653   1.00 29.83 ? 101 ILE A N   1 
ATOM   604  C  CA  . ILE A 1 84  ? -0.809  -6.987  3.726   1.00 30.56 ? 101 ILE A CA  1 
ATOM   605  C  C   . ILE A 1 84  ? 0.550   -7.573  4.071   1.00 30.43 ? 101 ILE A C   1 
ATOM   606  O  O   . ILE A 1 84  ? 0.669   -8.763  4.342   1.00 33.18 ? 101 ILE A O   1 
ATOM   607  C  CB  . ILE A 1 84  ? -1.774  -6.998  4.954   1.00 30.22 ? 101 ILE A CB  1 
ATOM   608  C  CG1 . ILE A 1 84  ? -3.139  -6.431  4.564   1.00 30.24 ? 101 ILE A CG1 1 
ATOM   609  C  CG2 . ILE A 1 84  ? -1.209  -6.205  6.109   1.00 30.73 ? 101 ILE A CG2 1 
ATOM   610  C  CD1 . ILE A 1 84  ? -3.146  -4.925  4.343   1.00 29.51 ? 101 ILE A CD1 1 
ATOM   611  N  N   . TRP A 1 85  ? 1.586   -6.754  3.975   1.00 29.40 ? 102 TRP A N   1 
ATOM   612  C  CA  . TRP A 1 85  ? 2.917   -7.140  4.394   1.00 31.54 ? 102 TRP A CA  1 
ATOM   613  C  C   . TRP A 1 85  ? 3.328   -6.302  5.587   1.00 31.98 ? 102 TRP A C   1 
ATOM   614  O  O   . TRP A 1 85  ? 2.594   -5.417  6.023   1.00 31.12 ? 102 TRP A O   1 
ATOM   615  C  CB  . TRP A 1 85  ? 3.939   -6.934  3.268   1.00 32.57 ? 102 TRP A CB  1 
ATOM   616  C  CG  . TRP A 1 85  ? 3.681   -7.752  2.032   1.00 32.44 ? 102 TRP A CG  1 
ATOM   617  C  CD1 . TRP A 1 85  ? 2.837   -8.827  1.908   1.00 33.74 ? 102 TRP A CD1 1 
ATOM   618  C  CD2 . TRP A 1 85  ? 4.291   -7.570  0.743   1.00 31.60 ? 102 TRP A CD2 1 
ATOM   619  N  NE1 . TRP A 1 85  ? 2.879   -9.311  0.614   1.00 32.37 ? 102 TRP A NE1 1 
ATOM   620  C  CE2 . TRP A 1 85  ? 3.763   -8.558  -0.116  1.00 32.43 ? 102 TRP A CE2 1 
ATOM   621  C  CE3 . TRP A 1 85  ? 5.228   -6.665  0.232   1.00 31.54 ? 102 TRP A CE3 1 
ATOM   622  C  CZ2 . TRP A 1 85  ? 4.151   -8.669  -1.458  1.00 34.14 ? 102 TRP A CZ2 1 
ATOM   623  C  CZ3 . TRP A 1 85  ? 5.608   -6.780  -1.107  1.00 32.24 ? 102 TRP A CZ3 1 
ATOM   624  C  CH2 . TRP A 1 85  ? 5.068   -7.770  -1.929  1.00 31.43 ? 102 TRP A CH2 1 
ATOM   625  N  N   . ARG A 1 86  ? 4.519   -6.579  6.094   1.00 32.40 ? 103 ARG A N   1 
ATOM   626  C  CA  . ARG A 1 86  ? 5.051   -5.882  7.237   1.00 35.17 ? 103 ARG A CA  1 
ATOM   627  C  C   . ARG A 1 86  ? 6.495   -5.495  6.952   1.00 33.69 ? 103 ARG A C   1 
ATOM   628  O  O   . ARG A 1 86  ? 7.227   -6.276  6.351   1.00 34.65 ? 103 ARG A O   1 
ATOM   629  C  CB  . ARG A 1 86  ? 4.990   -6.809  8.449   1.00 38.48 ? 103 ARG A CB  1 
ATOM   630  C  CG  . ARG A 1 86  ? 5.062   -6.114  9.780   1.00 39.51 ? 103 ARG A CG  1 
ATOM   631  C  CD  . ARG A 1 86  ? 4.981   -7.119  10.928  1.00 40.84 ? 103 ARG A CD  1 
ATOM   632  N  NE  . ARG A 1 86  ? 6.077   -8.070  10.838  1.00 43.17 ? 103 ARG A NE  1 
ATOM   633  C  CZ  . ARG A 1 86  ? 7.279   -7.850  11.356  1.00 43.08 ? 103 ARG A CZ  1 
ATOM   634  N  NH1 . ARG A 1 86  ? 7.507   -6.726  12.021  1.00 44.97 ? 103 ARG A NH1 1 
ATOM   635  N  NH2 . ARG A 1 86  ? 8.242   -8.753  11.220  1.00 43.61 ? 103 ARG A NH2 1 
ATOM   636  N  N   . TYR A 1 87  ? 6.894   -4.297  7.376   1.00 31.63 ? 104 TYR A N   1 
ATOM   637  C  CA  . TYR A 1 87  ? 8.276   -3.847  7.284   1.00 34.18 ? 104 TYR A CA  1 
ATOM   638  C  C   . TYR A 1 87  ? 9.092   -4.509  8.386   1.00 37.19 ? 104 TYR A C   1 
ATOM   639  O  O   . TYR A 1 87  ? 8.647   -4.591  9.525   1.00 38.40 ? 104 TYR A O   1 
ATOM   640  C  CB  . TYR A 1 87  ? 8.353   -2.321  7.398   1.00 35.49 ? 104 TYR A CB  1 
ATOM   641  C  CG  . TYR A 1 87  ? 9.753   -1.731  7.528   1.00 36.10 ? 104 TYR A CG  1 
ATOM   642  C  CD1 . TYR A 1 87  ? 10.714  -1.913  6.535   1.00 38.18 ? 104 TYR A CD1 1 
ATOM   643  C  CD2 . TYR A 1 87  ? 10.099  -0.954  8.625   1.00 39.48 ? 104 TYR A CD2 1 
ATOM   644  C  CE1 . TYR A 1 87  ? 11.991  -1.356  6.651   1.00 38.38 ? 104 TYR A CE1 1 
ATOM   645  C  CE2 . TYR A 1 87  ? 11.374  -0.388  8.746   1.00 39.08 ? 104 TYR A CE2 1 
ATOM   646  C  CZ  . TYR A 1 87  ? 12.313  -0.595  7.756   1.00 40.37 ? 104 TYR A CZ  1 
ATOM   647  O  OH  . TYR A 1 87  ? 13.572  -0.035  7.876   1.00 40.28 ? 104 TYR A OH  1 
ATOM   648  N  N   . THR A 1 88  ? 10.284  -4.985  8.039   1.00 37.00 ? 105 THR A N   1 
ATOM   649  C  CA  . THR A 1 88  ? 11.112  -5.742  8.968   1.00 38.64 ? 105 THR A CA  1 
ATOM   650  C  C   . THR A 1 88  ? 12.422  -5.038  9.300   1.00 38.06 ? 105 THR A C   1 
ATOM   651  O  O   . THR A 1 88  ? 13.261  -5.593  9.995   1.00 42.35 ? 105 THR A O   1 
ATOM   652  C  CB  . THR A 1 88  ? 11.471  -7.125  8.386   1.00 39.46 ? 105 THR A CB  1 
ATOM   653  O  OG1 . THR A 1 88  ? 12.426  -6.962  7.331   1.00 41.39 ? 105 THR A OG1 1 
ATOM   654  C  CG2 . THR A 1 88  ? 10.249  -7.808  7.827   1.00 37.28 ? 105 THR A CG2 1 
ATOM   655  N  N   . GLY A 1 89  ? 12.611  -3.826  8.797   1.00 39.94 ? 106 GLY A N   1 
ATOM   656  C  CA  . GLY A 1 89  ? 13.877  -3.126  8.966   1.00 41.14 ? 106 GLY A CA  1 
ATOM   657  C  C   . GLY A 1 89  ? 13.954  -2.294  10.229  1.00 42.81 ? 106 GLY A C   1 
ATOM   658  O  O   . GLY A 1 89  ? 12.997  -2.245  10.998  1.00 43.37 ? 106 GLY A O   1 
ATOM   659  N  N   . ALA A 1 90  ? 15.086  -1.626  10.442  1.00 47.01 ? 107 ALA A N   1 
ATOM   660  C  CA  . ALA A 1 90  ? 15.265  -0.804  11.647  1.00 47.18 ? 107 ALA A CA  1 
ATOM   661  C  C   . ALA A 1 90  ? 15.160  0.711   11.419  1.00 47.99 ? 107 ALA A C   1 
ATOM   662  O  O   . ALA A 1 90  ? 14.844  1.461   12.353  1.00 52.25 ? 107 ALA A O   1 
ATOM   663  C  CB  . ALA A 1 90  ? 16.579  -1.151  12.347  1.00 46.48 ? 107 ALA A CB  1 
ATOM   664  N  N   . ASN A 1 91  ? 15.429  1.163   10.195  1.00 45.82 ? 108 ASN A N   1 
ATOM   665  C  CA  . ASN A 1 91  ? 15.364  2.593   9.883   1.00 44.93 ? 108 ASN A CA  1 
ATOM   666  C  C   . ASN A 1 91  ? 14.134  2.983   9.067   1.00 42.80 ? 108 ASN A C   1 
ATOM   667  O  O   . ASN A 1 91  ? 14.179  3.126   7.844   1.00 44.15 ? 108 ASN A O   1 
ATOM   668  C  CB  . ASN A 1 91  ? 16.635  3.087   9.196   1.00 49.28 ? 108 ASN A CB  1 
ATOM   669  C  CG  . ASN A 1 91  ? 16.714  4.606   9.148   1.00 48.37 ? 108 ASN A CG  1 
ATOM   670  O  OD1 . ASN A 1 91  ? 15.795  5.304   9.581   1.00 45.76 ? 108 ASN A OD1 1 
ATOM   671  N  ND2 . ASN A 1 91  ? 17.820  5.124   8.627   1.00 54.29 ? 108 ASN A ND2 1 
ATOM   672  N  N   . SER A 1 92  ? 13.042  3.167   9.788   1.00 44.11 ? 109 SER A N   1 
ATOM   673  C  CA  . SER A 1 92  ? 11.742  3.473   9.231   1.00 43.59 ? 109 SER A CA  1 
ATOM   674  C  C   . SER A 1 92  ? 11.738  4.728   8.357   1.00 40.96 ? 109 SER A C   1 
ATOM   675  O  O   . SER A 1 92  ? 11.147  4.723   7.284   1.00 40.12 ? 109 SER A O   1 
ATOM   676  C  CB  . SER A 1 92  ? 10.744  3.618   10.380  1.00 43.32 ? 109 SER A CB  1 
ATOM   677  O  OG  . SER A 1 92  ? 9.433   3.783   9.897   1.00 47.45 ? 109 SER A OG  1 
ATOM   678  N  N   . ARG A 1 93  ? 12.370  5.799   8.829   1.00 41.47 ? 110 ARG A N   1 
ATOM   679  C  CA  . ARG A 1 93  ? 12.467  7.031   8.058   1.00 42.13 ? 110 ARG A CA  1 
ATOM   680  C  C   . ARG A 1 93  ? 13.115  6.786   6.705   1.00 42.80 ? 110 ARG A C   1 
ATOM   681  O  O   . ARG A 1 93  ? 12.621  7.245   5.671   1.00 39.33 ? 110 ARG A O   1 
ATOM   682  C  CB  . ARG A 1 93  ? 13.283  8.082   8.812   1.00 45.51 ? 110 ARG A CB  1 
ATOM   683  C  CG  . ARG A 1 93  ? 12.551  8.718   9.978   1.00 46.14 ? 110 ARG A CG  1 
ATOM   684  C  CD  . ARG A 1 93  ? 11.329  9.498   9.518   1.00 42.97 ? 110 ARG A CD  1 
ATOM   685  N  NE  . ARG A 1 93  ? 11.619  10.374  8.387   1.00 45.50 ? 110 ARG A NE  1 
ATOM   686  C  CZ  . ARG A 1 93  ? 12.192  11.570  8.489   1.00 46.96 ? 110 ARG A CZ  1 
ATOM   687  N  NH1 . ARG A 1 93  ? 12.547  12.040  9.682   1.00 51.05 ? 110 ARG A NH1 1 
ATOM   688  N  NH2 . ARG A 1 93  ? 12.410  12.296  7.399   1.00 45.52 ? 110 ARG A NH2 1 
ATOM   689  N  N   . ASN A 1 94  ? 14.231  6.068   6.713   1.00 44.34 ? 111 ASN A N   1 
ATOM   690  C  CA  . ASN A 1 94  ? 14.942  5.794   5.478   1.00 42.04 ? 111 ASN A CA  1 
ATOM   691  C  C   . ASN A 1 94  ? 14.121  4.900   4.563   1.00 39.88 ? 111 ASN A C   1 
ATOM   692  O  O   . ASN A 1 94  ? 14.121  5.071   3.347   1.00 36.89 ? 111 ASN A O   1 
ATOM   693  C  CB  . ASN A 1 94  ? 16.323  5.190   5.759   1.00 46.06 ? 111 ASN A CB  1 
ATOM   694  C  CG  . ASN A 1 94  ? 17.353  6.246   6.169   1.00 51.09 ? 111 ASN A CG  1 
ATOM   695  O  OD1 . ASN A 1 94  ? 17.006  7.395   6.472   1.00 53.37 ? 111 ASN A OD1 1 
ATOM   696  N  ND2 . ASN A 1 94  ? 18.627  5.856   6.183   1.00 52.41 ? 111 ASN A ND2 1 
ATOM   697  N  N   . PHE A 1 95  ? 13.400  3.959   5.156   1.00 38.45 ? 112 PHE A N   1 
ATOM   698  C  CA  . PHE A 1 95  ? 12.527  3.080   4.387   1.00 35.45 ? 112 PHE A CA  1 
ATOM   699  C  C   . PHE A 1 95  ? 11.443  3.849   3.619   1.00 34.14 ? 112 PHE A C   1 
ATOM   700  O  O   . PHE A 1 95  ? 11.252  3.651   2.421   1.00 33.06 ? 112 PHE A O   1 
ATOM   701  C  CB  . PHE A 1 95  ? 11.895  2.038   5.307   1.00 36.22 ? 112 PHE A CB  1 
ATOM   702  C  CG  . PHE A 1 95  ? 10.873  1.175   4.630   1.00 36.71 ? 112 PHE A CG  1 
ATOM   703  C  CD1 . PHE A 1 95  ? 11.250  0.264   3.652   1.00 38.07 ? 112 PHE A CD1 1 
ATOM   704  C  CD2 . PHE A 1 95  ? 9.534   1.269   4.972   1.00 36.46 ? 112 PHE A CD2 1 
ATOM   705  C  CE1 . PHE A 1 95  ? 10.300  -0.543  3.031   1.00 36.12 ? 112 PHE A CE1 1 
ATOM   706  C  CE2 . PHE A 1 95  ? 8.578   0.472   4.357   1.00 34.98 ? 112 PHE A CE2 1 
ATOM   707  C  CZ  . PHE A 1 95  ? 8.960   -0.434  3.388   1.00 37.40 ? 112 PHE A CZ  1 
HETATM 708  N  N   . MSE A 1 96  ? 10.735  4.730   4.309   1.00 34.40 ? 113 MSE A N   1 
HETATM 709  C  CA  . MSE A 1 96  ? 9.673   5.505   3.685   1.00 33.45 ? 113 MSE A CA  1 
HETATM 710  C  C   . MSE A 1 96  ? 10.205  6.443   2.601   1.00 32.99 ? 113 MSE A C   1 
HETATM 711  O  O   . MSE A 1 96  ? 9.534   6.691   1.601   1.00 31.66 ? 113 MSE A O   1 
HETATM 712  C  CB  . MSE A 1 96  ? 8.889   6.285   4.752   1.00 34.09 ? 113 MSE A CB  1 
HETATM 713  C  CG  . MSE A 1 96  ? 8.261   5.412   5.830   1.00 33.53 ? 113 MSE A CG  1 
HETATM 714  SE SE  . MSE A 1 96  ? 7.452   6.453   7.332   1.00 55.55 ? 113 MSE A SE  1 
HETATM 715  C  CE  . MSE A 1 96  ? 9.065   7.020   8.273   1.00 42.00 ? 113 MSE A CE  1 
ATOM   716  N  N   . LYS A 1 97  ? 11.422  6.944   2.796   1.00 32.28 ? 114 LYS A N   1 
ATOM   717  C  CA  . LYS A 1 97  ? 12.033  7.849   1.833   1.00 35.47 ? 114 LYS A CA  1 
ATOM   718  C  C   . LYS A 1 97  ? 12.130  7.202   0.453   1.00 32.03 ? 114 LYS A C   1 
ATOM   719  O  O   . LYS A 1 97  ? 11.842  7.854   -0.540  1.00 33.46 ? 114 LYS A O   1 
ATOM   720  C  CB  . LYS A 1 97  ? 13.406  8.341   2.324   1.00 37.63 ? 114 LYS A CB  1 
ATOM   721  C  CG  . LYS A 1 97  ? 13.303  9.282   3.521   1.00 41.70 ? 114 LYS A CG  1 
ATOM   722  C  CD  . LYS A 1 97  ? 14.634  9.521   4.252   1.00 46.82 ? 114 LYS A CD  1 
ATOM   723  C  CE  . LYS A 1 97  ? 14.421  10.405  5.486   1.00 45.33 ? 114 LYS A CE  1 
ATOM   724  N  NZ  . LYS A 1 97  ? 15.686  10.914  6.105   1.00 50.71 ? 114 LYS A NZ  1 
ATOM   725  N  N   . THR A 1 98  ? 12.491  5.921   0.405   1.00 33.49 ? 115 THR A N   1 
ATOM   726  C  CA  . THR A 1 98  ? 12.619  5.177   -0.861  1.00 33.21 ? 115 THR A CA  1 
ATOM   727  C  C   . THR A 1 98  ? 11.324  5.073   -1.650  1.00 33.60 ? 115 THR A C   1 
ATOM   728  O  O   . THR A 1 98  ? 11.337  4.749   -2.840  1.00 30.28 ? 115 THR A O   1 
ATOM   729  C  CB  . THR A 1 98  ? 13.116  3.735   -0.638  1.00 35.57 ? 115 THR A CB  1 
ATOM   730  O  OG1 . THR A 1 98  ? 12.105  2.975   0.031   1.00 35.83 ? 115 THR A OG1 1 
ATOM   731  C  CG2 . THR A 1 98  ? 14.392  3.713   0.185   1.00 33.42 ? 115 THR A CG2 1 
ATOM   732  N  N   . TYR A 1 99  ? 10.206  5.315   -0.968  1.00 31.95 ? 116 TYR A N   1 
ATOM   733  C  CA  . TYR A 1 99  ? 8.887   5.317   -1.590  1.00 32.06 ? 116 TYR A CA  1 
ATOM   734  C  C   . TYR A 1 99  ? 8.432   6.721   -1.953  1.00 30.58 ? 116 TYR A C   1 
ATOM   735  O  O   . TYR A 1 99  ? 7.369   6.901   -2.535  1.00 32.35 ? 116 TYR A O   1 
ATOM   736  C  CB  . TYR A 1 99  ? 7.846   4.673   -0.669  1.00 31.21 ? 116 TYR A CB  1 
ATOM   737  C  CG  . TYR A 1 99  ? 7.969   3.180   -0.612  1.00 31.60 ? 116 TYR A CG  1 
ATOM   738  C  CD1 . TYR A 1 99  ? 8.917   2.576   0.200   1.00 34.58 ? 116 TYR A CD1 1 
ATOM   739  C  CD2 . TYR A 1 99  ? 7.152   2.367   -1.383  1.00 35.08 ? 116 TYR A CD2 1 
ATOM   740  C  CE1 . TYR A 1 99  ? 9.047   1.193   0.249   1.00 36.29 ? 116 TYR A CE1 1 
ATOM   741  C  CE2 . TYR A 1 99  ? 7.268   0.975   -1.338  1.00 35.67 ? 116 TYR A CE2 1 
ATOM   742  C  CZ  . TYR A 1 99  ? 8.218   0.400   -0.517  1.00 37.68 ? 116 TYR A CZ  1 
ATOM   743  O  OH  . TYR A 1 99  ? 8.353   -0.968  -0.472  1.00 36.54 ? 116 TYR A OH  1 
ATOM   744  N  N   . GLY A 1 100 ? 9.242   7.715   -1.621  1.00 29.98 ? 117 GLY A N   1 
ATOM   745  C  CA  . GLY A 1 100 ? 8.906   9.090   -1.936  1.00 30.35 ? 117 GLY A CA  1 
ATOM   746  C  C   . GLY A 1 100 ? 8.356   9.834   -0.730  1.00 31.84 ? 117 GLY A C   1 
ATOM   747  O  O   . GLY A 1 100 ? 8.053   11.021  -0.824  1.00 31.03 ? 117 GLY A O   1 
ATOM   748  N  N   . ASN A 1 101 ? 8.243   9.126   0.398   1.00 31.43 ? 118 ASN A N   1 
ATOM   749  C  CA  . ASN A 1 101 ? 7.719   9.680   1.649   1.00 29.73 ? 118 ASN A CA  1 
ATOM   750  C  C   . ASN A 1 101 ? 8.848   10.320  2.418   1.00 33.78 ? 118 ASN A C   1 
ATOM   751  O  O   . ASN A 1 101 ? 9.449   9.691   3.281   1.00 34.51 ? 118 ASN A O   1 
ATOM   752  C  CB  . ASN A 1 101 ? 7.101   8.576   2.501   1.00 29.58 ? 118 ASN A CB  1 
ATOM   753  C  CG  . ASN A 1 101 ? 6.384   9.113   3.742   1.00 31.57 ? 118 ASN A CG  1 
ATOM   754  O  OD1 . ASN A 1 101 ? 6.365   10.311  3.997   1.00 30.45 ? 118 ASN A OD1 1 
ATOM   755  N  ND2 . ASN A 1 101 ? 5.790   8.214   4.503   1.00 28.67 ? 118 ASN A ND2 1 
ATOM   756  N  N   . THR A 1 102 ? 9.137   11.576  2.097   1.00 34.28 ? 119 THR A N   1 
ATOM   757  C  CA  . THR A 1 102 ? 10.316  12.247  2.615   1.00 35.25 ? 119 THR A CA  1 
ATOM   758  C  C   . THR A 1 102 ? 10.081  12.806  4.020   1.00 37.71 ? 119 THR A C   1 
ATOM   759  O  O   . THR A 1 102 ? 10.983  12.800  4.859   1.00 38.01 ? 119 THR A O   1 
ATOM   760  C  CB  . THR A 1 102 ? 10.758  13.375  1.660   1.00 39.72 ? 119 THR A CB  1 
ATOM   761  O  OG1 . THR A 1 102 ? 11.970  13.968  2.145   1.00 45.63 ? 119 THR A OG1 1 
ATOM   762  C  CG2 . THR A 1 102 ? 9.670   14.435  1.541   1.00 36.86 ? 119 THR A CG2 1 
ATOM   763  N  N   . VAL A 1 103 ? 8.866   13.282  4.265   1.00 35.16 ? 120 VAL A N   1 
ATOM   764  C  CA  . VAL A 1 103 ? 8.492   13.807  5.574   1.00 38.44 ? 120 VAL A CA  1 
ATOM   765  C  C   . VAL A 1 103 ? 8.396   12.715  6.645   1.00 38.01 ? 120 VAL A C   1 
ATOM   766  O  O   . VAL A 1 103 ? 8.489   12.992  7.839   1.00 39.62 ? 120 VAL A O   1 
ATOM   767  C  CB  . VAL A 1 103 ? 7.165   14.577  5.510   1.00 35.90 ? 120 VAL A CB  1 
ATOM   768  C  CG1 . VAL A 1 103 ? 6.839   15.154  6.880   1.00 41.88 ? 120 VAL A CG1 1 
ATOM   769  C  CG2 . VAL A 1 103 ? 7.262   15.692  4.475   1.00 37.64 ? 120 VAL A CG2 1 
ATOM   770  N  N   . GLY A 1 104 ? 8.225   11.469  6.221   1.00 34.35 ? 121 GLY A N   1 
ATOM   771  C  CA  . GLY A 1 104 ? 8.113   10.369  7.164   1.00 35.95 ? 121 GLY A CA  1 
ATOM   772  C  C   . GLY A 1 104 ? 6.761   10.330  7.848   1.00 36.74 ? 121 GLY A C   1 
ATOM   773  O  O   . GLY A 1 104 ? 6.671   10.079  9.048   1.00 37.53 ? 121 GLY A O   1 
ATOM   774  N  N   . VAL A 1 105 ? 5.693   10.561  7.093   1.00 34.86 ? 122 VAL A N   1 
ATOM   775  C  CA  . VAL A 1 105 ? 4.373   10.607  7.720   1.00 37.96 ? 122 VAL A CA  1 
ATOM   776  C  C   . VAL A 1 105 ? 3.450   9.489   7.238   1.00 35.17 ? 122 VAL A C   1 
ATOM   777  O  O   . VAL A 1 105 ? 3.651   8.927   6.155   1.00 29.92 ? 122 VAL A O   1 
ATOM   778  C  CB  . VAL A 1 105 ? 3.693   11.991  7.558   1.00 36.24 ? 122 VAL A CB  1 
ATOM   779  C  CG1 . VAL A 1 105 ? 4.372   13.038  8.452   1.00 39.04 ? 122 VAL A CG1 1 
ATOM   780  C  CG2 . VAL A 1 105 ? 3.676   12.434  6.096   1.00 31.73 ? 122 VAL A CG2 1 
ATOM   781  N  N   . LEU A 1 106 ? 2.470   9.147   8.074   1.00 30.32 ? 123 LEU A N   1 
ATOM   782  C  CA  . LEU A 1 106 ? 1.412   8.204   7.721   1.00 34.45 ? 123 LEU A CA  1 
ATOM   783  C  C   . LEU A 1 106 ? 0.030   8.809   7.963   1.00 35.49 ? 123 LEU A C   1 
ATOM   784  O  O   . LEU A 1 106 ? -0.143  9.639   8.861   1.00 38.86 ? 123 LEU A O   1 
ATOM   785  C  CB  . LEU A 1 106 ? 1.556   6.886   8.483   1.00 33.89 ? 123 LEU A CB  1 
ATOM   786  C  CG  . LEU A 1 106 ? 2.893   6.167   8.373   1.00 35.32 ? 123 LEU A CG  1 
ATOM   787  C  CD1 . LEU A 1 106 ? 3.110   5.308   9.602   1.00 38.41 ? 123 LEU A CD1 1 
ATOM   788  C  CD2 . LEU A 1 106 ? 3.004   5.336   7.082   1.00 30.13 ? 123 LEU A CD2 1 
ATOM   789  N  N   . PRO A 1 107 ? -0.952  8.416   7.136   1.00 34.46 ? 124 PRO A N   1 
ATOM   790  C  CA  . PRO A 1 107 ? -0.702  7.382   6.132   1.00 32.07 ? 124 PRO A CA  1 
ATOM   791  C  C   . PRO A 1 107 ? -0.031  7.957   4.905   1.00 29.99 ? 124 PRO A C   1 
ATOM   792  O  O   . PRO A 1 107 ? 0.179   9.162   4.787   1.00 29.99 ? 124 PRO A O   1 
ATOM   793  C  CB  . PRO A 1 107 ? -2.109  6.979   5.733   1.00 35.10 ? 124 PRO A CB  1 
ATOM   794  C  CG  . PRO A 1 107 ? -2.797  8.308   5.649   1.00 35.89 ? 124 PRO A CG  1 
ATOM   795  C  CD  . PRO A 1 107 ? -2.210  9.126   6.838   1.00 38.33 ? 124 PRO A CD  1 
ATOM   796  N  N   . PHE A 1 108 ? 0.267   7.080   3.963   1.00 25.52 ? 125 PHE A N   1 
ATOM   797  C  CA  . PHE A 1 108 ? 0.976   7.476   2.775   1.00 25.69 ? 125 PHE A CA  1 
ATOM   798  C  C   . PHE A 1 108 ? 0.641   6.436   1.711   1.00 26.09 ? 125 PHE A C   1 
ATOM   799  O  O   . PHE A 1 108 ? 0.843   5.249   1.916   1.00 26.54 ? 125 PHE A O   1 
ATOM   800  C  CB  . PHE A 1 108 ? 2.471   7.492   3.067   1.00 26.43 ? 125 PHE A CB  1 
ATOM   801  C  CG  . PHE A 1 108 ? 3.315   7.900   1.878   1.00 26.61 ? 125 PHE A CG  1 
ATOM   802  C  CD1 . PHE A 1 108 ? 3.549   9.235   1.614   1.00 27.63 ? 125 PHE A CD1 1 
ATOM   803  C  CD2 . PHE A 1 108 ? 3.858   6.947   1.033   1.00 27.29 ? 125 PHE A CD2 1 
ATOM   804  C  CE1 . PHE A 1 108 ? 4.326   9.619   0.530   1.00 31.72 ? 125 PHE A CE1 1 
ATOM   805  C  CE2 . PHE A 1 108 ? 4.626   7.317   -0.049  1.00 28.64 ? 125 PHE A CE2 1 
ATOM   806  C  CZ  . PHE A 1 108 ? 4.857   8.655   -0.307  1.00 27.94 ? 125 PHE A CZ  1 
ATOM   807  N  N   . THR A 1 109 ? 0.081   6.877   0.600   1.00 24.86 ? 126 THR A N   1 
ATOM   808  C  CA  . THR A 1 109 ? -0.255  5.958   -0.472  1.00 25.63 ? 126 THR A CA  1 
ATOM   809  C  C   . THR A 1 109 ? 0.349   6.528   -1.725  1.00 25.23 ? 126 THR A C   1 
ATOM   810  O  O   . THR A 1 109 ? 0.192   7.721   -1.998  1.00 25.88 ? 126 THR A O   1 
ATOM   811  C  CB  . THR A 1 109 ? -1.781  5.811   -0.654  1.00 27.42 ? 126 THR A CB  1 
ATOM   812  O  OG1 . THR A 1 109 ? -2.393  5.448   0.602   1.00 27.56 ? 126 THR A OG1 1 
ATOM   813  C  CG2 . THR A 1 109 ? -2.089  4.751   -1.705  1.00 25.58 ? 126 THR A CG2 1 
ATOM   814  N  N   . VAL A 1 110 ? 1.063   5.687   -2.469  1.00 22.36 ? 127 VAL A N   1 
ATOM   815  C  CA  . VAL A 1 110 ? 1.722   6.127   -3.687  1.00 23.02 ? 127 VAL A CA  1 
ATOM   816  C  C   . VAL A 1 110 ? 1.444   5.147   -4.837  1.00 23.74 ? 127 VAL A C   1 
ATOM   817  O  O   . VAL A 1 110 ? 1.374   3.925   -4.637  1.00 22.04 ? 127 VAL A O   1 
ATOM   818  C  CB  . VAL A 1 110 ? 3.230   6.346   -3.466  1.00 23.88 ? 127 VAL A CB  1 
ATOM   819  C  CG1 . VAL A 1 110 ? 3.888   5.067   -2.973  1.00 26.24 ? 127 VAL A CG1 1 
ATOM   820  C  CG2 . VAL A 1 110 ? 3.888   6.802   -4.753  1.00 26.11 ? 127 VAL A CG2 1 
ATOM   821  N  N   . VAL A 1 111 ? 1.246   5.714   -6.021  1.00 21.41 ? 128 VAL A N   1 
ATOM   822  C  CA  . VAL A 1 111 ? 0.879   4.969   -7.213  1.00 22.16 ? 128 VAL A CA  1 
ATOM   823  C  C   . VAL A 1 111 ? 2.069   5.098   -8.146  1.00 24.90 ? 128 VAL A C   1 
ATOM   824  O  O   . VAL A 1 111 ? 2.652   6.163   -8.266  1.00 22.64 ? 128 VAL A O   1 
ATOM   825  C  CB  . VAL A 1 111 ? -0.363  5.564   -7.869  1.00 21.07 ? 128 VAL A CB  1 
ATOM   826  C  CG1 . VAL A 1 111 ? -0.634  4.896   -9.225  1.00 24.53 ? 128 VAL A CG1 1 
ATOM   827  C  CG2 . VAL A 1 111 ? -1.568  5.435   -6.913  1.00 25.68 ? 128 VAL A CG2 1 
ATOM   828  N  N   . GLU A 1 112 ? 2.457   4.000   -8.765  1.00 19.98 ? 129 GLU A N   1 
ATOM   829  C  CA  . GLU A 1 112 ? 3.672   3.984   -9.561  1.00 24.56 ? 129 GLU A CA  1 
ATOM   830  C  C   . GLU A 1 112 ? 3.420   3.206   -10.849 1.00 25.18 ? 129 GLU A C   1 
ATOM   831  O  O   . GLU A 1 112 ? 2.588   2.283   -10.870 1.00 21.03 ? 129 GLU A O   1 
ATOM   832  C  CB  . GLU A 1 112 ? 4.773   3.284   -8.772  1.00 25.47 ? 129 GLU A CB  1 
ATOM   833  C  CG  . GLU A 1 112 ? 5.499   4.154   -7.780  1.00 32.01 ? 129 GLU A CG  1 
ATOM   834  C  CD  . GLU A 1 112 ? 6.723   3.458   -7.207  1.00 38.06 ? 129 GLU A CD  1 
ATOM   835  O  OE1 . GLU A 1 112 ? 7.826   3.650   -7.761  1.00 40.67 ? 129 GLU A OE1 1 
ATOM   836  O  OE2 . GLU A 1 112 ? 6.580   2.700   -6.219  1.00 45.10 ? 129 GLU A OE2 1 
ATOM   837  N  N   . ALA A 1 113 ? 4.111   3.588   -11.920 1.00 24.17 ? 130 ALA A N   1 
ATOM   838  C  CA  . ALA A 1 113 ? 4.264   2.700   -13.084 1.00 24.98 ? 130 ALA A CA  1 
ATOM   839  C  C   . ALA A 1 113 ? 5.759   2.486   -13.234 1.00 27.04 ? 130 ALA A C   1 
ATOM   840  O  O   . ALA A 1 113 ? 6.452   3.264   -13.892 1.00 28.60 ? 130 ALA A O   1 
ATOM   841  C  CB  . ALA A 1 113 ? 3.645   3.294   -14.330 1.00 24.71 ? 130 ALA A CB  1 
ATOM   842  N  N   . PRO A 1 114 ? 6.268   1.447   -12.568 1.00 26.52 ? 131 PRO A N   1 
ATOM   843  C  CA  . PRO A 1 114 ? 7.691   1.273   -12.275 1.00 29.84 ? 131 PRO A CA  1 
ATOM   844  C  C   . PRO A 1 114 ? 8.539   1.128   -13.536 1.00 31.47 ? 131 PRO A C   1 
ATOM   845  O  O   . PRO A 1 114 ? 9.713   1.515   -13.563 1.00 31.83 ? 131 PRO A O   1 
ATOM   846  C  CB  . PRO A 1 114 ? 7.723   -0.036  -11.476 1.00 32.52 ? 131 PRO A CB  1 
ATOM   847  C  CG  . PRO A 1 114 ? 6.334   -0.245  -11.010 1.00 30.55 ? 131 PRO A CG  1 
ATOM   848  C  CD  . PRO A 1 114 ? 5.461   0.330   -12.056 1.00 27.27 ? 131 PRO A CD  1 
ATOM   849  N  N   . LYS A 1 115 ? 7.949   0.571   -14.582 1.00 32.67 ? 132 LYS A N   1 
ATOM   850  C  CA  . LYS A 1 115 ? 8.716   0.345   -15.804 1.00 35.76 ? 132 LYS A CA  1 
ATOM   851  C  C   . LYS A 1 115 ? 8.980   1.675   -16.469 1.00 35.40 ? 132 LYS A C   1 
ATOM   852  O  O   . LYS A 1 115 ? 9.806   1.783   -17.367 1.00 35.60 ? 132 LYS A O   1 
ATOM   853  C  CB  . LYS A 1 115 ? 7.978   -0.600  -16.724 1.00 34.24 ? 132 LYS A CB  1 
ATOM   854  C  CG  . LYS A 1 115 ? 7.855   -1.991  -16.123 1.00 40.61 ? 132 LYS A CG  1 
ATOM   855  C  CD  . LYS A 1 115 ? 9.227   -2.543  -15.745 1.00 43.27 ? 132 LYS A CD  1 
ATOM   856  C  CE  . LYS A 1 115 ? 10.082  -2.797  -16.992 1.00 47.60 ? 132 LYS A CE  1 
ATOM   857  N  NZ  . LYS A 1 115 ? 11.490  -3.187  -16.668 1.00 50.13 ? 132 LYS A NZ  1 
ATOM   858  N  N   . CYS A 1 116 ? 8.294   2.694   -15.977 1.00 33.43 ? 133 CYS A N   1 
ATOM   859  C  CA  . CYS A 1 116 ? 8.418   4.035   -16.510 1.00 35.35 ? 133 CYS A CA  1 
ATOM   860  C  C   . CYS A 1 116 ? 8.945   5.066   -15.486 1.00 34.52 ? 133 CYS A C   1 
ATOM   861  O  O   . CYS A 1 116 ? 9.195   6.217   -15.823 1.00 35.88 ? 133 CYS A O   1 
ATOM   862  C  CB  . CYS A 1 116 ? 7.062   4.452   -17.064 1.00 36.01 ? 133 CYS A CB  1 
ATOM   863  S  SG  . CYS A 1 116 ? 6.803   6.191   -17.130 1.00 52.20 ? 133 CYS A SG  1 
ATOM   864  N  N   . GLY A 1 117 ? 9.127   4.654   -14.238 1.00 35.05 ? 134 GLY A N   1 
ATOM   865  C  CA  . GLY A 1 117 ? 9.641   5.560   -13.224 1.00 31.14 ? 134 GLY A CA  1 
ATOM   866  C  C   . GLY A 1 117 ? 8.610   6.533   -12.683 1.00 30.93 ? 134 GLY A C   1 
ATOM   867  O  O   . GLY A 1 117 ? 8.893   7.295   -11.721 1.00 31.36 ? 134 GLY A O   1 
ATOM   868  N  N   . TYR A 1 118 ? 7.417   6.523   -13.283 1.00 27.90 ? 135 TYR A N   1 
ATOM   869  C  CA  . TYR A 1 118 ? 6.339   7.408   -12.839 1.00 27.74 ? 135 TYR A CA  1 
ATOM   870  C  C   . TYR A 1 118 ? 5.909   7.089   -11.399 1.00 26.23 ? 135 TYR A C   1 
ATOM   871  O  O   . TYR A 1 118 ? 5.658   5.930   -11.039 1.00 21.80 ? 135 TYR A O   1 
ATOM   872  C  CB  . TYR A 1 118 ? 5.150   7.355   -13.799 1.00 26.44 ? 135 TYR A CB  1 
ATOM   873  C  CG  . TYR A 1 118 ? 3.939   8.091   -13.284 1.00 28.18 ? 135 TYR A CG  1 
ATOM   874  C  CD1 . TYR A 1 118 ? 2.871   7.404   -12.706 1.00 27.93 ? 135 TYR A CD1 1 
ATOM   875  C  CD2 . TYR A 1 118 ? 3.875   9.478   -13.332 1.00 30.36 ? 135 TYR A CD2 1 
ATOM   876  C  CE1 . TYR A 1 118 ? 1.756   8.092   -12.209 1.00 28.06 ? 135 TYR A CE1 1 
ATOM   877  C  CE2 . TYR A 1 118 ? 2.779   10.171  -12.839 1.00 29.08 ? 135 TYR A CE2 1 
ATOM   878  C  CZ  . TYR A 1 118 ? 1.721   9.472   -12.289 1.00 31.97 ? 135 TYR A CZ  1 
ATOM   879  O  OH  . TYR A 1 118 ? 0.635   10.161  -11.808 1.00 31.18 ? 135 TYR A OH  1 
ATOM   880  N  N   . ARG A 1 119 ? 5.839   8.118   -10.568 1.00 25.11 ? 136 ARG A N   1 
ATOM   881  C  CA  . ARG A 1 119 ? 5.467   7.919   -9.166  1.00 25.22 ? 136 ARG A CA  1 
ATOM   882  C  C   . ARG A 1 119 ? 4.707   9.137   -8.679  1.00 28.69 ? 136 ARG A C   1 
ATOM   883  O  O   . ARG A 1 119 ? 5.195   10.267  -8.787  1.00 22.94 ? 136 ARG A O   1 
ATOM   884  C  CB  . ARG A 1 119 ? 6.716   7.673   -8.328  1.00 26.57 ? 136 ARG A CB  1 
ATOM   885  C  CG  . ARG A 1 119 ? 6.487   7.602   -6.839  1.00 27.86 ? 136 ARG A CG  1 
ATOM   886  C  CD  . ARG A 1 119 ? 7.687   8.231   -6.119  1.00 31.75 ? 136 ARG A CD  1 
ATOM   887  N  NE  . ARG A 1 119 ? 8.642   7.209   -5.746  1.00 32.89 ? 136 ARG A NE  1 
ATOM   888  C  CZ  . ARG A 1 119 ? 9.864   7.434   -5.279  1.00 32.55 ? 136 ARG A CZ  1 
ATOM   889  N  NH1 . ARG A 1 119 ? 10.331  8.672   -5.127  1.00 31.95 ? 136 ARG A NH1 1 
ATOM   890  N  NH2 . ARG A 1 119 ? 10.623  6.394   -4.972  1.00 33.23 ? 136 ARG A NH2 1 
ATOM   891  N  N   . GLN A 1 120 ? 3.494   8.924   -8.177  1.00 24.42 ? 137 GLN A N   1 
ATOM   892  C  CA  . GLN A 1 120 ? 2.721   10.043  -7.622  1.00 25.80 ? 137 GLN A CA  1 
ATOM   893  C  C   . GLN A 1 120 ? 2.010   9.640   -6.345  1.00 27.56 ? 137 GLN A C   1 
ATOM   894  O  O   . GLN A 1 120 ? 1.298   8.633   -6.303  1.00 26.38 ? 137 GLN A O   1 
ATOM   895  C  CB  . GLN A 1 120 ? 1.728   10.611  -8.648  1.00 28.07 ? 137 GLN A CB  1 
ATOM   896  C  CG  . GLN A 1 120 ? 0.905   11.820  -8.148  1.00 32.46 ? 137 GLN A CG  1 
ATOM   897  C  CD  . GLN A 1 120 ? 0.410   12.766  -9.261  1.00 37.21 ? 137 GLN A CD  1 
ATOM   898  O  OE1 . GLN A 1 120 ? -0.391  13.661  -8.995  1.00 41.72 ? 137 GLN A OE1 1 
ATOM   899  N  NE2 . GLN A 1 120 ? 0.891   12.579  -10.496 1.00 33.01 ? 137 GLN A NE2 1 
ATOM   900  N  N   . THR A 1 121 ? 2.238   10.424  -5.299  1.00 25.85 ? 138 THR A N   1 
ATOM   901  C  CA  . THR A 1 121 ? 1.589   10.245  -4.011  1.00 29.21 ? 138 THR A CA  1 
ATOM   902  C  C   . THR A 1 121 ? 0.125   10.631  -4.170  1.00 31.47 ? 138 THR A C   1 
ATOM   903  O  O   . THR A 1 121 ? -0.190  11.504  -4.978  1.00 33.15 ? 138 THR A O   1 
ATOM   904  C  CB  . THR A 1 121 ? 2.284   11.128  -2.953  1.00 30.38 ? 138 THR A CB  1 
ATOM   905  O  OG1 . THR A 1 121 ? 3.683   10.791  -2.910  1.00 29.36 ? 138 THR A OG1 1 
ATOM   906  C  CG2 . THR A 1 121 ? 1.686   10.907  -1.585  1.00 30.99 ? 138 THR A CG2 1 
ATOM   907  N  N   . ILE A 1 122 ? -0.778  9.961   -3.449  1.00 29.12 ? 139 ILE A N   1 
ATOM   908  C  CA  . ILE A 1 122 ? -2.170  10.354  -3.501  1.00 29.10 ? 139 ILE A CA  1 
ATOM   909  C  C   . ILE A 1 122 ? -2.384  11.354  -2.392  1.00 35.56 ? 139 ILE A C   1 
ATOM   910  O  O   . ILE A 1 122 ? -2.270  11.008  -1.225  1.00 36.12 ? 139 ILE A O   1 
ATOM   911  C  CB  . ILE A 1 122 ? -3.154  9.173   -3.357  1.00 31.97 ? 139 ILE A CB  1 
ATOM   912  C  CG1 . ILE A 1 122 ? -3.139  8.321   -4.644  1.00 32.32 ? 139 ILE A CG1 1 
ATOM   913  C  CG2 . ILE A 1 122 ? -4.560  9.696   -3.115  1.00 32.92 ? 139 ILE A CG2 1 
ATOM   914  C  CD1 . ILE A 1 122 ? -4.239  7.291   -4.726  1.00 32.57 ? 139 ILE A CD1 1 
ATOM   915  N  N   . THR A 1 123 ? -2.645  12.604  -2.770  1.00 39.89 ? 140 THR A N   1 
ATOM   916  C  CA  . THR A 1 123 ? -2.943  13.657  -1.809  1.00 39.48 ? 140 THR A CA  1 
ATOM   917  C  C   . THR A 1 123 ? -4.448  13.725  -1.665  1.00 42.83 ? 140 THR A C   1 
ATOM   918  O  O   . THR A 1 123 ? -5.184  13.515  -2.632  1.00 42.79 ? 140 THR A O   1 
ATOM   919  C  CB  . THR A 1 123 ? -2.404  15.021  -2.261  1.00 43.23 ? 140 THR A CB  1 
ATOM   920  O  OG1 . THR A 1 123 ? -2.864  15.303  -3.588  1.00 47.02 ? 140 THR A OG1 1 
ATOM   921  C  CG2 . THR A 1 123 ? -0.882  15.018  -2.256  1.00 42.86 ? 140 THR A CG2 1 
ATOM   922  N  N   . GLY A 1 124 ? -4.913  13.995  -0.454  1.00 42.04 ? 141 GLY A N   1 
ATOM   923  C  CA  . GLY A 1 124 ? -6.337  13.979  -0.201  1.00 40.78 ? 141 GLY A CA  1 
ATOM   924  C  C   . GLY A 1 124 ? -6.789  12.584  0.180   1.00 41.59 ? 141 GLY A C   1 
ATOM   925  O  O   . GLY A 1 124 ? -5.976  11.668  0.346   1.00 39.81 ? 141 GLY A O   1 
ATOM   926  N  N   . GLU A 1 125 ? -8.096  12.430  0.319   1.00 38.74 ? 142 GLU A N   1 
ATOM   927  C  CA  . GLU A 1 125 ? -8.674  11.186  0.783   1.00 40.33 ? 142 GLU A CA  1 
ATOM   928  C  C   . GLU A 1 125 ? -8.435  10.051  -0.217  1.00 39.57 ? 142 GLU A C   1 
ATOM   929  O  O   . GLU A 1 125 ? -8.613  10.221  -1.429  1.00 39.36 ? 142 GLU A O   1 
ATOM   930  C  CB  . GLU A 1 125 ? -10.170 11.371  1.018   1.00 41.42 ? 142 GLU A CB  1 
ATOM   931  C  CG  . GLU A 1 125 ? -10.853 10.137  1.570   1.00 44.45 ? 142 GLU A CG  1 
ATOM   932  C  CD  . GLU A 1 125 ? -12.349 10.307  1.664   1.00 47.71 ? 142 GLU A CD  1 
ATOM   933  O  OE1 . GLU A 1 125 ? -12.804 11.473  1.672   1.00 50.74 ? 142 GLU A OE1 1 
ATOM   934  O  OE2 . GLU A 1 125 ? -13.065 9.281   1.728   1.00 50.52 ? 142 GLU A OE2 1 
ATOM   935  N  N   . VAL A 1 126 ? -8.008  8.903   0.289   1.00 35.92 ? 143 VAL A N   1 
ATOM   936  C  CA  . VAL A 1 126 ? -7.912  7.736   -0.569  1.00 39.11 ? 143 VAL A CA  1 
ATOM   937  C  C   . VAL A 1 126 ? -9.283  7.094   -0.633  1.00 40.48 ? 143 VAL A C   1 
ATOM   938  O  O   . VAL A 1 126 ? -9.744  6.487   0.341   1.00 37.69 ? 143 VAL A O   1 
ATOM   939  C  CB  . VAL A 1 126 ? -6.885  6.717   -0.065  1.00 36.33 ? 143 VAL A CB  1 
ATOM   940  C  CG1 . VAL A 1 126 ? -7.020  5.428   -0.836  1.00 32.80 ? 143 VAL A CG1 1 
ATOM   941  C  CG2 . VAL A 1 126 ? -5.474  7.283   -0.191  1.00 37.16 ? 143 VAL A CG2 1 
ATOM   942  N  N   . ASN A 1 127 ? -9.945  7.267   -1.769  1.00 36.85 ? 144 ASN A N   1 
ATOM   943  C  CA  . ASN A 1 127 ? -11.233 6.632   -2.005  1.00 38.34 ? 144 ASN A CA  1 
ATOM   944  C  C   . ASN A 1 127 ? -11.326 6.094   -3.424  1.00 39.27 ? 144 ASN A C   1 
ATOM   945  O  O   . ASN A 1 127 ? -10.351 6.112   -4.178  1.00 35.61 ? 144 ASN A O   1 
ATOM   946  C  CB  . ASN A 1 127 ? -12.376 7.613   -1.746  1.00 39.58 ? 144 ASN A CB  1 
ATOM   947  C  CG  . ASN A 1 127 ? -12.205 8.913   -2.502  1.00 41.44 ? 144 ASN A CG  1 
ATOM   948  O  OD1 . ASN A 1 127 ? -11.907 8.922   -3.696  1.00 42.55 ? 144 ASN A OD1 1 
ATOM   949  N  ND2 . ASN A 1 127 ? -12.387 10.020  -1.808  1.00 42.28 ? 144 ASN A ND2 1 
ATOM   950  N  N   . GLU A 1 128 ? -12.514 5.624   -3.778  1.00 39.42 ? 145 GLU A N   1 
ATOM   951  C  CA  . GLU A 1 128 ? -12.752 4.987   -5.060  1.00 38.60 ? 145 GLU A CA  1 
ATOM   952  C  C   . GLU A 1 128 ? -12.444 5.904   -6.249  1.00 38.41 ? 145 GLU A C   1 
ATOM   953  O  O   . GLU A 1 128 ? -11.829 5.480   -7.231  1.00 36.14 ? 145 GLU A O   1 
ATOM   954  C  CB  . GLU A 1 128 ? -14.203 4.494   -5.114  1.00 42.81 ? 145 GLU A CB  1 
ATOM   955  C  CG  . GLU A 1 128 ? -14.551 3.456   -4.044  1.00 41.63 ? 145 GLU A CG  1 
ATOM   956  C  CD  . GLU A 1 128 ? -15.107 4.052   -2.747  1.00 47.85 ? 145 GLU A CD  1 
ATOM   957  O  OE1 . GLU A 1 128 ? -15.903 3.346   -2.086  1.00 50.27 ? 145 GLU A OE1 1 
ATOM   958  O  OE2 . GLU A 1 128 ? -14.759 5.205   -2.375  1.00 47.36 ? 145 GLU A OE2 1 
ATOM   959  N  N   . LYS A 1 129 ? -12.871 7.159   -6.162  1.00 36.38 ? 146 LYS A N   1 
ATOM   960  C  CA  . LYS A 1 129 ? -12.652 8.090   -7.259  1.00 38.50 ? 146 LYS A CA  1 
ATOM   961  C  C   . LYS A 1 129 ? -11.183 8.478   -7.330  1.00 36.62 ? 146 LYS A C   1 
ATOM   962  O  O   . LYS A 1 129 ? -10.622 8.683   -8.410  1.00 37.05 ? 146 LYS A O   1 
ATOM   963  C  CB  . LYS A 1 129 ? -13.515 9.334   -7.085  1.00 38.46 ? 146 LYS A CB  1 
ATOM   964  C  CG  . LYS A 1 129 ? -13.290 10.397  -8.140  1.00 40.26 ? 146 LYS A CG  1 
ATOM   965  C  CD  . LYS A 1 129 ? -13.319 11.786  -7.501  1.00 42.83 ? 146 LYS A CD  1 
ATOM   966  C  CE  . LYS A 1 129 ? -13.670 12.857  -8.508  1.00 44.22 ? 146 LYS A CE  1 
ATOM   967  N  NZ  . LYS A 1 129 ? -13.011 12.614  -9.821  1.00 44.03 ? 146 LYS A NZ  1 
ATOM   968  N  N   . SER A 1 130 ? -10.565 8.572   -6.161  1.00 37.12 ? 147 SER A N   1 
ATOM   969  C  CA  . SER A 1 130 ? -9.166  8.939   -6.053  1.00 36.16 ? 147 SER A CA  1 
ATOM   970  C  C   . SER A 1 130 ? -8.271  7.849   -6.660  1.00 34.90 ? 147 SER A C   1 
ATOM   971  O  O   . SER A 1 130 ? -7.356  8.133   -7.440  1.00 32.57 ? 147 SER A O   1 
ATOM   972  C  CB  . SER A 1 130 ? -8.817  9.143   -4.591  1.00 37.10 ? 147 SER A CB  1 
ATOM   973  O  OG  . SER A 1 130 ? -7.507  9.652   -4.479  1.00 41.32 ? 147 SER A OG  1 
ATOM   974  N  N   . LEU A 1 131 ? -8.543  6.604   -6.293  1.00 33.54 ? 148 LEU A N   1 
ATOM   975  C  CA  . LEU A 1 131 ? -7.768  5.474   -6.781  1.00 31.69 ? 148 LEU A CA  1 
ATOM   976  C  C   . LEU A 1 131 ? -7.943  5.319   -8.276  1.00 29.00 ? 148 LEU A C   1 
ATOM   977  O  O   . LEU A 1 131 ? -6.969  5.197   -9.001  1.00 30.04 ? 148 LEU A O   1 
ATOM   978  C  CB  . LEU A 1 131 ? -8.182  4.192   -6.064  1.00 30.62 ? 148 LEU A CB  1 
ATOM   979  C  CG  . LEU A 1 131 ? -7.793  4.098   -4.589  1.00 31.44 ? 148 LEU A CG  1 
ATOM   980  C  CD1 . LEU A 1 131 ? -8.569  2.979   -3.890  1.00 33.09 ? 148 LEU A CD1 1 
ATOM   981  C  CD2 . LEU A 1 131 ? -6.299  3.897   -4.444  1.00 29.11 ? 148 LEU A CD2 1 
ATOM   982  N  N   . THR A 1 132 ? -9.190  5.322   -8.735  1.00 31.52 ? 149 THR A N   1 
ATOM   983  C  CA  . THR A 1 132 ? -9.482  5.165   -10.160 1.00 32.61 ? 149 THR A CA  1 
ATOM   984  C  C   . THR A 1 132 ? -8.756  6.200   -11.018 1.00 31.83 ? 149 THR A C   1 
ATOM   985  O  O   . THR A 1 132 ? -8.156  5.863   -12.039 1.00 31.34 ? 149 THR A O   1 
ATOM   986  C  CB  . THR A 1 132 ? -11.004 5.254   -10.443 1.00 34.29 ? 149 THR A CB  1 
ATOM   987  O  OG1 . THR A 1 132 ? -11.667 4.128   -9.858  1.00 37.83 ? 149 THR A OG1 1 
ATOM   988  C  CG2 . THR A 1 132 ? -11.278 5.258   -11.954 1.00 38.46 ? 149 THR A CG2 1 
ATOM   989  N  N   . ASP A 1 133 ? -8.800  7.458   -10.599 1.00 32.52 ? 150 ASP A N   1 
ATOM   990  C  CA  . ASP A 1 133 ? -8.134  8.532   -11.344 1.00 33.16 ? 150 ASP A CA  1 
ATOM   991  C  C   . ASP A 1 133 ? -6.614  8.405   -11.330 1.00 32.19 ? 150 ASP A C   1 
ATOM   992  O  O   . ASP A 1 133 ? -5.949  8.618   -12.354 1.00 29.05 ? 150 ASP A O   1 
ATOM   993  C  CB  . ASP A 1 133 ? -8.522  9.908   -10.794 1.00 33.25 ? 150 ASP A CB  1 
ATOM   994  C  CG  . ASP A 1 133 ? -9.997  10.227  -10.984 1.00 38.34 ? 150 ASP A CG  1 
ATOM   995  O  OD1 . ASP A 1 133 ? -10.644 9.576   -11.826 1.00 41.19 ? 150 ASP A OD1 1 
ATOM   996  O  OD2 . ASP A 1 133 ? -10.510 11.131  -10.291 1.00 39.86 ? 150 ASP A OD2 1 
ATOM   997  N  N   . ALA A 1 134 ? -6.063  8.091   -10.164 1.00 29.24 ? 151 ALA A N   1 
ATOM   998  C  CA  . ALA A 1 134 ? -4.618  7.965   -10.030 1.00 28.82 ? 151 ALA A CA  1 
ATOM   999  C  C   . ALA A 1 134 ? -4.086  6.837   -10.905 1.00 28.48 ? 151 ALA A C   1 
ATOM   1000 O  O   . ALA A 1 134 ? -3.034  6.954   -11.525 1.00 29.04 ? 151 ALA A O   1 
ATOM   1001 C  CB  . ALA A 1 134 ? -4.240  7.727   -8.588  1.00 28.44 ? 151 ALA A CB  1 
ATOM   1002 N  N   . VAL A 1 135 ? -4.822  5.734   -10.936 1.00 29.03 ? 152 VAL A N   1 
ATOM   1003 C  CA  . VAL A 1 135 ? -4.382  4.552   -11.652 1.00 27.28 ? 152 VAL A CA  1 
ATOM   1004 C  C   . VAL A 1 135 ? -4.457  4.803   -13.153 1.00 29.81 ? 152 VAL A C   1 
ATOM   1005 O  O   . VAL A 1 135 ? -3.529  4.473   -13.881 1.00 29.13 ? 152 VAL A O   1 
ATOM   1006 C  CB  . VAL A 1 135 ? -5.195  3.303   -11.233 1.00 26.56 ? 152 VAL A CB  1 
ATOM   1007 C  CG1 . VAL A 1 135 ? -5.125  2.224   -12.307 1.00 28.49 ? 152 VAL A CG1 1 
ATOM   1008 C  CG2 . VAL A 1 135 ? -4.645  2.768   -9.919  1.00 26.92 ? 152 VAL A CG2 1 
ATOM   1009 N  N   . LYS A 1 136 ? -5.563  5.393   -13.596 1.00 30.36 ? 153 LYS A N   1 
ATOM   1010 C  CA  . LYS A 1 136 ? -5.731  5.753   -14.986 1.00 30.61 ? 153 LYS A CA  1 
ATOM   1011 C  C   . LYS A 1 136 ? -4.636  6.700   -15.442 1.00 31.18 ? 153 LYS A C   1 
ATOM   1012 O  O   . LYS A 1 136 ? -4.160  6.592   -16.557 1.00 31.95 ? 153 LYS A O   1 
ATOM   1013 C  CB  . LYS A 1 136 ? -7.089  6.401   -15.220 1.00 32.37 ? 153 LYS A CB  1 
ATOM   1014 C  CG  . LYS A 1 136 ? -7.404  6.576   -16.698 1.00 35.11 ? 153 LYS A CG  1 
ATOM   1015 C  CD  . LYS A 1 136 ? -8.839  7.045   -16.913 1.00 40.42 ? 153 LYS A CD  1 
ATOM   1016 C  CE  . LYS A 1 136 ? -9.200  7.100   -18.394 1.00 39.38 ? 153 LYS A CE  1 
ATOM   1017 N  NZ  . LYS A 1 136 ? -10.466 7.851   -18.585 1.00 40.77 ? 153 LYS A NZ  1 
ATOM   1018 N  N   . LEU A 1 137 ? -4.243  7.634   -14.583 1.00 30.23 ? 154 LEU A N   1 
ATOM   1019 C  CA  . LEU A 1 137 ? -3.144  8.533   -14.908 1.00 31.15 ? 154 LEU A CA  1 
ATOM   1020 C  C   . LEU A 1 137 ? -1.839  7.755   -15.061 1.00 30.76 ? 154 LEU A C   1 
ATOM   1021 O  O   . LEU A 1 137 ? -1.104  7.971   -16.021 1.00 30.44 ? 154 LEU A O   1 
ATOM   1022 C  CB  . LEU A 1 137 ? -3.008  9.627   -13.841 1.00 31.21 ? 154 LEU A CB  1 
ATOM   1023 C  CG  . LEU A 1 137 ? -2.119  10.833  -14.125 1.00 34.64 ? 154 LEU A CG  1 
ATOM   1024 C  CD1 . LEU A 1 137 ? -2.504  11.516  -15.426 1.00 34.53 ? 154 LEU A CD1 1 
ATOM   1025 C  CD2 . LEU A 1 137 ? -2.209  11.808  -12.962 1.00 36.22 ? 154 LEU A CD2 1 
ATOM   1026 N  N   . ALA A 1 138 ? -1.563  6.833   -14.136 1.00 27.81 ? 155 ALA A N   1 
ATOM   1027 C  CA  . ALA A 1 138 ? -0.346  6.021   -14.217 1.00 27.75 ? 155 ALA A CA  1 
ATOM   1028 C  C   . ALA A 1 138 ? -0.303  5.102   -15.455 1.00 30.10 ? 155 ALA A C   1 
ATOM   1029 O  O   . ALA A 1 138 ? 0.739   4.931   -16.074 1.00 31.38 ? 155 ALA A O   1 
ATOM   1030 C  CB  . ALA A 1 138 ? -0.143  5.206   -12.953 1.00 26.25 ? 155 ALA A CB  1 
ATOM   1031 N  N   . HIS A 1 139 ? -1.428  4.501   -15.808 1.00 32.61 ? 156 HIS A N   1 
ATOM   1032 C  CA  . HIS A 1 139 ? -1.465  3.652   -16.988 1.00 33.01 ? 156 HIS A CA  1 
ATOM   1033 C  C   . HIS A 1 139 ? -1.077  4.451   -18.224 1.00 36.84 ? 156 HIS A C   1 
ATOM   1034 O  O   . HIS A 1 139 ? -0.405  3.932   -19.123 1.00 37.33 ? 156 HIS A O   1 
ATOM   1035 C  CB  . HIS A 1 139 ? -2.849  3.053   -17.174 1.00 33.21 ? 156 HIS A CB  1 
ATOM   1036 C  CG  . HIS A 1 139 ? -3.011  1.714   -16.531 1.00 37.12 ? 156 HIS A CG  1 
ATOM   1037 N  ND1 . HIS A 1 139 ? -2.158  0.661   -16.788 1.00 34.76 ? 156 HIS A ND1 1 
ATOM   1038 C  CD2 . HIS A 1 139 ? -3.933  1.248   -15.653 1.00 35.59 ? 156 HIS A CD2 1 
ATOM   1039 C  CE1 . HIS A 1 139 ? -2.540  -0.391  -16.088 1.00 33.44 ? 156 HIS A CE1 1 
ATOM   1040 N  NE2 . HIS A 1 139 ? -3.618  -0.065  -15.394 1.00 36.11 ? 156 HIS A NE2 1 
ATOM   1041 N  N   . SER A 1 140 ? -1.486  5.719   -18.253 1.00 34.88 ? 157 SER A N   1 
ATOM   1042 C  CA  . SER A 1 140 ? -1.264  6.565   -19.420 1.00 33.37 ? 157 SER A CA  1 
ATOM   1043 C  C   . SER A 1 140 ? 0.196   6.968   -19.598 1.00 39.67 ? 157 SER A C   1 
ATOM   1044 O  O   . SER A 1 140 ? 0.541   7.658   -20.559 1.00 39.09 ? 157 SER A O   1 
ATOM   1045 C  CB  . SER A 1 140 ? -2.143  7.812   -19.372 1.00 33.55 ? 157 SER A CB  1 
ATOM   1046 O  OG  . SER A 1 140 ? -1.595  8.815   -18.526 1.00 38.20 ? 157 SER A OG  1 
ATOM   1047 N  N   . LYS A 1 141 ? 1.057   6.534   -18.685 1.00 38.35 ? 158 LYS A N   1 
ATOM   1048 C  CA  . LYS A 1 141 ? 2.467   6.917   -18.734 1.00 38.07 ? 158 LYS A CA  1 
ATOM   1049 C  C   . LYS A 1 141 ? 3.353   5.799   -19.301 1.00 37.96 ? 158 LYS A C   1 
ATOM   1050 O  O   . LYS A 1 141 ? 2.943   4.631   -19.371 1.00 41.98 ? 158 LYS A O   1 
ATOM   1051 C  CB  . LYS A 1 141 ? 2.955   7.352   -17.340 1.00 36.02 ? 158 LYS A CB  1 
ATOM   1052 C  CG  . LYS A 1 141 ? 2.114   8.449   -16.656 1.00 34.45 ? 158 LYS A CG  1 
ATOM   1053 C  CD  . LYS A 1 141 ? 2.118   9.762   -17.447 1.00 38.88 ? 158 LYS A CD  1 
ATOM   1054 C  CE  . LYS A 1 141 ? 1.830   10.972  -16.553 1.00 35.95 ? 158 LYS A CE  1 
ATOM   1055 N  NZ  . LYS A 1 141 ? 0.700   10.713  -15.619 1.00 38.28 ? 158 LYS A NZ  1 
HETATM 1056 O  O   . HOH B 2 .   ? -3.765  -10.524 -10.206 1.00 29.94 ? 1   HOH A O   1 
HETATM 1057 O  O   . HOH B 2 .   ? -0.761  9.629   0.658   1.00 26.52 ? 3   HOH A O   1 
HETATM 1058 O  O   . HOH B 2 .   ? -14.624 -8.952  -7.473  1.00 32.07 ? 4   HOH A O   1 
HETATM 1059 O  O   . HOH B 2 .   ? 5.079   2.807   -17.817 1.00 38.36 ? 5   HOH A O   1 
HETATM 1060 O  O   . HOH B 2 .   ? 5.169   -0.348  -15.045 1.00 28.51 ? 6   HOH A O   1 
HETATM 1061 O  O   . HOH B 2 .   ? 8.215   4.617   -10.465 1.00 32.56 ? 7   HOH A O   1 
HETATM 1062 O  O   . HOH B 2 .   ? 10.974  9.788   5.808   1.00 41.25 ? 8   HOH A O   1 
HETATM 1063 O  O   . HOH B 2 .   ? -1.473  -8.212  -11.404 1.00 32.21 ? 9   HOH A O   1 
HETATM 1064 O  O   . HOH B 2 .   ? 13.186  7.103   -3.699  1.00 40.67 ? 10  HOH A O   1 
HETATM 1065 O  O   . HOH B 2 .   ? -4.720  3.726   4.514   1.00 33.74 ? 11  HOH A O   1 
HETATM 1066 O  O   . HOH B 2 .   ? -8.570  3.582   -13.290 1.00 30.88 ? 12  HOH A O   1 
HETATM 1067 O  O   . HOH B 2 .   ? -3.443  -0.885  3.641   1.00 28.84 ? 13  HOH A O   1 
HETATM 1068 O  O   . HOH B 2 .   ? -0.248  -7.493  -15.668 1.00 34.17 ? 14  HOH A O   1 
HETATM 1069 O  O   . HOH B 2 .   ? 10.425  -1.575  -7.862  1.00 51.78 ? 15  HOH A O   1 
HETATM 1070 O  O   . HOH B 2 .   ? 5.375   -3.126  -14.044 1.00 36.33 ? 16  HOH A O   1 
HETATM 1071 O  O   . HOH B 2 .   ? -1.005  -7.131  -5.035  1.00 29.86 ? 17  HOH A O   1 
HETATM 1072 O  O   . HOH B 2 .   ? -4.838  -11.052 -1.941  1.00 37.31 ? 169 HOH A O   1 
HETATM 1073 O  O   . HOH B 2 .   ? -4.683  -3.561  16.439  1.00 41.37 ? 170 HOH A O   1 
HETATM 1074 O  O   . HOH B 2 .   ? -2.874  7.030   2.585   1.00 33.19 ? 171 HOH A O   1 
HETATM 1075 O  O   . HOH B 2 .   ? -7.354  2.776   -15.366 1.00 35.76 ? 172 HOH A O   1 
HETATM 1076 O  O   . HOH B 2 .   ? -1.503  9.174   -10.286 1.00 33.47 ? 173 HOH A O   1 
HETATM 1077 O  O   . HOH B 2 .   ? 2.740   1.766   -17.832 1.00 39.39 ? 174 HOH A O   1 
HETATM 1078 O  O   . HOH B 2 .   ? 3.490   -11.156 -4.735  1.00 40.06 ? 175 HOH A O   1 
HETATM 1079 O  O   . HOH B 2 .   ? -4.527  10.305  1.949   1.00 40.32 ? 176 HOH A O   1 
HETATM 1080 O  O   . HOH B 2 .   ? 6.005   -10.753 10.161  1.00 48.93 ? 177 HOH A O   1 
HETATM 1081 O  O   . HOH B 2 .   ? -9.450  -2.488  -13.832 1.00 32.18 ? 178 HOH A O   1 
HETATM 1082 O  O   . HOH B 2 .   ? -15.130 8.156   -5.067  1.00 42.78 ? 179 HOH A O   1 
HETATM 1083 O  O   . HOH B 2 .   ? 3.356   -3.736  -10.085 1.00 34.53 ? 180 HOH A O   1 
HETATM 1084 O  O   . HOH B 2 .   ? -10.068 1.928   -11.828 1.00 36.96 ? 181 HOH A O   1 
HETATM 1085 O  O   . HOH B 2 .   ? 11.537  7.705   -12.512 1.00 34.35 ? 182 HOH A O   1 
HETATM 1086 O  O   . HOH B 2 .   ? 7.177   -3.896  -8.815  1.00 42.76 ? 183 HOH A O   1 
HETATM 1087 O  O   . HOH B 2 .   ? -12.506 3.315   3.728   1.00 38.81 ? 184 HOH A O   1 
HETATM 1088 O  O   . HOH B 2 .   ? -7.209  -1.166  -12.372 1.00 33.98 ? 185 HOH A O   1 
# 
